data_6CUL
#
_entry.id   6CUL
#
_cell.length_a   127.988
_cell.length_b   92.771
_cell.length_c   127.579
_cell.angle_alpha   90.00
_cell.angle_beta   90.11
_cell.angle_gamma   90.00
#
_symmetry.space_group_name_H-M   'P 1 21 1'
#
loop_
_entity.id
_entity.type
_entity.pdbx_description
1 polymer 'Pyoverdine synthetase F'
2 non-polymer 'N-(4-{[(2-amino-4-oxo-1,4-dihydroquinazolin-6-yl)methyl]amino}benzene-1-carbonyl)-D-glutamic acid'
3 non-polymer 'CITRIC ACID'
4 water water
#
_entity_poly.entity_id   1
_entity_poly.type   'polypeptide(L)'
_entity_poly.pdbx_seq_one_letter_code
;(MSE)TKRKLAYIWSLRNAAADKAGQYVPYKGEQRY(MSE)KSVLESLVEALNQTALGDAYELVGVIYDDDAELPRDQGK
IKDYGFAYRPGQQWFYPADLQVQGKTLNDLLLSVPSTYRRYPRGTPEHVAGKSDFERRLHDTLVELGADVVVLDGLLVIL
DELVRPGAPFARRI(MSE)NIHPGVTREDSPYERRGAYATLDALYGARGEKVVDWAT(MSE)EKVAVEPLYWTGASFHYV
DNGIDSGEVFHDVLKTEISPDDTILELRWNNFNNSLFPALHEGLALLAEKL
;
_entity_poly.pdbx_strand_id   A,B,C,D,E,F,G,H
#
loop_
_chem_comp.id
_chem_comp.type
_chem_comp.name
_chem_comp.formula
CIT non-polymer 'CITRIC ACID' 'C6 H8 O7'
FGD non-polymer 'N-(4-{[(2-amino-4-oxo-1,4-dihydroquinazolin-6-yl)methyl]amino}benzene-1-carbonyl)-D-glutamic acid' 'C21 H21 N5 O6'
#
# COMPACT_ATOMS: atom_id res chain seq x y z
N LYS A 3 19.01 24.60 -14.19
CA LYS A 3 18.59 23.24 -13.88
C LYS A 3 17.97 22.59 -15.11
N ARG A 4 18.63 21.54 -15.58
CA ARG A 4 18.18 20.77 -16.73
C ARG A 4 17.04 19.83 -16.27
N LYS A 5 15.79 20.25 -16.41
CA LYS A 5 14.62 19.51 -15.98
C LYS A 5 14.59 17.97 -16.23
N LEU A 6 14.69 17.19 -15.18
CA LEU A 6 14.81 15.75 -15.23
C LEU A 6 13.62 14.93 -14.83
N ALA A 7 13.32 13.97 -15.67
CA ALA A 7 12.16 13.06 -15.57
C ALA A 7 12.59 11.64 -15.44
N TYR A 8 12.00 10.91 -14.55
CA TYR A 8 12.41 9.56 -14.34
C TYR A 8 11.31 8.52 -14.65
N ILE A 9 11.66 7.43 -15.27
CA ILE A 9 10.72 6.39 -15.60
C ILE A 9 11.12 4.96 -15.21
N TRP A 10 10.27 4.25 -14.53
CA TRP A 10 10.52 2.88 -14.22
C TRP A 10 9.25 2.01 -14.02
N SER A 11 9.33 0.77 -14.38
CA SER A 11 8.23 -0.08 -14.18
C SER A 11 8.33 -0.53 -12.76
N LEU A 12 7.37 -0.24 -11.91
CA LEU A 12 7.42 -0.67 -10.54
C LEU A 12 7.61 -2.18 -10.37
N ARG A 13 7.05 -2.98 -11.25
CA ARG A 13 7.18 -4.39 -11.20
C ARG A 13 8.64 -4.85 -11.29
N ASN A 14 9.43 -4.16 -12.09
CA ASN A 14 10.83 -4.40 -12.21
C ASN A 14 11.60 -4.09 -10.93
N ALA A 15 11.24 -3.05 -10.25
CA ALA A 15 11.81 -2.74 -8.99
C ALA A 15 11.50 -3.77 -7.91
N ALA A 16 10.35 -4.35 -7.92
CA ALA A 16 10.01 -5.40 -6.97
C ALA A 16 10.84 -6.65 -7.18
N ALA A 17 11.02 -7.04 -8.43
CA ALA A 17 11.80 -8.21 -8.77
C ALA A 17 13.23 -8.07 -8.28
N ASP A 18 13.81 -6.94 -8.51
CA ASP A 18 15.10 -6.67 -8.01
C ASP A 18 15.23 -6.44 -6.50
N LYS A 19 14.13 -6.55 -5.80
CA LYS A 19 14.06 -6.33 -4.43
C LYS A 19 14.30 -4.94 -4.02
N ALA A 20 14.05 -3.98 -4.86
CA ALA A 20 14.30 -2.60 -4.56
C ALA A 20 13.59 -2.19 -3.22
N GLY A 21 14.26 -1.41 -2.39
CA GLY A 21 13.78 -1.03 -1.07
C GLY A 21 13.76 -2.09 0.07
N GLN A 22 14.27 -3.26 -0.22
CA GLN A 22 14.30 -4.38 0.65
C GLN A 22 15.71 -4.72 1.09
N TYR A 23 15.82 -5.45 2.15
CA TYR A 23 17.10 -5.89 2.61
C TYR A 23 17.40 -7.22 2.03
N VAL A 24 18.62 -7.47 1.65
CA VAL A 24 18.90 -8.74 1.10
C VAL A 24 20.11 -9.34 1.76
N PRO A 25 20.11 -10.63 1.97
CA PRO A 25 21.27 -11.27 2.52
C PRO A 25 22.44 -11.18 1.51
N TYR A 26 23.59 -10.75 2.00
CA TYR A 26 24.80 -10.50 1.23
C TYR A 26 25.98 -10.88 2.09
N LYS A 27 26.98 -11.56 1.53
CA LYS A 27 28.20 -11.86 2.26
C LYS A 27 27.99 -12.53 3.64
N GLY A 28 27.02 -13.39 3.79
CA GLY A 28 26.75 -13.93 5.08
C GLY A 28 25.89 -13.05 5.99
N GLU A 29 25.59 -11.82 5.65
CA GLU A 29 24.65 -11.04 6.44
C GLU A 29 23.65 -10.28 5.62
N GLN A 30 23.44 -8.99 5.75
CA GLN A 30 22.43 -8.33 4.92
C GLN A 30 22.77 -6.97 4.36
N ARG A 31 22.14 -6.55 3.27
CA ARG A 31 22.49 -5.30 2.69
C ARG A 31 21.13 -4.75 2.26
N TYR A 32 20.95 -3.47 2.35
CA TYR A 32 19.74 -2.84 1.90
C TYR A 32 19.78 -2.61 0.40
N MSE A 33 18.83 -3.16 -0.34
CA MSE A 33 18.82 -3.05 -1.79
C MSE A 33 18.23 -1.75 -2.17
O MSE A 33 17.05 -1.66 -2.38
CB MSE A 33 18.00 -4.16 -2.42
CG MSE A 33 18.05 -4.30 -3.92
SE MSE A 33 19.77 -4.49 -4.73
CE MSE A 33 19.93 -6.36 -4.73
H MSE A 33 18.17 -3.62 -0.01
HA MSE A 33 19.72 -3.11 -2.12
HB2 MSE A 33 18.32 -5.00 -2.05
HB3 MSE A 33 17.07 -4.03 -2.17
HG2 MSE A 33 17.53 -5.08 -4.17
HG3 MSE A 33 17.63 -3.51 -4.32
HE1 MSE A 33 20.82 -6.61 -5.05
HE2 MSE A 33 19.81 -6.69 -3.83
HE3 MSE A 33 19.26 -6.74 -5.31
N LYS A 34 19.05 -0.73 -2.21
CA LYS A 34 18.64 0.60 -2.50
C LYS A 34 18.28 0.70 -3.95
N SER A 35 17.26 1.45 -4.26
CA SER A 35 16.88 1.67 -5.61
C SER A 35 17.73 2.66 -6.33
N VAL A 36 17.64 2.63 -7.63
CA VAL A 36 18.30 3.57 -8.48
C VAL A 36 17.80 4.97 -8.21
N LEU A 37 16.51 5.16 -8.01
CA LEU A 37 15.95 6.43 -7.68
C LEU A 37 16.41 6.93 -6.33
N GLU A 38 16.49 6.08 -5.35
CA GLU A 38 16.96 6.50 -4.05
C GLU A 38 18.39 7.00 -4.12
N SER A 39 19.21 6.34 -4.89
CA SER A 39 20.51 6.81 -5.04
C SER A 39 20.55 8.18 -5.70
N LEU A 40 19.75 8.40 -6.72
CA LEU A 40 19.62 9.66 -7.42
C LEU A 40 19.05 10.76 -6.57
N VAL A 41 18.12 10.42 -5.74
CA VAL A 41 17.59 11.37 -4.78
C VAL A 41 18.70 11.81 -3.81
N GLU A 42 19.46 10.88 -3.29
CA GLU A 42 20.57 11.22 -2.48
C GLU A 42 21.63 12.06 -3.22
N ALA A 43 21.87 11.74 -4.48
CA ALA A 43 22.76 12.49 -5.30
C ALA A 43 22.29 13.89 -5.50
N LEU A 44 21.05 14.08 -5.89
CA LEU A 44 20.53 15.39 -6.02
C LEU A 44 20.55 16.12 -4.68
N ASN A 45 20.27 15.47 -3.58
CA ASN A 45 20.33 16.16 -2.33
C ASN A 45 21.72 16.53 -1.81
N GLN A 46 22.58 15.58 -1.69
CA GLN A 46 23.86 15.82 -1.13
C GLN A 46 25.05 16.28 -2.04
N THR A 47 24.86 16.53 -3.31
CA THR A 47 25.94 16.88 -4.17
C THR A 47 25.62 17.95 -5.16
N ALA A 48 26.62 18.45 -5.83
CA ALA A 48 26.45 19.40 -6.90
C ALA A 48 25.54 18.93 -8.07
N LEU A 49 25.31 17.63 -8.27
CA LEU A 49 24.44 17.11 -9.27
C LEU A 49 23.10 17.73 -9.09
N GLY A 50 22.77 17.97 -7.83
CA GLY A 50 21.56 18.65 -7.51
C GLY A 50 21.60 20.03 -8.09
N ASP A 51 22.72 20.71 -8.10
CA ASP A 51 22.79 22.02 -8.70
C ASP A 51 22.41 22.04 -10.19
N ALA A 52 22.58 20.95 -10.90
CA ALA A 52 22.28 20.89 -12.31
C ALA A 52 20.92 20.43 -12.77
N TYR A 53 20.17 19.76 -11.93
CA TYR A 53 18.89 19.21 -12.31
C TYR A 53 17.78 19.31 -11.27
N GLU A 54 16.56 19.25 -11.71
CA GLU A 54 15.48 19.15 -10.78
C GLU A 54 14.72 17.94 -11.20
N LEU A 55 14.49 16.98 -10.33
CA LEU A 55 13.76 15.83 -10.76
C LEU A 55 12.29 16.30 -10.83
N VAL A 56 11.65 16.16 -11.97
CA VAL A 56 10.31 16.68 -12.08
C VAL A 56 9.20 15.67 -11.98
N GLY A 57 9.33 14.52 -12.57
CA GLY A 57 8.30 13.54 -12.45
C GLY A 57 8.84 12.15 -12.33
N VAL A 58 8.16 11.29 -11.62
CA VAL A 58 8.62 9.93 -11.48
C VAL A 58 7.53 9.00 -12.02
N ILE A 59 7.52 8.86 -13.31
CA ILE A 59 6.60 8.06 -14.03
C ILE A 59 6.81 6.54 -13.91
N TYR A 60 5.74 5.80 -13.84
CA TYR A 60 5.80 4.38 -13.74
C TYR A 60 4.71 3.86 -14.67
N ASP A 61 4.94 2.80 -15.37
CA ASP A 61 3.94 2.31 -16.25
C ASP A 61 3.00 1.21 -15.84
N ASP A 62 3.08 0.72 -14.64
CA ASP A 62 2.27 -0.41 -14.28
C ASP A 62 0.80 -0.16 -14.24
N ASP A 63 -0.01 -1.15 -14.49
CA ASP A 63 -1.42 -0.88 -14.33
C ASP A 63 -2.12 -1.84 -13.38
N ALA A 64 -2.84 -1.30 -12.46
CA ALA A 64 -3.53 -2.07 -11.50
C ALA A 64 -4.57 -3.03 -12.08
N GLU A 65 -5.05 -2.77 -13.28
CA GLU A 65 -5.95 -3.68 -13.88
C GLU A 65 -5.29 -4.84 -14.58
N LEU A 66 -4.05 -5.11 -14.38
CA LEU A 66 -3.46 -6.23 -15.02
C LEU A 66 -3.17 -7.14 -13.88
N PRO A 67 -3.78 -8.31 -13.84
CA PRO A 67 -3.55 -9.16 -12.71
C PRO A 67 -2.07 -9.59 -12.56
N ARG A 68 -1.36 -9.81 -13.66
CA ARG A 68 0.07 -10.10 -13.65
C ARG A 68 0.87 -8.89 -13.12
N ASP A 69 0.48 -7.70 -13.50
CA ASP A 69 1.06 -6.53 -12.92
C ASP A 69 0.73 -6.50 -11.40
N GLN A 70 -0.41 -6.97 -11.00
CA GLN A 70 -0.71 -6.98 -9.60
C GLN A 70 0.16 -7.95 -8.74
N GLY A 71 0.31 -9.15 -9.24
CA GLY A 71 1.07 -10.19 -8.64
C GLY A 71 2.49 -9.86 -8.48
N LYS A 72 3.03 -9.21 -9.47
CA LYS A 72 4.38 -8.78 -9.47
C LYS A 72 4.75 -7.80 -8.38
N ILE A 73 3.89 -6.92 -7.96
CA ILE A 73 4.15 -6.00 -6.89
C ILE A 73 3.34 -6.27 -5.62
N LYS A 74 2.94 -7.52 -5.41
CA LYS A 74 2.10 -7.91 -4.28
C LYS A 74 2.75 -7.56 -2.99
N ASP A 75 4.03 -7.76 -2.92
CA ASP A 75 4.81 -7.35 -1.76
C ASP A 75 4.84 -5.83 -1.58
N TYR A 76 4.72 -5.09 -2.65
CA TYR A 76 4.70 -3.67 -2.56
C TYR A 76 3.37 -3.07 -2.64
N GLY A 77 2.66 -3.38 -3.68
CA GLY A 77 1.39 -2.81 -3.89
C GLY A 77 1.52 -1.60 -4.76
N PHE A 78 0.50 -1.26 -5.48
CA PHE A 78 0.54 -0.15 -6.38
C PHE A 78 0.80 1.20 -5.75
N ALA A 79 0.32 1.45 -4.52
CA ALA A 79 0.60 2.69 -3.78
C ALA A 79 1.07 2.34 -2.37
N TYR A 80 1.68 3.25 -1.63
CA TYR A 80 2.20 2.85 -0.33
C TYR A 80 1.14 2.50 0.71
N ARG A 81 1.31 1.35 1.33
CA ARG A 81 0.46 0.89 2.39
C ARG A 81 1.10 1.37 3.67
N PRO A 82 0.31 1.67 4.69
CA PRO A 82 0.75 2.16 5.98
C PRO A 82 1.52 1.14 6.77
N GLY A 83 2.70 1.45 7.25
CA GLY A 83 3.53 0.53 7.97
C GLY A 83 3.88 -0.76 7.23
N GLN A 84 4.07 -0.67 5.93
CA GLN A 84 4.36 -1.84 5.09
C GLN A 84 5.50 -1.55 4.12
N GLN A 85 5.93 -2.52 3.34
CA GLN A 85 7.05 -2.40 2.42
C GLN A 85 6.81 -1.37 1.34
N TRP A 86 7.84 -0.64 0.95
CA TRP A 86 7.78 0.32 -0.14
C TRP A 86 9.12 0.33 -0.86
N PHE A 87 9.14 0.82 -2.06
CA PHE A 87 10.36 0.88 -2.91
C PHE A 87 11.59 1.70 -2.42
N TYR A 88 11.30 2.57 -1.51
CA TYR A 88 12.14 3.48 -0.83
C TYR A 88 11.37 3.89 0.43
N PRO A 89 12.00 4.58 1.37
CA PRO A 89 11.13 4.90 2.47
C PRO A 89 10.05 5.84 2.05
N ALA A 90 8.82 5.56 2.38
CA ALA A 90 7.66 6.37 2.00
C ALA A 90 7.80 7.82 2.40
N ASP A 91 8.64 8.09 3.36
CA ASP A 91 8.89 9.44 3.75
C ASP A 91 10.05 10.14 2.96
N LEU A 92 10.61 9.57 1.91
CA LEU A 92 11.74 10.17 1.30
C LEU A 92 11.50 11.56 0.75
N GLN A 93 12.49 12.42 0.84
CA GLN A 93 12.39 13.79 0.32
C GLN A 93 13.39 14.04 -0.80
N VAL A 94 12.99 14.61 -1.92
CA VAL A 94 13.97 14.95 -2.93
C VAL A 94 13.93 16.43 -3.11
N GLN A 95 15.03 17.13 -2.82
CA GLN A 95 15.11 18.56 -3.01
C GLN A 95 13.96 19.26 -2.36
N GLY A 96 13.68 18.99 -1.11
CA GLY A 96 12.53 19.64 -0.53
C GLY A 96 11.19 19.39 -1.21
N LYS A 97 10.95 18.18 -1.71
CA LYS A 97 9.72 17.77 -2.32
C LYS A 97 9.54 16.36 -1.79
N THR A 98 8.35 15.99 -1.36
CA THR A 98 8.07 14.67 -0.89
C THR A 98 8.25 13.80 -2.11
N LEU A 99 9.05 12.74 -2.05
CA LEU A 99 9.28 11.95 -3.25
C LEU A 99 8.06 11.28 -3.81
N ASN A 100 7.23 10.78 -2.90
CA ASN A 100 5.97 10.12 -3.26
C ASN A 100 4.98 11.01 -4.01
N ASP A 101 5.03 12.27 -3.75
CA ASP A 101 4.26 13.20 -4.45
C ASP A 101 4.66 13.26 -5.91
N LEU A 102 5.80 12.79 -6.33
CA LEU A 102 6.10 12.81 -7.76
C LEU A 102 5.74 11.61 -8.60
N LEU A 103 5.13 10.60 -8.04
CA LEU A 103 4.77 9.47 -8.80
C LEU A 103 3.69 9.76 -9.86
N LEU A 104 3.88 9.29 -11.07
CA LEU A 104 2.95 9.41 -12.18
C LEU A 104 2.74 8.11 -12.90
N SER A 105 1.52 7.80 -13.28
CA SER A 105 1.32 6.60 -14.01
C SER A 105 0.90 6.98 -15.39
N VAL A 106 1.57 6.44 -16.40
CA VAL A 106 1.21 6.61 -17.78
C VAL A 106 1.10 5.12 -18.13
N PRO A 107 0.02 4.48 -17.69
CA PRO A 107 -0.06 3.04 -17.85
C PRO A 107 -0.07 2.44 -19.25
N SER A 108 0.78 1.44 -19.47
CA SER A 108 0.82 0.69 -20.69
C SER A 108 -0.18 -0.41 -20.65
N THR A 109 -1.42 0.06 -20.61
CA THR A 109 -2.67 -0.69 -20.63
C THR A 109 -2.86 -1.55 -21.87
N TYR A 110 -2.27 -1.14 -22.95
CA TYR A 110 -2.26 -1.82 -24.19
C TYR A 110 -1.79 -3.22 -23.99
N ARG A 111 -1.05 -3.49 -22.97
CA ARG A 111 -0.61 -4.83 -22.68
C ARG A 111 -1.77 -5.80 -22.34
N ARG A 112 -2.95 -5.30 -22.00
CA ARG A 112 -4.11 -6.12 -21.73
C ARG A 112 -4.47 -6.90 -22.97
N TYR A 113 -4.40 -6.30 -24.12
CA TYR A 113 -4.63 -6.97 -25.35
C TYR A 113 -3.44 -7.85 -25.68
N PRO A 114 -3.61 -8.93 -26.46
CA PRO A 114 -2.51 -9.80 -26.89
C PRO A 114 -1.47 -9.12 -27.70
N ARG A 115 -0.26 -9.66 -27.67
CA ARG A 115 0.87 -9.10 -28.31
C ARG A 115 0.77 -9.08 -29.80
N GLY A 116 1.11 -8.00 -30.45
CA GLY A 116 1.04 -7.93 -31.90
C GLY A 116 -0.33 -7.65 -32.55
N THR A 117 -1.40 -7.78 -31.79
CA THR A 117 -2.73 -7.52 -32.26
C THR A 117 -2.84 -6.04 -32.61
N PRO A 118 -3.79 -5.68 -33.47
CA PRO A 118 -3.91 -4.31 -33.84
C PRO A 118 -4.19 -3.46 -32.65
N GLU A 119 -5.05 -3.85 -31.75
CA GLU A 119 -5.28 -3.07 -30.55
C GLU A 119 -4.04 -2.95 -29.64
N HIS A 120 -3.26 -3.99 -29.51
CA HIS A 120 -2.06 -3.92 -28.75
C HIS A 120 -1.13 -2.88 -29.30
N VAL A 121 -0.91 -2.91 -30.59
CA VAL A 121 -0.09 -1.95 -31.19
C VAL A 121 -0.66 -0.55 -31.18
N ALA A 122 -1.94 -0.36 -31.48
CA ALA A 122 -2.49 0.96 -31.44
C ALA A 122 -2.35 1.56 -30.05
N GLY A 123 -2.54 0.78 -29.02
CA GLY A 123 -2.31 1.22 -27.66
C GLY A 123 -0.87 1.53 -27.32
N LYS A 124 0.06 0.73 -27.77
CA LYS A 124 1.44 1.00 -27.51
C LYS A 124 1.81 2.35 -28.06
N SER A 125 1.41 2.67 -29.27
CA SER A 125 1.70 3.95 -29.80
C SER A 125 1.07 5.02 -28.96
N ASP A 126 -0.16 4.89 -28.55
CA ASP A 126 -0.75 5.93 -27.73
C ASP A 126 -0.06 6.13 -26.37
N PHE A 127 0.42 5.07 -25.77
CA PHE A 127 1.18 5.11 -24.54
C PHE A 127 2.47 5.86 -24.75
N GLU A 128 3.18 5.54 -25.81
CA GLU A 128 4.32 6.33 -26.15
C GLU A 128 3.81 7.75 -26.43
N ARG A 129 2.69 7.91 -27.09
CA ARG A 129 2.18 9.22 -27.33
C ARG A 129 1.86 9.93 -26.03
N ARG A 130 1.27 9.23 -25.07
CA ARG A 130 1.07 9.74 -23.73
C ARG A 130 2.39 9.96 -22.97
N LEU A 131 3.43 9.18 -23.21
CA LEU A 131 4.69 9.47 -22.58
C LEU A 131 5.19 10.88 -22.97
N HIS A 132 5.24 11.14 -24.27
CA HIS A 132 5.70 12.38 -24.87
C HIS A 132 5.01 13.59 -24.41
N ASP A 133 3.73 13.44 -24.29
CA ASP A 133 2.81 14.50 -23.95
C ASP A 133 2.98 14.94 -22.54
N THR A 134 3.03 14.04 -21.61
CA THR A 134 3.24 14.50 -20.28
C THR A 134 4.66 14.85 -19.90
N LEU A 135 5.69 14.49 -20.62
CA LEU A 135 6.98 14.96 -20.26
C LEU A 135 6.85 16.45 -20.48
N VAL A 136 6.28 16.78 -21.64
CA VAL A 136 6.03 18.12 -22.09
C VAL A 136 5.16 18.76 -21.06
N GLU A 137 4.21 18.06 -20.50
CA GLU A 137 3.49 18.65 -19.40
C GLU A 137 4.46 18.97 -18.24
N LEU A 138 5.57 18.29 -18.17
CA LEU A 138 6.55 18.62 -17.18
C LEU A 138 7.73 19.56 -17.64
N GLY A 139 7.74 19.85 -18.91
CA GLY A 139 8.74 20.59 -19.58
C GLY A 139 10.04 19.90 -19.37
N ALA A 140 10.06 18.61 -19.32
CA ALA A 140 11.26 17.94 -18.97
C ALA A 140 12.33 18.19 -19.96
N ASP A 141 13.39 18.71 -19.47
CA ASP A 141 14.56 18.83 -20.25
C ASP A 141 15.24 17.51 -20.44
N VAL A 142 15.18 16.61 -19.48
CA VAL A 142 15.88 15.34 -19.58
C VAL A 142 15.14 14.14 -18.92
N VAL A 143 15.27 12.98 -19.52
CA VAL A 143 14.63 11.74 -19.03
C VAL A 143 15.54 10.48 -18.83
N VAL A 144 15.42 9.81 -17.69
CA VAL A 144 16.17 8.64 -17.34
C VAL A 144 15.22 7.48 -17.25
N LEU A 145 15.65 6.35 -17.72
CA LEU A 145 14.87 5.20 -17.64
C LEU A 145 15.67 4.26 -16.76
N ASP A 146 15.04 3.69 -15.74
CA ASP A 146 15.63 2.66 -14.96
C ASP A 146 14.63 1.51 -14.94
N GLY A 147 14.87 0.44 -15.65
CA GLY A 147 13.92 -0.64 -15.64
C GLY A 147 12.50 -0.41 -16.11
N LEU A 148 12.32 0.34 -17.17
CA LEU A 148 11.00 0.52 -17.74
C LEU A 148 10.89 -0.61 -18.76
N LEU A 149 9.93 -1.50 -18.59
CA LEU A 149 9.76 -2.70 -19.36
C LEU A 149 9.26 -2.57 -20.81
N VAL A 150 8.65 -1.46 -21.16
CA VAL A 150 8.19 -1.19 -22.45
C VAL A 150 9.40 -0.77 -23.26
N ILE A 151 9.43 -1.12 -24.54
CA ILE A 151 10.52 -0.79 -25.40
C ILE A 151 10.13 0.37 -26.18
N LEU A 152 10.85 1.45 -26.07
CA LEU A 152 10.44 2.61 -26.79
C LEU A 152 10.95 2.66 -28.19
N ASP A 153 10.13 2.46 -29.19
CA ASP A 153 10.56 2.59 -30.56
C ASP A 153 10.08 3.87 -31.22
N GLU A 154 8.94 4.36 -30.81
CA GLU A 154 8.39 5.57 -31.34
C GLU A 154 8.79 6.85 -30.67
N LEU A 155 8.95 6.81 -29.36
CA LEU A 155 9.41 7.99 -28.64
C LEU A 155 10.80 8.41 -29.05
N VAL A 156 11.59 7.50 -29.54
CA VAL A 156 12.92 7.85 -29.95
C VAL A 156 13.07 8.08 -31.45
N ARG A 157 12.03 8.67 -32.04
CA ARG A 157 11.83 9.05 -33.46
C ARG A 157 12.57 10.29 -33.94
N PRO A 158 12.82 10.36 -35.24
CA PRO A 158 13.54 11.48 -35.82
C PRO A 158 12.79 12.77 -35.62
N GLY A 159 13.42 13.74 -34.99
CA GLY A 159 12.76 14.98 -34.76
C GLY A 159 11.71 15.05 -33.68
N ALA A 160 11.58 14.01 -32.88
CA ALA A 160 10.66 14.04 -31.79
C ALA A 160 11.32 14.83 -30.69
N PRO A 161 10.59 15.56 -29.88
CA PRO A 161 11.26 16.44 -28.93
C PRO A 161 12.10 15.93 -27.85
N PHE A 162 12.15 14.64 -27.56
CA PHE A 162 13.00 14.07 -26.54
C PHE A 162 13.93 12.97 -27.04
N ALA A 163 14.17 12.85 -28.33
CA ALA A 163 14.97 11.73 -28.82
C ALA A 163 16.40 11.66 -28.30
N ARG A 164 17.14 12.73 -28.42
CA ARG A 164 18.44 12.71 -27.78
C ARG A 164 18.45 13.17 -26.33
N ARG A 165 17.32 13.44 -25.78
CA ARG A 165 17.27 13.79 -24.43
C ARG A 165 16.78 12.64 -23.54
N ILE A 166 16.77 11.41 -24.05
CA ILE A 166 16.20 10.30 -23.31
C ILE A 166 17.18 9.21 -23.10
N MSE A 167 17.45 8.90 -21.85
CA MSE A 167 18.49 7.94 -21.54
C MSE A 167 18.20 6.78 -20.66
O MSE A 167 17.42 6.90 -19.75
CB MSE A 167 19.61 8.70 -20.87
CG MSE A 167 19.89 10.10 -21.41
SE MSE A 167 20.89 10.09 -23.04
CE MSE A 167 22.63 10.60 -22.41
H MSE A 167 17.05 9.23 -21.17
HA MSE A 167 18.85 7.58 -22.37
HB2 MSE A 167 19.40 8.78 -19.93
HB3 MSE A 167 20.43 8.18 -20.96
HG2 MSE A 167 19.06 10.57 -21.57
HG3 MSE A 167 20.41 10.57 -20.76
HE1 MSE A 167 23.28 10.33 -23.07
HE2 MSE A 167 22.66 11.55 -22.28
HE3 MSE A 167 22.81 10.14 -21.57
N ASN A 168 18.87 5.68 -20.88
CA ASN A 168 18.68 4.48 -20.10
C ASN A 168 19.91 4.07 -19.31
N ILE A 169 19.78 3.72 -18.05
CA ILE A 169 20.91 3.25 -17.27
C ILE A 169 20.86 1.71 -17.27
N HIS A 170 21.86 1.10 -17.87
CA HIS A 170 21.83 -0.29 -18.09
C HIS A 170 22.88 -1.00 -17.24
N PRO A 171 22.58 -2.16 -16.64
CA PRO A 171 23.47 -2.93 -15.81
C PRO A 171 24.43 -3.87 -16.52
N GLY A 172 25.32 -3.24 -17.23
CA GLY A 172 26.39 -3.80 -17.98
C GLY A 172 26.84 -2.89 -19.07
N VAL A 173 28.05 -3.12 -19.52
CA VAL A 173 28.66 -2.34 -20.56
C VAL A 173 27.91 -2.58 -21.83
N THR A 174 27.79 -1.60 -22.63
CA THR A 174 27.11 -1.81 -23.87
C THR A 174 27.90 -1.50 -25.13
N ARG A 175 29.21 -1.62 -25.12
CA ARG A 175 30.01 -1.22 -26.28
C ARG A 175 30.17 -2.38 -27.19
N GLU A 176 30.07 -2.18 -28.49
CA GLU A 176 30.08 -3.34 -29.35
C GLU A 176 31.28 -4.22 -29.22
N ASP A 177 32.44 -3.67 -29.40
CA ASP A 177 33.57 -4.48 -29.17
C ASP A 177 34.18 -4.14 -27.84
N SER A 178 33.53 -4.59 -26.78
CA SER A 178 33.99 -4.44 -25.45
C SER A 178 34.15 -5.83 -24.88
N PRO A 179 35.17 -6.05 -24.10
CA PRO A 179 35.33 -7.36 -23.49
C PRO A 179 34.28 -7.69 -22.43
N TYR A 180 33.79 -6.72 -21.70
CA TYR A 180 32.79 -6.98 -20.70
C TYR A 180 31.34 -6.55 -21.06
N GLU A 181 31.02 -6.50 -22.32
CA GLU A 181 29.72 -6.10 -22.70
C GLU A 181 28.67 -7.02 -22.17
N ARG A 182 27.67 -6.49 -21.49
CA ARG A 182 26.61 -7.31 -20.96
C ARG A 182 25.31 -6.68 -21.29
N ARG A 183 24.94 -6.78 -22.54
CA ARG A 183 23.71 -6.24 -23.02
C ARG A 183 22.46 -7.10 -22.73
N GLY A 184 21.32 -6.48 -22.86
CA GLY A 184 20.06 -7.10 -22.67
C GLY A 184 19.53 -7.26 -21.28
N ALA A 185 18.34 -7.82 -21.20
CA ALA A 185 17.68 -8.17 -19.97
C ALA A 185 18.44 -9.34 -19.22
N TYR A 186 19.27 -10.08 -19.89
CA TYR A 186 20.02 -11.08 -19.22
C TYR A 186 21.39 -10.62 -18.68
N ALA A 187 21.71 -9.36 -18.71
CA ALA A 187 22.99 -8.94 -18.38
C ALA A 187 23.50 -9.27 -17.00
N THR A 188 22.68 -9.19 -15.97
CA THR A 188 23.17 -9.54 -14.69
C THR A 188 23.48 -11.03 -14.50
N LEU A 189 22.61 -11.88 -15.02
CA LEU A 189 22.79 -13.29 -15.05
C LEU A 189 23.93 -13.70 -16.01
N ASP A 190 24.07 -13.09 -17.17
CA ASP A 190 25.19 -13.40 -18.06
C ASP A 190 26.54 -13.11 -17.35
N ALA A 191 26.63 -12.02 -16.56
CA ALA A 191 27.73 -11.67 -15.76
C ALA A 191 27.98 -12.69 -14.66
N LEU A 192 26.99 -13.20 -13.95
CA LEU A 192 27.21 -14.19 -12.96
C LEU A 192 27.65 -15.48 -13.57
N TYR A 193 27.04 -15.96 -14.63
CA TYR A 193 27.49 -17.18 -15.25
C TYR A 193 28.87 -17.09 -15.95
N GLY A 194 29.26 -15.95 -16.52
CA GLY A 194 30.54 -15.72 -17.13
C GLY A 194 31.65 -15.87 -16.14
N ALA A 195 31.43 -15.45 -14.92
CA ALA A 195 32.35 -15.68 -13.85
C ALA A 195 32.60 -17.18 -13.65
N ARG A 196 31.60 -18.03 -13.78
CA ARG A 196 31.76 -19.45 -13.68
C ARG A 196 32.51 -20.05 -14.94
N GLY A 197 32.86 -19.19 -15.92
CA GLY A 197 33.38 -19.58 -17.18
C GLY A 197 32.31 -20.29 -17.97
N GLU A 198 31.06 -20.05 -17.67
CA GLU A 198 29.99 -20.69 -18.37
C GLU A 198 29.03 -19.67 -18.87
N LYS A 199 28.53 -19.79 -20.10
CA LYS A 199 27.51 -18.91 -20.73
C LYS A 199 26.25 -19.72 -21.08
N VAL A 200 25.07 -19.19 -20.94
CA VAL A 200 23.89 -20.03 -21.21
C VAL A 200 23.52 -20.12 -22.69
N VAL A 201 23.51 -21.30 -23.28
CA VAL A 201 23.10 -21.39 -24.66
C VAL A 201 21.59 -21.21 -24.92
N ASP A 202 20.74 -21.87 -24.14
CA ASP A 202 19.29 -21.80 -24.23
C ASP A 202 18.79 -21.53 -22.82
N TRP A 203 18.03 -20.47 -22.63
CA TRP A 203 17.59 -20.13 -21.33
C TRP A 203 16.42 -20.91 -20.78
N ALA A 204 15.66 -21.56 -21.60
CA ALA A 204 14.52 -22.20 -21.03
C ALA A 204 14.92 -23.38 -20.24
N THR A 205 15.82 -24.13 -20.80
CA THR A 205 16.16 -25.33 -20.16
C THR A 205 17.55 -25.32 -19.53
N MSE A 206 18.11 -24.13 -19.28
CA MSE A 206 19.43 -23.94 -18.75
C MSE A 206 20.56 -24.68 -19.40
O MSE A 206 21.44 -25.08 -18.70
CB MSE A 206 19.36 -24.08 -17.26
CG MSE A 206 18.37 -22.99 -16.75
SE MSE A 206 18.84 -21.13 -16.89
CE MSE A 206 20.42 -21.20 -16.02
H MSE A 206 17.71 -23.39 -19.43
HA MSE A 206 19.64 -23.00 -18.90
HB2 MSE A 206 19.01 -24.96 -17.02
HB3 MSE A 206 20.23 -23.93 -16.85
HG2 MSE A 206 17.52 -23.10 -17.20
HG3 MSE A 206 18.22 -23.16 -15.80
HE1 MSE A 206 20.80 -20.31 -15.96
HE2 MSE A 206 20.28 -21.56 -15.12
HE3 MSE A 206 21.02 -21.79 -16.51
N GLU A 207 20.58 -24.77 -20.73
CA GLU A 207 21.67 -25.37 -21.48
C GLU A 207 22.79 -24.36 -21.41
N LYS A 208 24.04 -24.81 -21.28
CA LYS A 208 25.20 -23.95 -21.12
C LYS A 208 26.46 -24.38 -21.91
N VAL A 209 27.50 -23.59 -21.89
CA VAL A 209 28.73 -23.88 -22.57
C VAL A 209 29.95 -23.29 -21.90
N ALA A 210 31.08 -23.93 -22.04
CA ALA A 210 32.28 -23.45 -21.42
C ALA A 210 32.79 -22.18 -22.06
N VAL A 211 33.23 -21.25 -21.23
CA VAL A 211 33.72 -19.96 -21.70
C VAL A 211 34.81 -19.47 -20.79
N GLU A 212 35.65 -18.58 -21.31
CA GLU A 212 36.75 -17.99 -20.55
C GLU A 212 36.15 -17.15 -19.47
N PRO A 213 36.56 -17.33 -18.25
CA PRO A 213 35.99 -16.55 -17.18
C PRO A 213 36.20 -15.05 -17.31
N LEU A 214 35.16 -14.28 -17.05
CA LEU A 214 35.25 -12.85 -17.00
C LEU A 214 34.85 -12.49 -15.58
N TYR A 215 35.61 -11.63 -14.97
CA TYR A 215 35.32 -11.25 -13.63
C TYR A 215 34.92 -9.79 -13.38
N TRP A 216 34.40 -9.08 -14.33
CA TRP A 216 34.00 -7.74 -14.08
C TRP A 216 32.74 -7.39 -14.83
N THR A 217 31.96 -6.52 -14.27
CA THR A 217 30.79 -5.97 -14.90
C THR A 217 30.67 -4.51 -14.58
N GLY A 218 29.77 -3.84 -15.26
CA GLY A 218 29.57 -2.44 -15.09
C GLY A 218 28.21 -1.98 -15.41
N ALA A 219 28.04 -0.70 -15.60
CA ALA A 219 26.78 -0.11 -15.94
C ALA A 219 26.89 0.96 -17.01
N SER A 220 25.97 0.98 -17.96
CA SER A 220 25.96 1.97 -19.03
C SER A 220 24.87 3.05 -19.05
N PHE A 221 25.28 4.31 -19.19
CA PHE A 221 24.38 5.43 -19.31
C PHE A 221 24.43 5.79 -20.79
N HIS A 222 23.47 5.32 -21.56
CA HIS A 222 23.47 5.46 -22.99
C HIS A 222 22.24 6.08 -23.62
N TYR A 223 22.36 6.51 -24.85
CA TYR A 223 21.23 7.05 -25.54
C TYR A 223 20.28 5.96 -25.96
N VAL A 224 19.03 6.29 -26.15
CA VAL A 224 18.03 5.27 -26.33
C VAL A 224 17.74 4.98 -27.79
N ASP A 225 17.89 5.96 -28.67
CA ASP A 225 17.75 5.74 -30.09
C ASP A 225 18.63 4.61 -30.58
N GLY A 231 21.27 2.29 -27.73
CA GLY A 231 21.68 3.65 -27.96
C GLY A 231 23.13 3.85 -27.70
N GLU A 232 23.71 4.87 -28.25
CA GLU A 232 25.11 5.12 -28.09
C GLU A 232 25.47 5.48 -26.67
N VAL A 233 26.58 4.93 -26.22
CA VAL A 233 27.04 5.14 -24.89
C VAL A 233 27.56 6.55 -24.64
N PHE A 234 27.00 7.21 -23.67
CA PHE A 234 27.49 8.48 -23.27
C PHE A 234 28.49 8.42 -22.10
N HIS A 235 28.30 7.54 -21.13
CA HIS A 235 29.23 7.40 -20.03
C HIS A 235 29.19 5.98 -19.55
N ASP A 236 30.36 5.46 -19.24
CA ASP A 236 30.49 4.10 -18.84
C ASP A 236 31.37 3.79 -17.64
N VAL A 237 30.97 2.84 -16.82
CA VAL A 237 31.69 2.40 -15.66
C VAL A 237 31.76 0.89 -15.64
N LEU A 238 32.87 0.37 -15.18
CA LEU A 238 33.12 -1.01 -15.10
C LEU A 238 33.93 -1.30 -13.92
N LYS A 239 33.35 -1.22 -12.78
CA LYS A 239 34.04 -1.46 -11.54
C LYS A 239 33.53 -2.58 -10.61
N THR A 240 32.83 -3.55 -11.14
CA THR A 240 32.26 -4.58 -10.33
C THR A 240 32.96 -5.92 -10.51
N GLU A 241 33.81 -6.31 -9.56
CA GLU A 241 34.50 -7.58 -9.66
C GLU A 241 33.46 -8.64 -9.46
N ILE A 242 33.61 -9.75 -10.12
CA ILE A 242 32.63 -10.76 -10.01
C ILE A 242 33.23 -12.00 -9.44
N SER A 243 32.63 -12.64 -8.48
CA SER A 243 33.18 -13.87 -7.89
C SER A 243 32.39 -15.12 -8.22
N PRO A 244 33.07 -16.25 -8.44
CA PRO A 244 32.45 -17.52 -8.77
C PRO A 244 31.45 -17.97 -7.75
N ASP A 245 31.73 -17.88 -6.46
CA ASP A 245 30.72 -18.20 -5.51
C ASP A 245 29.66 -17.08 -5.28
N ASP A 246 29.69 -16.04 -6.06
CA ASP A 246 28.75 -14.94 -5.96
C ASP A 246 27.33 -15.34 -6.25
N THR A 247 26.38 -14.84 -5.49
CA THR A 247 24.97 -15.03 -5.81
C THR A 247 24.49 -13.87 -6.67
N ILE A 248 23.32 -14.00 -7.24
CA ILE A 248 22.68 -12.96 -8.01
C ILE A 248 22.33 -11.74 -7.18
N LEU A 249 21.82 -11.93 -5.98
CA LEU A 249 21.55 -10.80 -5.11
C LEU A 249 22.80 -10.03 -4.81
N GLU A 250 23.94 -10.68 -4.61
CA GLU A 250 25.21 -10.03 -4.42
C GLU A 250 25.73 -9.28 -5.65
N LEU A 251 25.62 -9.87 -6.81
CA LEU A 251 26.03 -9.19 -8.02
C LEU A 251 25.22 -7.92 -8.34
N ARG A 252 23.92 -7.97 -8.19
CA ARG A 252 23.09 -6.83 -8.42
C ARG A 252 23.43 -5.70 -7.52
N TRP A 253 23.55 -5.97 -6.24
CA TRP A 253 23.91 -4.96 -5.29
C TRP A 253 25.30 -4.43 -5.64
N ASN A 254 26.28 -5.23 -5.82
CA ASN A 254 27.55 -4.68 -6.13
C ASN A 254 27.62 -3.84 -7.42
N ASN A 255 27.03 -4.28 -8.49
CA ASN A 255 27.00 -3.48 -9.67
C ASN A 255 26.19 -2.20 -9.43
N PHE A 256 25.09 -2.29 -8.70
CA PHE A 256 24.34 -1.11 -8.36
C PHE A 256 25.21 -0.23 -7.53
N ASN A 257 25.90 -0.75 -6.51
CA ASN A 257 26.80 0.04 -5.70
C ASN A 257 28.24 0.33 -6.27
N ASN A 258 28.85 -0.60 -6.99
CA ASN A 258 30.18 -0.38 -7.60
C ASN A 258 30.23 0.36 -8.91
N SER A 259 29.29 0.13 -9.77
CA SER A 259 29.27 0.78 -11.01
C SER A 259 28.06 1.56 -11.46
N LEU A 260 26.87 1.14 -11.10
CA LEU A 260 25.63 1.76 -11.53
C LEU A 260 25.25 3.11 -10.99
N PHE A 261 25.33 3.28 -9.71
CA PHE A 261 25.01 4.54 -9.20
C PHE A 261 26.04 5.57 -9.75
N PRO A 262 27.31 5.20 -9.78
CA PRO A 262 28.30 6.11 -10.32
C PRO A 262 28.10 6.45 -11.78
N ALA A 263 27.80 5.50 -12.59
CA ALA A 263 27.62 5.82 -13.95
C ALA A 263 26.44 6.75 -14.14
N LEU A 264 25.34 6.53 -13.48
CA LEU A 264 24.26 7.40 -13.67
C LEU A 264 24.59 8.81 -13.22
N HIS A 265 25.20 9.00 -12.08
CA HIS A 265 25.57 10.34 -11.66
C HIS A 265 26.67 11.01 -12.50
N GLU A 266 27.75 10.34 -12.77
CA GLU A 266 28.76 10.91 -13.60
C GLU A 266 28.23 11.19 -14.99
N GLY A 267 27.40 10.30 -15.52
CA GLY A 267 26.80 10.53 -16.79
C GLY A 267 25.90 11.77 -16.78
N LEU A 268 25.07 11.97 -15.78
CA LEU A 268 24.27 13.17 -15.70
C LEU A 268 25.18 14.43 -15.59
N ALA A 269 26.18 14.37 -14.74
CA ALA A 269 27.10 15.48 -14.50
C ALA A 269 27.77 15.92 -15.77
N LEU A 270 28.27 14.97 -16.51
CA LEU A 270 28.80 15.28 -17.78
C LEU A 270 27.72 15.75 -18.72
N LEU A 271 26.60 15.06 -18.75
CA LEU A 271 25.51 15.38 -19.62
C LEU A 271 24.93 16.78 -19.40
N ALA A 272 25.16 17.40 -18.29
CA ALA A 272 24.60 18.65 -18.07
C ALA A 272 25.13 19.78 -18.91
N GLU A 273 26.35 19.82 -19.31
CA GLU A 273 26.68 20.99 -20.09
C GLU A 273 26.46 20.75 -21.53
N LYS A 274 25.51 19.86 -21.81
CA LYS A 274 25.05 19.52 -23.08
C LYS A 274 23.57 19.41 -22.83
N LYS B 3 28.41 -39.86 10.06
CA LYS B 3 27.63 -38.93 9.27
C LYS B 3 26.17 -38.91 9.75
N ARG B 4 25.85 -38.08 10.74
CA ARG B 4 24.57 -38.03 11.39
C ARG B 4 23.45 -37.09 11.01
N LYS B 5 23.72 -36.00 10.34
CA LYS B 5 22.65 -35.05 10.05
C LYS B 5 22.15 -35.22 8.62
N LEU B 6 20.90 -35.54 8.49
CA LEU B 6 20.27 -35.82 7.23
C LEU B 6 19.07 -34.97 6.93
N ALA B 7 18.99 -34.31 5.79
CA ALA B 7 17.81 -33.50 5.43
C ALA B 7 17.02 -34.12 4.32
N TYR B 8 15.72 -33.96 4.32
CA TYR B 8 14.86 -34.56 3.33
C TYR B 8 14.16 -33.46 2.55
N ILE B 9 14.02 -33.63 1.27
CA ILE B 9 13.40 -32.68 0.45
C ILE B 9 12.40 -33.35 -0.50
N TRP B 10 11.19 -32.86 -0.56
CA TRP B 10 10.16 -33.34 -1.44
C TRP B 10 9.31 -32.18 -1.93
N SER B 11 8.43 -32.45 -2.84
CA SER B 11 7.54 -31.48 -3.35
C SER B 11 6.18 -32.06 -3.04
N LEU B 12 5.41 -31.43 -2.19
CA LEU B 12 4.10 -31.89 -1.79
C LEU B 12 3.14 -32.11 -2.95
N ARG B 13 3.23 -31.35 -4.02
CA ARG B 13 2.42 -31.58 -5.19
C ARG B 13 2.70 -32.96 -5.83
N ASN B 14 3.92 -33.45 -5.80
CA ASN B 14 4.26 -34.78 -6.24
C ASN B 14 3.74 -35.83 -5.30
N ALA B 15 3.89 -35.59 -4.02
CA ALA B 15 3.39 -36.46 -3.02
C ALA B 15 1.91 -36.58 -3.15
N ALA B 16 1.22 -35.54 -3.51
CA ALA B 16 -0.21 -35.63 -3.64
C ALA B 16 -0.69 -36.49 -4.77
N ALA B 17 -0.13 -36.32 -5.91
CA ALA B 17 -0.49 -37.09 -7.08
C ALA B 17 -0.28 -38.59 -6.83
N ASP B 18 0.76 -38.94 -6.10
CA ASP B 18 0.99 -40.31 -5.80
C ASP B 18 0.05 -41.00 -4.72
N LYS B 19 -0.85 -40.24 -4.16
CA LYS B 19 -1.75 -40.68 -3.16
C LYS B 19 -1.10 -40.96 -1.85
N ALA B 20 -0.15 -40.15 -1.44
CA ALA B 20 0.58 -40.35 -0.24
C ALA B 20 -0.34 -40.40 0.94
N GLY B 21 -0.12 -41.39 1.76
CA GLY B 21 -0.91 -41.59 2.91
C GLY B 21 -2.37 -41.78 2.70
N GLN B 22 -2.75 -42.05 1.49
CA GLN B 22 -4.12 -42.36 1.15
C GLN B 22 -4.27 -43.87 1.03
N TYR B 23 -5.46 -44.39 1.06
CA TYR B 23 -5.61 -45.80 0.90
C TYR B 23 -5.88 -46.11 -0.54
N VAL B 24 -5.15 -47.01 -1.12
CA VAL B 24 -5.33 -47.28 -2.52
C VAL B 24 -5.85 -48.69 -2.88
N PRO B 25 -6.43 -48.82 -4.02
CA PRO B 25 -6.94 -50.14 -4.34
C PRO B 25 -5.86 -51.01 -4.92
N TYR B 26 -5.64 -52.14 -4.33
CA TYR B 26 -4.64 -53.04 -4.81
C TYR B 26 -5.22 -54.41 -4.98
N LYS B 27 -5.33 -54.91 -6.21
CA LYS B 27 -5.72 -56.29 -6.48
C LYS B 27 -6.84 -56.80 -5.62
N GLY B 28 -7.90 -56.03 -5.67
CA GLY B 28 -9.09 -56.22 -4.94
C GLY B 28 -9.23 -55.64 -3.57
N GLU B 29 -8.20 -55.16 -2.91
CA GLU B 29 -8.35 -54.62 -1.55
C GLU B 29 -7.91 -53.16 -1.47
N GLN B 30 -7.79 -52.62 -0.29
CA GLN B 30 -7.34 -51.27 -0.12
C GLN B 30 -5.98 -51.35 0.51
N ARG B 31 -5.06 -50.50 0.10
CA ARG B 31 -3.70 -50.47 0.64
C ARG B 31 -3.18 -49.08 1.02
N TYR B 32 -2.43 -48.99 2.10
CA TYR B 32 -1.95 -47.69 2.56
C TYR B 32 -0.68 -47.31 1.87
N MSE B 33 -0.79 -46.35 0.98
CA MSE B 33 0.32 -45.92 0.18
C MSE B 33 1.16 -45.00 1.00
O MSE B 33 0.96 -43.85 1.03
CB MSE B 33 -0.21 -45.28 -1.08
CG MSE B 33 0.83 -44.59 -1.92
SE MSE B 33 1.80 -45.62 -3.24
CE MSE B 33 0.39 -45.95 -4.55
H MSE B 33 -1.52 -45.92 0.81
HA MSE B 33 0.84 -46.69 -0.08
HB2 MSE B 33 -0.62 -45.97 -1.63
HB3 MSE B 33 -0.87 -44.62 -0.83
HG2 MSE B 33 0.39 -43.88 -2.40
HG3 MSE B 33 1.50 -44.19 -1.34
HE1 MSE B 33 0.72 -46.56 -5.23
HE2 MSE B 33 -0.37 -46.33 -4.10
HE3 MSE B 33 0.13 -45.10 -4.96
N LYS B 34 2.07 -45.60 1.70
CA LYS B 34 2.94 -44.97 2.60
C LYS B 34 3.96 -44.19 1.89
N SER B 35 4.29 -43.05 2.45
CA SER B 35 5.29 -42.23 1.84
C SER B 35 6.70 -42.67 2.09
N VAL B 36 7.58 -42.22 1.21
CA VAL B 36 8.98 -42.47 1.43
C VAL B 36 9.46 -41.79 2.76
N LEU B 37 8.98 -40.61 3.03
CA LEU B 37 9.30 -39.95 4.25
C LEU B 37 8.87 -40.79 5.43
N GLU B 38 7.70 -41.36 5.42
CA GLU B 38 7.22 -42.19 6.51
C GLU B 38 7.98 -43.55 6.79
N SER B 39 8.35 -44.20 5.70
CA SER B 39 9.08 -45.41 5.76
C SER B 39 10.45 -45.19 6.43
N LEU B 40 11.13 -44.13 6.06
CA LEU B 40 12.40 -43.75 6.64
C LEU B 40 12.25 -43.46 8.12
N VAL B 41 11.14 -42.83 8.46
CA VAL B 41 10.90 -42.52 9.80
C VAL B 41 10.90 -43.83 10.60
N GLU B 42 10.17 -44.81 10.15
CA GLU B 42 10.18 -46.07 10.79
C GLU B 42 11.61 -46.68 10.76
N ALA B 43 12.36 -46.56 9.70
CA ALA B 43 13.68 -47.12 9.69
C ALA B 43 14.59 -46.48 10.69
N LEU B 44 14.63 -45.18 10.74
CA LEU B 44 15.40 -44.51 11.74
C LEU B 44 14.87 -44.86 13.11
N ASN B 45 13.58 -44.93 13.28
CA ASN B 45 13.07 -45.24 14.58
C ASN B 45 13.41 -46.62 15.11
N GLN B 46 13.10 -47.61 14.33
CA GLN B 46 13.27 -48.98 14.68
C GLN B 46 14.57 -49.74 14.29
N THR B 47 15.48 -49.15 13.63
CA THR B 47 16.66 -49.83 13.23
C THR B 47 17.85 -49.02 13.58
N ALA B 48 18.97 -49.60 13.28
CA ALA B 48 20.24 -49.00 13.46
C ALA B 48 20.48 -47.80 12.55
N LEU B 49 19.61 -47.51 11.63
CA LEU B 49 19.68 -46.30 10.83
C LEU B 49 19.48 -45.06 11.71
N GLY B 50 18.61 -45.17 12.69
CA GLY B 50 18.35 -44.15 13.69
C GLY B 50 19.58 -43.86 14.55
N ASP B 51 20.28 -44.90 14.94
CA ASP B 51 21.52 -44.69 15.56
C ASP B 51 22.43 -43.96 14.53
N ALA B 52 22.32 -44.28 13.28
CA ALA B 52 23.08 -43.68 12.26
C ALA B 52 22.80 -42.24 11.89
N TYR B 53 21.54 -41.88 11.85
CA TYR B 53 21.21 -40.56 11.43
C TYR B 53 20.18 -39.85 12.26
N GLU B 54 20.27 -38.55 12.29
CA GLU B 54 19.23 -37.75 12.90
C GLU B 54 18.58 -37.01 11.76
N LEU B 55 17.25 -36.91 11.74
CA LEU B 55 16.56 -36.20 10.68
C LEU B 55 16.45 -34.77 11.14
N VAL B 56 17.05 -33.84 10.42
CA VAL B 56 17.09 -32.46 10.79
C VAL B 56 16.05 -31.50 10.19
N GLY B 57 15.62 -31.71 8.96
CA GLY B 57 14.61 -30.88 8.34
C GLY B 57 13.80 -31.52 7.24
N VAL B 58 12.55 -31.11 7.04
CA VAL B 58 11.76 -31.58 5.92
C VAL B 58 11.36 -30.39 5.04
N ILE B 59 12.16 -30.07 4.07
CA ILE B 59 11.92 -29.00 3.17
C ILE B 59 11.01 -29.34 1.96
N TYR B 60 10.08 -28.48 1.68
CA TYR B 60 9.23 -28.62 0.57
C TYR B 60 9.16 -27.32 -0.15
N ASP B 61 9.11 -27.37 -1.44
CA ASP B 61 9.07 -26.21 -2.30
C ASP B 61 7.74 -25.62 -2.76
N ASP B 62 6.65 -26.25 -2.43
CA ASP B 62 5.39 -25.85 -2.96
C ASP B 62 5.07 -24.42 -2.65
N ASP B 63 4.59 -23.68 -3.61
CA ASP B 63 4.27 -22.29 -3.49
C ASP B 63 2.79 -22.07 -3.21
N ALA B 64 2.44 -21.67 -2.01
CA ALA B 64 1.05 -21.37 -1.69
C ALA B 64 0.46 -20.24 -2.52
N GLU B 65 1.22 -19.26 -2.93
CA GLU B 65 0.67 -18.27 -3.80
C GLU B 65 0.36 -18.76 -5.24
N LEU B 66 0.79 -19.96 -5.60
CA LEU B 66 0.59 -20.52 -6.92
C LEU B 66 -0.69 -21.36 -6.97
N PRO B 67 -1.55 -21.07 -7.91
CA PRO B 67 -2.77 -21.82 -8.08
C PRO B 67 -2.53 -23.23 -8.51
N ARG B 68 -1.62 -23.45 -9.45
CA ARG B 68 -1.34 -24.76 -9.91
C ARG B 68 -0.90 -25.67 -8.78
N ASP B 69 -0.04 -25.19 -7.94
CA ASP B 69 0.37 -25.94 -6.78
C ASP B 69 -0.73 -26.18 -5.76
N GLN B 70 -1.48 -25.16 -5.44
CA GLN B 70 -2.51 -25.24 -4.43
C GLN B 70 -3.55 -26.27 -4.73
N GLY B 71 -4.13 -26.26 -5.93
CA GLY B 71 -5.08 -27.22 -6.44
C GLY B 71 -4.55 -28.64 -6.57
N LYS B 72 -3.30 -28.77 -6.95
CA LYS B 72 -2.65 -30.05 -7.02
C LYS B 72 -2.53 -30.73 -5.64
N ILE B 73 -2.53 -29.99 -4.59
CA ILE B 73 -2.53 -30.51 -3.26
C ILE B 73 -3.84 -30.22 -2.52
N LYS B 74 -4.89 -29.95 -3.24
CA LYS B 74 -6.15 -29.56 -2.66
C LYS B 74 -6.72 -30.55 -1.69
N ASP B 75 -6.60 -31.85 -1.92
CA ASP B 75 -7.10 -32.84 -1.01
C ASP B 75 -6.43 -32.76 0.36
N TYR B 76 -5.16 -32.45 0.38
CA TYR B 76 -4.48 -32.29 1.62
C TYR B 76 -4.32 -30.83 1.84
N GLY B 77 -4.06 -30.46 3.05
CA GLY B 77 -3.83 -29.07 3.19
C GLY B 77 -2.42 -28.66 2.86
N PHE B 78 -2.22 -27.37 2.90
CA PHE B 78 -0.92 -26.79 2.98
C PHE B 78 -0.55 -27.02 4.44
N ALA B 79 -1.51 -27.12 5.31
CA ALA B 79 -1.27 -27.38 6.70
C ALA B 79 -2.17 -28.55 7.12
N TYR B 80 -1.72 -29.31 8.08
CA TYR B 80 -2.49 -30.43 8.49
C TYR B 80 -3.64 -29.86 9.22
N ARG B 81 -4.82 -30.25 8.87
CA ARG B 81 -5.97 -29.75 9.53
C ARG B 81 -6.52 -30.94 10.20
N PRO B 82 -6.73 -30.84 11.49
CA PRO B 82 -7.09 -31.96 12.34
C PRO B 82 -8.20 -32.84 11.82
N GLY B 83 -7.95 -34.12 11.91
CA GLY B 83 -8.88 -35.10 11.44
C GLY B 83 -9.06 -35.20 9.94
N GLN B 84 -8.23 -34.63 9.10
CA GLN B 84 -8.41 -34.73 7.64
C GLN B 84 -7.19 -35.35 7.01
N GLN B 85 -7.18 -35.46 5.70
CA GLN B 85 -6.10 -36.13 5.01
C GLN B 85 -4.70 -35.48 5.12
N TRP B 86 -3.71 -36.27 5.46
CA TRP B 86 -2.36 -35.79 5.60
C TRP B 86 -1.44 -36.76 4.96
N PHE B 87 -0.29 -36.31 4.59
CA PHE B 87 0.68 -37.14 3.93
C PHE B 87 1.12 -38.43 4.70
N TYR B 88 1.04 -38.35 6.00
CA TYR B 88 1.40 -39.35 6.98
C TYR B 88 0.61 -39.09 8.26
N PRO B 89 0.60 -39.99 9.24
CA PRO B 89 -0.16 -39.62 10.41
C PRO B 89 0.37 -38.37 11.03
N ALA B 90 -0.45 -37.36 11.20
CA ALA B 90 0.03 -36.10 11.70
C ALA B 90 0.72 -36.18 13.03
N ASP B 91 0.22 -37.01 13.90
CA ASP B 91 0.86 -37.19 15.18
C ASP B 91 1.99 -38.23 15.22
N LEU B 92 2.64 -38.49 14.09
CA LEU B 92 3.73 -39.44 13.96
C LEU B 92 4.92 -38.88 14.62
N GLN B 93 5.68 -39.73 15.28
CA GLN B 93 6.86 -39.28 15.96
C GLN B 93 8.07 -39.78 15.23
N VAL B 94 9.01 -38.92 14.91
CA VAL B 94 10.22 -39.36 14.30
C VAL B 94 11.23 -39.22 15.35
N GLN B 95 11.83 -40.31 15.76
CA GLN B 95 12.87 -40.32 16.76
C GLN B 95 12.41 -39.59 17.98
N GLY B 96 11.20 -39.74 18.40
CA GLY B 96 10.79 -38.96 19.52
C GLY B 96 10.39 -37.50 19.32
N LYS B 97 10.53 -36.96 18.13
CA LYS B 97 10.13 -35.61 17.77
C LYS B 97 8.83 -35.64 16.99
N THR B 98 8.00 -34.63 17.05
CA THR B 98 6.83 -34.71 16.22
C THR B 98 7.32 -34.44 14.82
N LEU B 99 6.85 -35.23 13.85
CA LEU B 99 7.28 -35.12 12.45
C LEU B 99 6.93 -33.79 11.79
N ASN B 100 5.74 -33.33 12.09
CA ASN B 100 5.24 -32.08 11.61
C ASN B 100 6.09 -30.92 12.06
N ASP B 101 6.80 -31.03 13.16
CA ASP B 101 7.68 -29.98 13.59
C ASP B 101 8.80 -29.74 12.54
N LEU B 102 9.25 -30.75 11.87
CA LEU B 102 10.31 -30.54 11.00
C LEU B 102 9.98 -30.00 9.64
N LEU B 103 8.75 -29.70 9.34
CA LEU B 103 8.45 -29.22 8.03
C LEU B 103 8.98 -27.83 7.82
N LEU B 104 9.67 -27.61 6.73
CA LEU B 104 10.19 -26.32 6.45
C LEU B 104 9.82 -25.93 5.02
N SER B 105 9.07 -24.87 4.87
CA SER B 105 8.64 -24.37 3.63
C SER B 105 9.64 -23.51 3.00
N VAL B 106 10.41 -24.03 2.13
CA VAL B 106 11.28 -23.22 1.40
C VAL B 106 10.45 -23.23 0.09
N PRO B 107 9.75 -22.14 -0.25
CA PRO B 107 8.93 -22.10 -1.46
C PRO B 107 9.60 -21.72 -2.75
N SER B 108 9.35 -22.41 -3.84
CA SER B 108 9.91 -22.01 -5.11
C SER B 108 8.99 -20.99 -5.79
N THR B 109 9.06 -19.77 -5.34
CA THR B 109 8.29 -18.67 -5.85
C THR B 109 8.59 -18.20 -7.31
N TYR B 110 9.76 -18.54 -7.86
CA TYR B 110 10.14 -18.27 -9.15
C TYR B 110 9.19 -18.86 -10.13
N ARG B 111 8.48 -19.91 -9.80
CA ARG B 111 7.55 -20.51 -10.72
C ARG B 111 6.37 -19.52 -11.06
N ARG B 112 6.04 -18.58 -10.19
CA ARG B 112 5.07 -17.54 -10.50
C ARG B 112 5.56 -16.81 -11.74
N TYR B 113 6.81 -16.47 -11.78
CA TYR B 113 7.32 -15.84 -12.93
C TYR B 113 7.31 -16.81 -14.06
N PRO B 114 6.96 -16.37 -15.24
CA PRO B 114 6.97 -17.25 -16.38
C PRO B 114 8.33 -17.86 -16.69
N ARG B 115 8.27 -19.11 -17.12
CA ARG B 115 9.41 -19.95 -17.33
C ARG B 115 10.42 -19.40 -18.34
N GLY B 116 11.68 -19.40 -17.98
CA GLY B 116 12.72 -18.92 -18.86
C GLY B 116 12.99 -17.43 -18.92
N THR B 117 12.08 -16.62 -18.44
CA THR B 117 12.22 -15.21 -18.42
C THR B 117 13.39 -14.90 -17.48
N PRO B 118 14.09 -13.80 -17.69
CA PRO B 118 15.11 -13.53 -16.69
C PRO B 118 14.64 -13.45 -15.23
N GLU B 119 13.39 -13.22 -15.02
CA GLU B 119 12.85 -13.13 -13.70
C GLU B 119 12.75 -14.55 -13.07
N HIS B 120 12.38 -15.52 -13.88
CA HIS B 120 12.31 -16.90 -13.52
C HIS B 120 13.68 -17.49 -13.22
N VAL B 121 14.65 -17.25 -14.08
CA VAL B 121 15.96 -17.77 -13.96
C VAL B 121 16.73 -17.30 -12.76
N ALA B 122 16.74 -15.99 -12.51
CA ALA B 122 17.34 -15.41 -11.33
C ALA B 122 16.60 -15.79 -10.07
N GLY B 123 15.31 -15.90 -10.15
CA GLY B 123 14.54 -16.38 -9.04
C GLY B 123 14.90 -17.81 -8.69
N LYS B 124 15.12 -18.67 -9.67
CA LYS B 124 15.46 -20.06 -9.40
C LYS B 124 16.76 -20.13 -8.65
N SER B 125 17.74 -19.37 -9.09
CA SER B 125 18.96 -19.31 -8.38
C SER B 125 18.86 -18.74 -6.98
N ASP B 126 17.99 -17.81 -6.67
CA ASP B 126 17.88 -17.38 -5.31
C ASP B 126 17.36 -18.46 -4.39
N PHE B 127 16.31 -19.17 -4.79
CA PHE B 127 15.67 -20.24 -4.02
C PHE B 127 16.67 -21.32 -3.65
N GLU B 128 17.48 -21.71 -4.60
CA GLU B 128 18.55 -22.61 -4.37
C GLU B 128 19.47 -21.95 -3.37
N ARG B 129 19.59 -20.64 -3.38
CA ARG B 129 20.33 -19.92 -2.42
C ARG B 129 19.70 -20.04 -1.08
N ARG B 130 18.43 -19.85 -0.97
CA ARG B 130 17.79 -20.10 0.29
C ARG B 130 17.98 -21.58 0.64
N LEU B 131 18.02 -22.44 -0.34
CA LEU B 131 18.16 -23.82 -0.03
C LEU B 131 19.48 -24.13 0.62
N HIS B 132 20.57 -23.67 0.05
CA HIS B 132 21.85 -23.84 0.64
C HIS B 132 21.88 -23.19 2.01
N ASP B 133 21.29 -22.03 2.12
CA ASP B 133 21.28 -21.38 3.37
C ASP B 133 20.50 -22.19 4.43
N THR B 134 19.30 -22.63 4.11
CA THR B 134 18.51 -23.38 5.05
C THR B 134 19.23 -24.66 5.36
N LEU B 135 19.78 -25.36 4.42
CA LEU B 135 20.44 -26.59 4.74
C LEU B 135 21.60 -26.39 5.64
N VAL B 136 22.54 -25.53 5.27
CA VAL B 136 23.73 -25.20 6.06
C VAL B 136 23.29 -24.74 7.45
N GLU B 137 22.19 -24.04 7.49
CA GLU B 137 21.58 -23.64 8.73
C GLU B 137 21.12 -24.86 9.58
N LEU B 138 20.63 -25.89 8.92
CA LEU B 138 20.27 -27.11 9.57
C LEU B 138 21.47 -27.93 10.05
N GLY B 139 22.63 -27.75 9.46
CA GLY B 139 23.82 -28.46 9.79
C GLY B 139 23.71 -29.78 9.13
N ALA B 140 23.82 -29.78 7.81
CA ALA B 140 23.50 -30.95 7.07
C ALA B 140 24.57 -31.75 6.38
N ASP B 141 24.85 -32.89 6.93
CA ASP B 141 25.76 -33.80 6.34
C ASP B 141 25.23 -34.44 5.05
N VAL B 142 23.95 -34.73 5.00
CA VAL B 142 23.33 -35.41 3.90
C VAL B 142 21.96 -34.88 3.57
N VAL B 143 21.66 -34.77 2.31
CA VAL B 143 20.32 -34.32 1.92
C VAL B 143 19.72 -35.34 0.93
N VAL B 144 18.51 -35.79 1.18
CA VAL B 144 17.86 -36.78 0.37
C VAL B 144 16.73 -36.20 -0.44
N LEU B 145 16.77 -36.38 -1.72
CA LEU B 145 15.70 -35.92 -2.52
C LEU B 145 14.66 -37.06 -2.83
N ASP B 146 13.39 -36.73 -2.70
CA ASP B 146 12.30 -37.62 -2.99
C ASP B 146 11.32 -36.82 -3.80
N GLY B 147 11.37 -36.93 -5.09
CA GLY B 147 10.47 -36.21 -5.96
C GLY B 147 10.44 -34.70 -5.85
N LEU B 148 11.59 -34.08 -5.66
CA LEU B 148 11.63 -32.68 -5.64
C LEU B 148 11.44 -32.36 -7.12
N LEU B 149 10.41 -31.62 -7.46
CA LEU B 149 10.13 -31.22 -8.82
C LEU B 149 11.12 -30.28 -9.47
N VAL B 150 11.79 -29.48 -8.69
CA VAL B 150 12.74 -28.53 -9.11
C VAL B 150 13.98 -29.28 -9.45
N ILE B 151 14.58 -29.00 -10.56
CA ILE B 151 15.83 -29.60 -10.94
C ILE B 151 16.94 -28.73 -10.36
N LEU B 152 17.72 -29.32 -9.46
CA LEU B 152 18.79 -28.62 -8.81
C LEU B 152 19.91 -28.32 -9.81
N ASP B 153 20.57 -27.22 -9.58
CA ASP B 153 21.59 -26.73 -10.47
C ASP B 153 22.71 -26.02 -9.72
N GLU B 154 22.41 -24.90 -9.13
CA GLU B 154 23.35 -24.11 -8.37
C GLU B 154 23.89 -24.93 -7.17
N LEU B 155 23.01 -25.72 -6.54
CA LEU B 155 23.30 -26.57 -5.41
C LEU B 155 24.28 -27.65 -5.76
N VAL B 156 24.17 -28.31 -6.90
CA VAL B 156 25.17 -29.32 -7.23
C VAL B 156 26.42 -28.81 -7.99
N ARG B 157 27.08 -27.89 -7.34
CA ARG B 157 28.22 -27.18 -7.70
C ARG B 157 28.81 -27.07 -6.28
N PRO B 158 30.06 -27.39 -6.12
CA PRO B 158 30.75 -27.41 -4.83
C PRO B 158 30.19 -26.75 -3.56
N ALA B 163 26.45 -29.95 -1.26
CA ALA B 163 27.54 -29.90 -2.23
C ALA B 163 27.50 -31.12 -3.13
N ARG B 164 27.83 -32.25 -2.54
CA ARG B 164 27.77 -33.54 -3.14
C ARG B 164 27.19 -34.37 -2.02
N ARG B 165 26.43 -33.72 -1.18
CA ARG B 165 25.72 -34.44 -0.16
C ARG B 165 24.25 -34.66 -0.47
N ILE B 166 23.84 -34.51 -1.70
CA ILE B 166 22.45 -34.64 -2.12
C ILE B 166 22.22 -35.92 -2.87
N MSE B 167 21.36 -36.75 -2.36
CA MSE B 167 21.00 -37.97 -3.02
C MSE B 167 19.54 -38.00 -3.45
O MSE B 167 18.70 -37.46 -2.87
CB MSE B 167 21.37 -39.19 -2.21
CG MSE B 167 22.75 -39.16 -1.57
SE MSE B 167 24.24 -39.16 -2.78
CE MSE B 167 25.00 -40.90 -2.86
H MSE B 167 20.95 -36.63 -1.61
HA MSE B 167 21.53 -38.03 -3.84
HB2 MSE B 167 20.71 -39.29 -1.51
HB3 MSE B 167 21.34 -39.96 -2.79
HG2 MSE B 167 22.81 -38.37 -1.02
HG3 MSE B 167 22.82 -39.95 -1.01
HE1 MSE B 167 25.00 -41.23 -3.77
HE2 MSE B 167 25.90 -40.88 -2.48
HE3 MSE B 167 24.45 -41.49 -2.33
N ASN B 168 19.25 -38.63 -4.54
CA ASN B 168 17.93 -38.74 -5.03
C ASN B 168 17.46 -40.21 -4.94
N ILE B 169 16.26 -40.45 -4.51
CA ILE B 169 15.72 -41.79 -4.52
C ILE B 169 14.72 -41.86 -5.72
N HIS B 170 15.11 -42.52 -6.78
CA HIS B 170 14.33 -42.59 -7.95
C HIS B 170 13.66 -43.91 -8.23
N PRO B 171 12.36 -43.93 -8.54
CA PRO B 171 11.69 -45.20 -8.80
C PRO B 171 11.86 -45.83 -10.18
N GLY B 172 13.10 -46.08 -10.48
CA GLY B 172 13.60 -46.73 -11.64
C GLY B 172 15.02 -47.14 -11.42
N VAL B 173 15.58 -47.95 -12.28
CA VAL B 173 16.96 -48.25 -12.12
C VAL B 173 17.63 -47.21 -13.02
N THR B 174 18.56 -46.46 -12.53
CA THR B 174 19.20 -45.48 -13.38
C THR B 174 20.54 -45.81 -14.10
N ARG B 175 21.11 -46.95 -13.82
CA ARG B 175 22.35 -47.34 -14.40
C ARG B 175 22.18 -47.40 -15.88
N GLU B 176 23.13 -46.82 -16.60
CA GLU B 176 23.07 -46.74 -18.04
C GLU B 176 23.05 -48.12 -18.72
N ASP B 177 23.81 -49.07 -18.25
CA ASP B 177 23.79 -50.37 -18.84
C ASP B 177 22.56 -51.25 -18.72
N SER B 178 22.04 -51.30 -17.53
CA SER B 178 21.06 -52.23 -17.19
C SER B 178 19.96 -52.24 -18.19
N PRO B 179 19.55 -53.43 -18.60
CA PRO B 179 18.40 -53.53 -19.49
C PRO B 179 17.17 -52.95 -18.86
N TYR B 180 17.17 -52.82 -17.56
CA TYR B 180 16.05 -52.26 -16.86
C TYR B 180 16.23 -50.81 -16.45
N GLU B 181 17.02 -50.04 -17.19
CA GLU B 181 17.23 -48.69 -16.85
C GLU B 181 15.97 -47.92 -17.11
N ARG B 182 15.48 -47.19 -16.15
CA ARG B 182 14.29 -46.41 -16.36
C ARG B 182 14.25 -45.04 -15.72
N ARG B 183 15.05 -44.12 -16.23
CA ARG B 183 15.08 -42.77 -15.72
C ARG B 183 13.93 -41.92 -16.23
N GLY B 184 13.88 -40.74 -15.64
CA GLY B 184 12.98 -39.68 -15.99
C GLY B 184 11.66 -39.77 -15.41
N ALA B 185 10.89 -38.77 -15.75
CA ALA B 185 9.57 -38.52 -15.24
C ALA B 185 8.59 -39.63 -15.41
N TYR B 186 8.73 -40.40 -16.45
CA TYR B 186 7.84 -41.47 -16.78
C TYR B 186 8.25 -42.88 -16.33
N ALA B 187 9.12 -43.03 -15.38
CA ALA B 187 9.62 -44.32 -15.04
C ALA B 187 8.63 -45.30 -14.57
N THR B 188 7.77 -44.88 -13.70
CA THR B 188 6.73 -45.73 -13.22
C THR B 188 5.85 -46.14 -14.40
N LEU B 189 5.54 -45.22 -15.26
CA LEU B 189 4.80 -45.49 -16.41
C LEU B 189 5.53 -46.31 -17.44
N ASP B 190 6.78 -46.04 -17.75
CA ASP B 190 7.46 -46.85 -18.75
C ASP B 190 7.50 -48.33 -18.35
N ALA B 191 7.66 -48.58 -17.08
CA ALA B 191 7.70 -49.87 -16.55
C ALA B 191 6.43 -50.63 -16.79
N LEU B 192 5.30 -50.04 -16.50
CA LEU B 192 4.04 -50.65 -16.71
C LEU B 192 3.74 -50.96 -18.16
N TYR B 193 3.90 -50.00 -19.04
CA TYR B 193 3.74 -50.27 -20.45
C TYR B 193 4.78 -51.22 -20.99
N GLY B 194 6.00 -51.14 -20.47
CA GLY B 194 7.08 -52.00 -20.86
C GLY B 194 6.78 -53.46 -20.62
N ALA B 195 6.20 -53.72 -19.46
CA ALA B 195 5.72 -55.00 -19.07
C ALA B 195 4.56 -55.50 -19.92
N ARG B 196 3.89 -54.61 -20.57
CA ARG B 196 2.90 -54.96 -21.49
C ARG B 196 3.55 -55.08 -22.90
N GLY B 197 4.84 -55.12 -22.99
CA GLY B 197 5.44 -55.14 -24.28
C GLY B 197 5.06 -53.98 -25.16
N GLU B 198 4.86 -52.81 -24.63
CA GLU B 198 4.55 -51.66 -25.45
C GLU B 198 5.40 -50.48 -24.94
N LYS B 199 5.73 -49.52 -25.77
CA LYS B 199 6.54 -48.41 -25.34
C LYS B 199 5.90 -47.14 -25.86
N VAL B 200 5.70 -46.14 -25.04
CA VAL B 200 4.97 -45.01 -25.49
C VAL B 200 5.85 -43.93 -26.06
N VAL B 201 5.66 -43.61 -27.30
CA VAL B 201 6.43 -42.60 -27.89
C VAL B 201 5.83 -41.22 -27.92
N ASP B 202 4.54 -41.08 -27.76
CA ASP B 202 3.98 -39.78 -27.72
C ASP B 202 2.91 -39.78 -26.63
N TRP B 203 3.22 -39.24 -25.47
CA TRP B 203 2.36 -39.13 -24.28
C TRP B 203 1.10 -38.25 -24.48
N ALA B 204 1.21 -37.21 -25.30
CA ALA B 204 0.10 -36.35 -25.64
C ALA B 204 -0.95 -37.12 -26.34
N THR B 205 -0.59 -38.00 -27.22
CA THR B 205 -1.58 -38.80 -27.85
C THR B 205 -1.43 -40.27 -27.67
N MSE B 206 -0.53 -40.67 -26.81
CA MSE B 206 -0.27 -42.06 -26.48
C MSE B 206 0.11 -43.07 -27.55
O MSE B 206 -0.36 -44.16 -27.50
CB MSE B 206 -1.42 -42.59 -25.67
CG MSE B 206 -1.55 -41.85 -24.32
SE MSE B 206 -0.06 -41.90 -23.09
CE MSE B 206 -0.06 -43.76 -22.79
H MSE B 206 -0.03 -40.13 -26.37
HA MSE B 206 0.49 -42.05 -25.88
HB2 MSE B 206 -2.24 -42.46 -26.16
HB3 MSE B 206 -1.29 -43.52 -25.48
HG2 MSE B 206 -1.72 -40.90 -24.52
HG3 MSE B 206 -2.31 -42.22 -23.86
HE1 MSE B 206 0.64 -43.97 -22.15
HE2 MSE B 206 -0.93 -44.02 -22.42
HE3 MSE B 206 0.09 -44.22 -23.63
N GLU B 207 0.97 -42.73 -28.49
CA GLU B 207 1.39 -43.68 -29.49
C GLU B 207 2.33 -44.61 -28.80
N LYS B 208 2.13 -45.91 -28.89
CA LYS B 208 3.00 -46.87 -28.28
C LYS B 208 3.46 -47.80 -29.36
N VAL B 209 4.72 -48.17 -29.39
CA VAL B 209 5.19 -49.09 -30.42
C VAL B 209 5.73 -50.34 -29.77
N ALA B 210 5.35 -51.51 -30.24
CA ALA B 210 5.65 -52.75 -29.55
C ALA B 210 7.09 -53.01 -29.17
N VAL B 211 7.29 -53.53 -27.96
CA VAL B 211 8.58 -53.86 -27.37
C VAL B 211 8.54 -55.17 -26.60
N GLU B 212 9.64 -55.76 -26.19
CA GLU B 212 9.57 -57.01 -25.46
C GLU B 212 8.98 -56.82 -24.09
N PRO B 213 8.21 -57.76 -23.60
CA PRO B 213 7.75 -57.56 -22.25
C PRO B 213 8.91 -57.59 -21.31
N LEU B 214 9.09 -56.58 -20.48
CA LEU B 214 10.11 -56.54 -19.49
C LEU B 214 9.40 -56.68 -18.16
N TYR B 215 10.06 -57.35 -17.22
CA TYR B 215 9.41 -57.69 -15.99
C TYR B 215 9.81 -57.23 -14.58
N TRP B 216 10.88 -56.53 -14.45
CA TRP B 216 11.25 -55.99 -13.18
C TRP B 216 11.47 -54.50 -13.38
N THR B 217 11.58 -53.86 -12.27
CA THR B 217 11.92 -52.49 -12.11
C THR B 217 12.31 -52.27 -10.64
N GLY B 218 12.69 -51.06 -10.30
CA GLY B 218 13.12 -50.75 -9.00
C GLY B 218 13.40 -49.28 -8.70
N ALA B 219 14.40 -49.05 -7.90
CA ALA B 219 14.82 -47.76 -7.48
C ALA B 219 16.32 -47.59 -7.48
N SER B 220 16.79 -46.40 -7.72
CA SER B 220 18.18 -46.16 -7.73
C SER B 220 18.48 -44.98 -6.84
N PHE B 221 19.34 -45.14 -5.84
CA PHE B 221 19.78 -44.10 -4.90
C PHE B 221 21.09 -43.55 -5.48
N HIS B 222 20.99 -42.51 -6.29
CA HIS B 222 22.12 -41.95 -6.93
C HIS B 222 22.50 -40.55 -6.50
N TYR B 223 23.71 -40.19 -6.78
CA TYR B 223 24.14 -38.85 -6.58
C TYR B 223 23.42 -38.03 -7.64
N VAL B 224 23.26 -36.76 -7.44
CA VAL B 224 22.48 -36.00 -8.38
C VAL B 224 23.20 -34.99 -9.35
N ASP B 225 22.65 -34.86 -10.56
CA ASP B 225 22.98 -34.00 -11.75
C ASP B 225 22.37 -34.77 -12.91
N SER B 230 21.21 -37.72 -14.72
CA SER B 230 21.37 -38.80 -13.79
C SER B 230 22.78 -39.03 -13.47
N GLY B 231 22.96 -39.12 -12.20
CA GLY B 231 24.24 -39.02 -11.57
C GLY B 231 24.76 -40.36 -11.16
N GLU B 232 25.92 -40.40 -10.49
CA GLU B 232 26.57 -41.64 -10.10
C GLU B 232 25.68 -42.50 -9.26
N VAL B 233 25.42 -43.72 -9.66
CA VAL B 233 24.60 -44.65 -8.90
C VAL B 233 25.40 -45.17 -7.69
N PHE B 234 24.89 -44.97 -6.49
CA PHE B 234 25.56 -45.45 -5.28
C PHE B 234 25.03 -46.79 -4.78
N HIS B 235 23.72 -46.93 -4.72
CA HIS B 235 23.04 -48.15 -4.39
C HIS B 235 21.70 -48.36 -5.16
N ASP B 236 21.55 -49.47 -5.84
CA ASP B 236 20.39 -49.79 -6.62
C ASP B 236 19.64 -50.95 -6.02
N VAL B 237 18.38 -51.12 -6.34
CA VAL B 237 17.65 -52.31 -6.00
C VAL B 237 16.82 -52.65 -7.24
N LEU B 238 16.76 -53.91 -7.62
CA LEU B 238 15.93 -54.34 -8.72
C LEU B 238 15.12 -55.53 -8.26
N LYS B 239 14.07 -55.31 -7.49
CA LYS B 239 13.31 -56.40 -7.00
C LYS B 239 11.80 -56.29 -7.00
N THR B 240 11.29 -55.48 -7.90
CA THR B 240 9.90 -55.25 -8.05
C THR B 240 9.44 -56.03 -9.24
N GLU B 241 8.37 -56.76 -9.06
CA GLU B 241 7.86 -57.57 -10.07
C GLU B 241 6.61 -56.94 -10.59
N ILE B 242 6.46 -56.98 -11.90
CA ILE B 242 5.30 -56.40 -12.51
C ILE B 242 4.51 -57.27 -13.44
N SER B 243 3.23 -57.43 -13.18
CA SER B 243 2.36 -58.16 -14.02
C SER B 243 1.63 -57.18 -14.98
N PRO B 244 1.41 -57.59 -16.24
CA PRO B 244 0.71 -56.82 -17.25
C PRO B 244 -0.70 -56.48 -16.80
N ASP B 245 -1.39 -57.31 -16.06
CA ASP B 245 -2.66 -56.90 -15.53
C ASP B 245 -2.49 -55.81 -14.42
N ASP B 246 -1.30 -55.55 -13.95
CA ASP B 246 -1.15 -54.58 -12.90
C ASP B 246 -1.44 -53.14 -13.40
N THR B 247 -2.13 -52.36 -12.58
CA THR B 247 -2.40 -50.97 -12.78
C THR B 247 -1.23 -50.16 -12.30
N ILE B 248 -1.27 -48.86 -12.51
CA ILE B 248 -0.20 -47.96 -12.03
C ILE B 248 -0.03 -47.89 -10.51
N LEU B 249 -1.09 -47.80 -9.79
CA LEU B 249 -1.00 -47.74 -8.36
C LEU B 249 -0.41 -48.96 -7.75
N GLU B 250 -0.84 -50.11 -8.18
CA GLU B 250 -0.27 -51.35 -7.74
C GLU B 250 1.21 -51.38 -8.08
N LEU B 251 1.59 -50.92 -9.27
CA LEU B 251 2.99 -50.83 -9.62
C LEU B 251 3.67 -49.84 -8.68
N ARG B 252 3.07 -48.70 -8.36
CA ARG B 252 3.64 -47.75 -7.41
C ARG B 252 3.80 -48.37 -6.03
N TRP B 253 2.74 -48.94 -5.48
CA TRP B 253 2.76 -49.56 -4.20
C TRP B 253 3.76 -50.67 -4.16
N ASN B 254 3.85 -51.49 -5.18
CA ASN B 254 4.88 -52.49 -5.15
C ASN B 254 6.24 -51.88 -5.11
N ASN B 255 6.50 -50.93 -5.98
CA ASN B 255 7.81 -50.35 -6.10
C ASN B 255 8.24 -49.70 -4.84
N PHE B 256 7.35 -48.97 -4.19
CA PHE B 256 7.72 -48.42 -2.94
C PHE B 256 7.99 -49.51 -1.94
N ASN B 257 7.05 -50.39 -1.75
CA ASN B 257 7.23 -51.45 -0.82
C ASN B 257 8.30 -52.49 -1.19
N ASN B 258 8.37 -52.91 -2.42
CA ASN B 258 9.38 -53.85 -2.82
C ASN B 258 10.81 -53.44 -2.96
N SER B 259 11.01 -52.28 -3.56
CA SER B 259 12.30 -51.76 -3.81
C SER B 259 12.66 -50.35 -3.35
N LEU B 260 11.77 -49.38 -3.34
CA LEU B 260 12.17 -48.05 -2.98
C LEU B 260 12.50 -47.79 -1.54
N PHE B 261 11.75 -48.32 -0.64
CA PHE B 261 12.06 -48.11 0.70
C PHE B 261 13.30 -48.87 1.00
N PRO B 262 13.38 -50.12 0.55
CA PRO B 262 14.56 -50.88 0.88
C PRO B 262 15.86 -50.28 0.40
N ALA B 263 15.94 -49.83 -0.80
CA ALA B 263 17.13 -49.22 -1.28
C ALA B 263 17.57 -47.92 -0.59
N LEU B 264 16.65 -47.03 -0.36
CA LEU B 264 16.94 -45.89 0.41
C LEU B 264 17.33 -46.32 1.81
N HIS B 265 16.72 -47.36 2.33
CA HIS B 265 17.09 -47.80 3.63
C HIS B 265 18.49 -48.39 3.69
N GLU B 266 18.76 -49.41 2.93
CA GLU B 266 20.10 -49.89 2.89
C GLU B 266 21.08 -48.85 2.34
N GLY B 267 20.68 -48.10 1.37
CA GLY B 267 21.51 -47.11 0.77
C GLY B 267 22.01 -46.08 1.74
N LEU B 268 21.19 -45.63 2.67
CA LEU B 268 21.60 -44.70 3.67
C LEU B 268 22.70 -45.29 4.59
N ALA B 269 22.53 -46.52 5.03
CA ALA B 269 23.47 -47.21 5.84
C ALA B 269 24.84 -47.39 5.17
N LEU B 270 24.86 -47.78 3.93
CA LEU B 270 26.07 -47.94 3.20
C LEU B 270 26.86 -46.64 3.01
N LEU B 271 26.16 -45.52 2.84
CA LEU B 271 26.74 -44.21 2.66
C LEU B 271 27.27 -43.53 3.88
N ALA B 272 26.92 -43.98 5.04
CA ALA B 272 27.46 -43.42 6.24
C ALA B 272 28.96 -43.63 6.51
N GLU B 273 29.71 -44.42 5.76
CA GLU B 273 31.11 -44.60 6.03
C GLU B 273 31.97 -43.42 5.62
N LYS C 3 -31.37 -61.54 -18.69
CA LYS C 3 -30.81 -60.49 -19.52
C LYS C 3 -29.30 -60.43 -19.53
N ARG C 4 -28.80 -59.24 -19.82
CA ARG C 4 -27.38 -58.97 -19.91
C ARG C 4 -27.28 -57.50 -19.74
N LYS C 5 -26.99 -57.06 -18.54
CA LYS C 5 -26.91 -55.61 -18.23
C LYS C 5 -26.18 -54.67 -19.21
N LEU C 6 -26.79 -53.52 -19.51
CA LEU C 6 -26.24 -52.49 -20.39
C LEU C 6 -25.93 -51.29 -19.53
N ALA C 7 -24.72 -50.77 -19.68
CA ALA C 7 -24.26 -49.64 -18.92
C ALA C 7 -23.96 -48.53 -19.88
N TYR C 8 -24.42 -47.36 -19.61
CA TYR C 8 -24.25 -46.31 -20.56
C TYR C 8 -23.20 -45.32 -20.11
N ILE C 9 -22.39 -44.86 -21.02
CA ILE C 9 -21.33 -43.90 -20.73
C ILE C 9 -21.40 -42.68 -21.67
N TRP C 10 -21.33 -41.52 -21.10
CA TRP C 10 -21.41 -40.27 -21.81
C TRP C 10 -20.79 -39.08 -21.03
N SER C 11 -20.54 -37.99 -21.71
CA SER C 11 -20.09 -36.77 -21.07
C SER C 11 -21.27 -35.85 -21.12
N LEU C 12 -21.58 -35.21 -20.05
CA LEU C 12 -22.61 -34.22 -20.07
C LEU C 12 -22.26 -32.99 -20.96
N ARG C 13 -21.00 -32.60 -20.94
CA ARG C 13 -20.52 -31.59 -21.77
C ARG C 13 -20.81 -31.92 -23.26
N ASN C 14 -20.80 -33.18 -23.69
CA ASN C 14 -21.19 -33.47 -25.08
C ASN C 14 -22.76 -33.34 -25.29
N ALA C 15 -23.54 -33.76 -24.33
CA ALA C 15 -24.96 -33.67 -24.41
C ALA C 15 -25.43 -32.26 -24.45
N ALA C 16 -24.89 -31.44 -23.59
CA ALA C 16 -25.21 -30.05 -23.49
C ALA C 16 -24.77 -29.31 -24.72
N ALA C 17 -23.59 -29.63 -25.19
CA ALA C 17 -23.05 -29.03 -26.38
C ALA C 17 -24.03 -29.29 -27.56
N ASP C 18 -24.60 -30.45 -27.63
CA ASP C 18 -25.59 -30.74 -28.61
C ASP C 18 -27.07 -30.33 -28.22
N LYS C 19 -27.21 -29.58 -27.15
CA LYS C 19 -28.50 -29.10 -26.72
C LYS C 19 -29.53 -30.19 -26.43
N ALA C 20 -29.10 -31.22 -25.80
CA ALA C 20 -29.87 -32.35 -25.54
C ALA C 20 -30.97 -32.02 -24.54
N GLY C 21 -32.18 -32.47 -24.80
CA GLY C 21 -33.28 -32.12 -23.97
C GLY C 21 -33.85 -30.69 -24.00
N GLN C 22 -33.45 -29.92 -24.98
CA GLN C 22 -33.85 -28.56 -25.18
C GLN C 22 -34.61 -28.49 -26.48
N TYR C 23 -35.43 -27.48 -26.62
CA TYR C 23 -36.16 -27.24 -27.82
C TYR C 23 -35.34 -26.43 -28.80
N VAL C 24 -35.31 -26.82 -30.07
CA VAL C 24 -34.48 -26.14 -31.06
C VAL C 24 -35.20 -25.60 -32.29
N PRO C 25 -34.68 -24.53 -32.88
CA PRO C 25 -35.32 -24.04 -34.06
C PRO C 25 -35.10 -25.01 -35.17
N TYR C 26 -36.12 -25.59 -35.76
CA TYR C 26 -35.94 -26.54 -36.84
C TYR C 26 -36.80 -26.13 -37.99
N LYS C 27 -36.18 -25.87 -39.14
CA LYS C 27 -36.86 -25.55 -40.37
C LYS C 27 -37.95 -24.53 -40.12
N GLY C 28 -37.75 -23.56 -39.27
CA GLY C 28 -38.83 -22.70 -38.91
C GLY C 28 -39.69 -23.05 -37.70
N GLU C 29 -39.51 -24.21 -37.13
CA GLU C 29 -40.29 -24.65 -35.99
C GLU C 29 -39.43 -25.02 -34.79
N GLN C 30 -40.04 -25.51 -33.73
CA GLN C 30 -39.31 -25.94 -32.54
C GLN C 30 -39.28 -27.47 -32.42
N ARG C 31 -38.11 -28.05 -32.16
CA ARG C 31 -37.97 -29.50 -32.01
C ARG C 31 -37.24 -29.91 -30.74
N TYR C 32 -37.58 -31.04 -30.19
CA TYR C 32 -36.95 -31.49 -29.00
C TYR C 32 -35.85 -32.33 -29.42
N MSE C 33 -34.68 -31.88 -29.11
CA MSE C 33 -33.51 -32.61 -29.42
C MSE C 33 -33.37 -33.61 -28.31
O MSE C 33 -32.81 -33.31 -27.27
CB MSE C 33 -32.47 -31.57 -29.42
CG MSE C 33 -31.15 -32.18 -29.73
SE MSE C 33 -30.74 -32.28 -31.55
CE MSE C 33 -30.64 -30.42 -31.85
H MSE C 33 -34.53 -31.14 -28.70
HA MSE C 33 -33.57 -33.04 -30.28
HB2 MSE C 33 -32.68 -30.91 -30.09
HB3 MSE C 33 -32.42 -31.16 -28.54
HG2 MSE C 33 -30.46 -31.63 -29.31
HG3 MSE C 33 -31.11 -33.08 -29.37
HE1 MSE C 33 -30.31 -30.26 -32.74
HE2 MSE C 33 -31.52 -30.03 -31.75
HE3 MSE C 33 -30.03 -30.03 -31.20
N LYS C 34 -33.95 -34.77 -28.55
CA LYS C 34 -34.01 -35.84 -27.60
C LYS C 34 -32.67 -36.48 -27.46
N SER C 35 -32.30 -36.87 -26.25
CA SER C 35 -31.03 -37.52 -26.07
C SER C 35 -31.00 -38.92 -26.63
N VAL C 36 -29.82 -39.40 -26.90
CA VAL C 36 -29.63 -40.79 -27.28
C VAL C 36 -30.06 -41.74 -26.12
N LEU C 37 -29.79 -41.33 -24.90
CA LEU C 37 -30.19 -42.04 -23.73
C LEU C 37 -31.73 -42.12 -23.61
N GLU C 38 -32.43 -41.03 -23.79
CA GLU C 38 -33.90 -41.02 -23.80
C GLU C 38 -34.49 -41.84 -24.89
N SER C 39 -33.88 -41.83 -26.05
CA SER C 39 -34.34 -42.67 -27.06
C SER C 39 -34.20 -44.11 -26.55
N LEU C 40 -33.07 -44.48 -25.98
CA LEU C 40 -32.87 -45.81 -25.49
C LEU C 40 -33.83 -46.16 -24.41
N VAL C 41 -34.02 -45.29 -23.47
CA VAL C 41 -34.96 -45.57 -22.44
C VAL C 41 -36.37 -45.83 -23.06
N GLU C 42 -36.80 -45.04 -24.01
CA GLU C 42 -38.09 -45.25 -24.62
C GLU C 42 -38.12 -46.64 -25.27
N ALA C 43 -37.05 -47.06 -25.92
CA ALA C 43 -36.95 -48.37 -26.54
C ALA C 43 -36.97 -49.48 -25.56
N LEU C 44 -36.30 -49.35 -24.45
CA LEU C 44 -36.34 -50.39 -23.47
C LEU C 44 -37.76 -50.55 -22.91
N ASN C 45 -38.40 -49.44 -22.64
CA ASN C 45 -39.75 -49.39 -22.17
C ASN C 45 -40.79 -49.81 -23.12
N GLN C 46 -40.61 -49.57 -24.38
CA GLN C 46 -41.63 -49.86 -25.33
C GLN C 46 -41.48 -50.98 -26.35
N THR C 47 -40.53 -51.87 -26.18
CA THR C 47 -40.39 -52.95 -27.05
C THR C 47 -39.53 -54.07 -26.51
N ALA C 48 -39.35 -55.09 -27.33
CA ALA C 48 -38.63 -56.29 -27.05
C ALA C 48 -37.12 -56.11 -26.64
N LEU C 49 -36.53 -54.97 -26.99
CA LEU C 49 -35.17 -54.56 -26.61
C LEU C 49 -35.15 -54.45 -25.11
N GLY C 50 -36.24 -54.02 -24.57
CA GLY C 50 -36.41 -53.99 -23.15
C GLY C 50 -36.33 -55.34 -22.50
N ASP C 51 -36.92 -56.35 -23.07
CA ASP C 51 -36.80 -57.68 -22.53
C ASP C 51 -35.38 -58.25 -22.59
N ALA C 52 -34.64 -58.00 -23.63
CA ALA C 52 -33.26 -58.41 -23.71
C ALA C 52 -32.24 -57.71 -22.80
N TYR C 53 -32.42 -56.42 -22.53
CA TYR C 53 -31.45 -55.67 -21.78
C TYR C 53 -32.00 -54.95 -20.62
N GLU C 54 -31.20 -54.79 -19.62
CA GLU C 54 -31.58 -54.04 -18.43
C GLU C 54 -30.66 -52.84 -18.32
N LEU C 55 -31.15 -51.62 -18.30
CA LEU C 55 -30.24 -50.56 -18.20
C LEU C 55 -29.78 -50.57 -16.79
N VAL C 56 -28.49 -50.63 -16.59
CA VAL C 56 -27.94 -50.68 -15.23
C VAL C 56 -27.03 -49.52 -14.81
N GLY C 57 -26.39 -48.86 -15.73
CA GLY C 57 -25.58 -47.74 -15.37
C GLY C 57 -25.48 -46.68 -16.43
N VAL C 58 -25.47 -45.45 -16.02
CA VAL C 58 -25.30 -44.32 -16.90
C VAL C 58 -24.12 -43.55 -16.30
N ILE C 59 -22.97 -43.75 -16.86
CA ILE C 59 -21.80 -43.10 -16.36
C ILE C 59 -21.41 -41.79 -17.08
N TYR C 60 -21.09 -40.79 -16.28
CA TYR C 60 -20.61 -39.54 -16.77
C TYR C 60 -19.28 -39.20 -16.14
N ASP C 61 -18.42 -38.64 -16.91
CA ASP C 61 -17.11 -38.27 -16.46
C ASP C 61 -16.83 -36.81 -16.13
N ASP C 62 -17.75 -35.93 -16.35
CA ASP C 62 -17.50 -34.52 -16.20
C ASP C 62 -16.98 -34.16 -14.82
N ASP C 63 -15.97 -33.35 -14.78
CA ASP C 63 -15.38 -32.99 -13.53
C ASP C 63 -15.95 -31.72 -12.97
N ALA C 64 -16.67 -31.79 -11.86
CA ALA C 64 -17.29 -30.63 -11.28
C ALA C 64 -16.31 -29.59 -10.83
N GLU C 65 -15.14 -29.97 -10.41
CA GLU C 65 -14.16 -29.00 -10.06
C GLU C 65 -13.33 -28.43 -11.21
N LEU C 66 -13.49 -28.88 -12.41
CA LEU C 66 -12.72 -28.36 -13.51
C LEU C 66 -13.46 -27.16 -14.10
N PRO C 67 -12.81 -25.99 -14.17
CA PRO C 67 -13.59 -24.85 -14.67
C PRO C 67 -14.14 -25.00 -16.07
N ARG C 68 -13.43 -25.55 -17.00
CA ARG C 68 -14.01 -25.76 -18.30
C ARG C 68 -15.21 -26.76 -18.30
N ASP C 69 -15.21 -27.79 -17.46
CA ASP C 69 -16.34 -28.68 -17.44
C ASP C 69 -17.61 -27.99 -17.00
N GLN C 70 -17.55 -27.18 -15.97
CA GLN C 70 -18.72 -26.45 -15.50
C GLN C 70 -19.23 -25.41 -16.49
N GLY C 71 -18.34 -24.67 -17.09
CA GLY C 71 -18.69 -23.72 -18.09
C GLY C 71 -19.35 -24.36 -19.29
N LYS C 72 -18.91 -25.52 -19.68
CA LYS C 72 -19.50 -26.20 -20.80
C LYS C 72 -20.90 -26.72 -20.58
N ILE C 73 -21.15 -27.27 -19.44
CA ILE C 73 -22.47 -27.75 -19.14
C ILE C 73 -23.23 -26.77 -18.29
N LYS C 74 -22.92 -25.50 -18.40
CA LYS C 74 -23.48 -24.49 -17.53
C LYS C 74 -24.97 -24.33 -17.47
N ASP C 75 -25.67 -24.35 -18.58
CA ASP C 75 -27.13 -24.25 -18.56
C ASP C 75 -27.79 -25.40 -17.82
N TYR C 76 -27.16 -26.56 -17.82
CA TYR C 76 -27.70 -27.69 -17.14
C TYR C 76 -27.35 -27.86 -15.71
N GLY C 77 -26.06 -27.79 -15.46
CA GLY C 77 -25.51 -28.00 -14.17
C GLY C 77 -25.21 -29.47 -14.00
N PHE C 78 -24.35 -29.78 -13.07
CA PHE C 78 -24.01 -31.15 -12.73
C PHE C 78 -25.15 -31.94 -12.12
N ALA C 79 -26.06 -31.26 -11.46
CA ALA C 79 -27.19 -31.91 -10.89
C ALA C 79 -28.45 -31.22 -11.33
N TYR C 80 -29.48 -31.98 -11.52
CA TYR C 80 -30.70 -31.44 -11.92
C TYR C 80 -31.22 -30.60 -10.80
N ARG C 81 -31.77 -29.46 -11.11
CA ARG C 81 -32.37 -28.65 -10.11
C ARG C 81 -33.78 -28.47 -10.61
N PRO C 82 -34.75 -28.68 -9.73
CA PRO C 82 -36.13 -28.66 -10.17
C PRO C 82 -36.53 -27.40 -10.96
N GLY C 83 -37.16 -27.61 -12.10
CA GLY C 83 -37.63 -26.59 -12.98
C GLY C 83 -36.77 -26.05 -14.08
N GLN C 84 -35.46 -26.10 -13.98
CA GLN C 84 -34.54 -25.67 -15.05
C GLN C 84 -34.17 -26.89 -15.84
N GLN C 85 -33.48 -26.63 -16.92
CA GLN C 85 -33.12 -27.55 -17.94
C GLN C 85 -32.33 -28.77 -17.53
N TRP C 86 -32.58 -29.88 -18.19
CA TRP C 86 -31.89 -31.14 -17.97
C TRP C 86 -31.75 -31.86 -19.30
N PHE C 87 -30.96 -32.89 -19.36
CA PHE C 87 -30.75 -33.68 -20.56
C PHE C 87 -31.98 -34.49 -21.08
N TYR C 88 -32.93 -34.72 -20.23
CA TYR C 88 -34.16 -35.43 -20.45
C TYR C 88 -35.09 -35.09 -19.23
N PRO C 89 -36.36 -35.43 -19.27
CA PRO C 89 -37.14 -35.06 -18.10
C PRO C 89 -36.70 -35.71 -16.85
N ALA C 90 -36.50 -34.97 -15.80
CA ALA C 90 -36.03 -35.52 -14.55
C ALA C 90 -36.91 -36.57 -13.95
N ASP C 91 -38.17 -36.64 -14.33
CA ASP C 91 -39.00 -37.73 -13.88
C ASP C 91 -39.01 -38.94 -14.88
N LEU C 92 -38.10 -39.01 -15.85
CA LEU C 92 -38.10 -40.08 -16.83
C LEU C 92 -37.91 -41.38 -16.15
N GLN C 93 -38.62 -42.40 -16.55
CA GLN C 93 -38.48 -43.68 -15.92
C GLN C 93 -38.00 -44.71 -16.87
N VAL C 94 -36.98 -45.46 -16.50
CA VAL C 94 -36.57 -46.51 -17.32
C VAL C 94 -36.83 -47.79 -16.60
N GLN C 95 -37.54 -48.72 -17.20
CA GLN C 95 -37.73 -50.06 -16.63
C GLN C 95 -38.10 -50.07 -15.19
N GLY C 96 -39.17 -49.42 -14.88
CA GLY C 96 -39.61 -49.29 -13.54
C GLY C 96 -38.61 -48.62 -12.67
N LYS C 97 -37.82 -47.70 -13.15
CA LYS C 97 -36.88 -47.01 -12.29
C LYS C 97 -36.81 -45.57 -12.67
N THR C 98 -36.34 -44.71 -11.81
CA THR C 98 -36.11 -43.33 -12.19
C THR C 98 -34.75 -43.31 -12.79
N LEU C 99 -34.59 -42.68 -13.93
CA LEU C 99 -33.30 -42.64 -14.67
C LEU C 99 -32.14 -41.97 -13.91
N ASN C 100 -32.46 -40.90 -13.20
CA ASN C 100 -31.53 -40.14 -12.41
C ASN C 100 -30.84 -40.95 -11.34
N ASP C 101 -31.45 -41.99 -10.85
CA ASP C 101 -30.80 -42.85 -9.90
C ASP C 101 -29.70 -43.75 -10.43
N LEU C 102 -29.58 -43.86 -11.72
CA LEU C 102 -28.52 -44.59 -12.36
C LEU C 102 -27.33 -43.76 -12.88
N LEU C 103 -27.27 -42.49 -12.57
CA LEU C 103 -26.15 -41.68 -12.96
C LEU C 103 -24.96 -41.92 -12.05
N LEU C 104 -23.82 -42.10 -12.64
CA LEU C 104 -22.65 -42.29 -11.85
C LEU C 104 -21.53 -41.44 -12.32
N SER C 105 -21.03 -40.58 -11.46
CA SER C 105 -19.91 -39.79 -11.79
C SER C 105 -18.67 -40.64 -11.59
N VAL C 106 -17.94 -40.92 -12.66
CA VAL C 106 -16.67 -41.61 -12.59
C VAL C 106 -15.80 -40.56 -13.24
N PRO C 107 -15.39 -39.60 -12.46
CA PRO C 107 -14.68 -38.44 -12.97
C PRO C 107 -13.34 -38.62 -13.66
N SER C 108 -13.19 -38.02 -14.80
CA SER C 108 -11.93 -38.04 -15.44
C SER C 108 -11.13 -36.84 -14.95
N THR C 109 -10.80 -36.91 -13.66
CA THR C 109 -9.98 -35.98 -12.89
C THR C 109 -8.54 -35.94 -13.40
N TYR C 110 -8.09 -36.89 -14.21
CA TYR C 110 -6.83 -36.79 -14.89
C TYR C 110 -6.69 -35.51 -15.68
N ARG C 111 -7.73 -34.96 -16.30
CA ARG C 111 -7.73 -33.74 -17.05
C ARG C 111 -7.32 -32.47 -16.27
N ARG C 112 -7.33 -32.41 -14.96
CA ARG C 112 -6.88 -31.26 -14.19
C ARG C 112 -5.42 -30.87 -14.51
N TYR C 113 -4.58 -31.84 -14.86
CA TYR C 113 -3.25 -31.66 -15.34
C TYR C 113 -3.21 -31.46 -16.79
N PRO C 114 -2.15 -30.86 -17.23
CA PRO C 114 -1.98 -30.67 -18.64
C PRO C 114 -1.90 -31.99 -19.34
N ARG C 115 -2.28 -32.04 -20.60
CA ARG C 115 -2.20 -33.25 -21.42
C ARG C 115 -0.74 -33.55 -21.64
N GLY C 116 -0.38 -34.81 -21.62
CA GLY C 116 0.99 -35.28 -21.78
C GLY C 116 1.95 -35.48 -20.60
N THR C 117 1.59 -34.95 -19.47
CA THR C 117 2.34 -35.12 -18.27
C THR C 117 2.20 -36.54 -17.64
N PRO C 118 3.21 -37.01 -16.94
CA PRO C 118 3.08 -38.26 -16.25
C PRO C 118 1.93 -38.26 -15.18
N GLU C 119 1.65 -37.14 -14.56
CA GLU C 119 0.55 -37.02 -13.66
C GLU C 119 -0.74 -37.07 -14.46
N HIS C 120 -0.76 -36.48 -15.63
CA HIS C 120 -1.90 -36.53 -16.50
C HIS C 120 -2.10 -37.91 -17.09
N VAL C 121 -1.05 -38.48 -17.64
CA VAL C 121 -1.10 -39.81 -18.15
C VAL C 121 -1.35 -40.86 -17.10
N ALA C 122 -0.79 -40.70 -15.92
CA ALA C 122 -1.03 -41.65 -14.90
C ALA C 122 -2.45 -41.74 -14.46
N GLY C 123 -3.09 -40.61 -14.31
CA GLY C 123 -4.50 -40.49 -13.99
C GLY C 123 -5.35 -41.10 -15.09
N LYS C 124 -4.90 -41.01 -16.32
CA LYS C 124 -5.59 -41.59 -17.41
C LYS C 124 -5.72 -43.09 -17.18
N SER C 125 -4.78 -43.73 -16.53
CA SER C 125 -4.97 -45.10 -16.19
C SER C 125 -5.97 -45.34 -15.09
N ASP C 126 -5.91 -44.57 -14.01
CA ASP C 126 -6.86 -44.72 -12.90
C ASP C 126 -8.27 -44.31 -13.18
N PHE C 127 -8.49 -43.37 -14.11
CA PHE C 127 -9.83 -43.06 -14.60
C PHE C 127 -10.37 -44.32 -15.24
N GLU C 128 -9.59 -45.01 -16.02
CA GLU C 128 -10.00 -46.24 -16.64
C GLU C 128 -10.32 -47.38 -15.64
N ARG C 129 -9.48 -47.58 -14.65
CA ARG C 129 -9.68 -48.59 -13.66
C ARG C 129 -10.97 -48.40 -12.92
N ARG C 130 -11.34 -47.19 -12.60
CA ARG C 130 -12.60 -47.00 -11.94
C ARG C 130 -13.80 -47.34 -12.83
N LEU C 131 -13.71 -47.01 -14.10
CA LEU C 131 -14.76 -47.36 -14.96
C LEU C 131 -14.92 -48.88 -15.00
N HIS C 132 -13.83 -49.61 -15.19
CA HIS C 132 -13.81 -51.06 -15.24
C HIS C 132 -14.38 -51.64 -13.99
N ASP C 133 -13.98 -51.11 -12.89
CA ASP C 133 -14.49 -51.50 -11.64
C ASP C 133 -15.97 -51.16 -11.47
N THR C 134 -16.44 -50.03 -11.96
CA THR C 134 -17.86 -49.75 -12.07
C THR C 134 -18.46 -50.75 -13.06
N LEU C 135 -17.83 -51.05 -14.16
CA LEU C 135 -18.35 -52.05 -15.05
C LEU C 135 -18.40 -53.48 -14.48
N VAL C 136 -17.54 -53.85 -13.55
CA VAL C 136 -17.66 -55.04 -12.83
C VAL C 136 -18.61 -54.84 -11.66
N GLU C 137 -18.56 -53.75 -10.93
CA GLU C 137 -19.51 -53.56 -9.84
C GLU C 137 -20.98 -53.52 -10.30
N LEU C 138 -21.29 -53.01 -11.48
CA LEU C 138 -22.60 -53.07 -12.03
C LEU C 138 -22.94 -54.50 -12.66
N GLY C 139 -22.02 -55.42 -12.82
CA GLY C 139 -22.26 -56.68 -13.47
C GLY C 139 -22.65 -56.56 -14.90
N ALA C 140 -22.06 -55.63 -15.59
CA ALA C 140 -22.41 -55.36 -16.94
C ALA C 140 -21.97 -56.36 -17.97
N ASP C 141 -22.71 -56.42 -19.06
CA ASP C 141 -22.47 -57.25 -20.19
C ASP C 141 -21.97 -56.45 -21.41
N VAL C 142 -22.63 -55.36 -21.76
CA VAL C 142 -22.23 -54.52 -22.85
C VAL C 142 -22.31 -53.05 -22.45
N VAL C 143 -21.44 -52.24 -22.98
CA VAL C 143 -21.33 -50.85 -22.64
C VAL C 143 -21.60 -49.96 -23.84
N VAL C 144 -22.55 -49.07 -23.73
CA VAL C 144 -22.84 -48.20 -24.82
C VAL C 144 -22.26 -46.83 -24.53
N LEU C 145 -21.51 -46.29 -25.46
CA LEU C 145 -20.90 -45.00 -25.37
C LEU C 145 -21.72 -44.03 -26.22
N ASP C 146 -21.62 -42.77 -25.90
CA ASP C 146 -22.33 -41.69 -26.55
C ASP C 146 -21.54 -40.42 -26.36
N GLY C 147 -20.61 -40.19 -27.23
CA GLY C 147 -19.79 -39.05 -27.15
C GLY C 147 -18.98 -38.84 -25.91
N LEU C 148 -18.55 -39.87 -25.25
CA LEU C 148 -17.72 -39.69 -24.12
C LEU C 148 -16.47 -39.10 -24.73
N LEU C 149 -15.99 -38.03 -24.15
CA LEU C 149 -14.88 -37.34 -24.70
C LEU C 149 -13.47 -37.81 -24.41
N VAL C 150 -13.29 -38.92 -23.76
CA VAL C 150 -12.00 -39.46 -23.47
C VAL C 150 -11.88 -40.62 -24.41
N ILE C 151 -10.79 -40.71 -25.12
CA ILE C 151 -10.51 -41.80 -26.00
C ILE C 151 -10.11 -42.97 -25.17
N LEU C 152 -10.85 -44.05 -25.22
CA LEU C 152 -10.58 -45.24 -24.44
C LEU C 152 -9.32 -45.94 -24.87
N ASP C 153 -8.57 -46.51 -23.99
CA ASP C 153 -7.31 -47.14 -24.41
C ASP C 153 -7.04 -48.44 -23.71
N GLU C 154 -6.69 -48.36 -22.47
CA GLU C 154 -6.43 -49.51 -21.70
C GLU C 154 -7.59 -50.37 -21.42
N LEU C 155 -8.75 -49.79 -21.21
CA LEU C 155 -9.98 -50.53 -21.01
C LEU C 155 -10.39 -51.38 -22.19
N VAL C 156 -9.98 -50.98 -23.33
CA VAL C 156 -10.25 -51.72 -24.52
C VAL C 156 -9.03 -52.29 -25.26
N ARG C 157 -7.95 -52.54 -24.51
CA ARG C 157 -6.73 -53.10 -25.08
C ARG C 157 -6.97 -54.52 -25.35
N PRO C 158 -6.41 -55.03 -26.42
CA PRO C 158 -6.74 -56.35 -26.82
C PRO C 158 -6.44 -57.31 -25.70
N GLY C 159 -7.15 -58.41 -25.68
CA GLY C 159 -6.97 -59.33 -24.61
C GLY C 159 -7.19 -58.71 -23.27
N ALA C 160 -8.33 -58.14 -23.04
CA ALA C 160 -8.73 -57.52 -21.78
C ALA C 160 -10.19 -57.77 -21.54
N PRO C 161 -10.69 -57.48 -20.36
CA PRO C 161 -12.08 -57.81 -20.15
C PRO C 161 -13.12 -57.14 -21.06
N PHE C 162 -13.04 -55.87 -21.35
CA PHE C 162 -14.02 -55.27 -22.17
C PHE C 162 -13.59 -54.92 -23.57
N ALA C 163 -12.55 -55.50 -24.11
CA ALA C 163 -12.09 -55.11 -25.44
C ALA C 163 -13.09 -55.32 -26.54
N ARG C 164 -13.91 -56.33 -26.43
CA ARG C 164 -14.98 -56.53 -27.35
C ARG C 164 -16.39 -56.36 -26.74
N ARG C 165 -16.49 -55.67 -25.65
CA ARG C 165 -17.74 -55.31 -25.05
C ARG C 165 -18.00 -53.79 -24.91
N ILE C 166 -17.30 -52.94 -25.59
CA ILE C 166 -17.57 -51.55 -25.48
C ILE C 166 -17.99 -51.15 -26.85
N MSE C 167 -19.16 -50.54 -26.97
CA MSE C 167 -19.72 -50.07 -28.24
C MSE C 167 -19.86 -48.60 -28.36
O MSE C 167 -19.70 -47.94 -27.43
CB MSE C 167 -21.02 -50.71 -28.54
CG MSE C 167 -21.08 -52.11 -28.04
SE MSE C 167 -19.94 -53.24 -29.01
CE MSE C 167 -20.05 -54.63 -27.73
H MSE C 167 -19.68 -50.39 -26.30
HA MSE C 167 -19.09 -50.36 -28.92
HB2 MSE C 167 -21.72 -50.21 -28.11
HB3 MSE C 167 -21.16 -50.73 -29.50
HG2 MSE C 167 -20.85 -52.15 -27.10
HG3 MSE C 167 -21.99 -52.43 -28.16
HE1 MSE C 167 -19.46 -55.35 -27.99
HE2 MSE C 167 -19.79 -54.27 -26.87
HE3 MSE C 167 -20.97 -54.94 -27.69
N ASN C 168 -20.08 -48.06 -29.50
CA ASN C 168 -20.09 -46.66 -29.69
C ASN C 168 -21.15 -46.27 -30.68
N ILE C 169 -21.92 -45.25 -30.42
CA ILE C 169 -22.90 -44.82 -31.39
C ILE C 169 -22.33 -43.55 -32.03
N HIS C 170 -21.97 -43.62 -33.29
CA HIS C 170 -21.29 -42.54 -33.92
C HIS C 170 -22.08 -41.91 -35.03
N PRO C 171 -22.31 -40.59 -35.02
CA PRO C 171 -23.11 -39.89 -36.01
C PRO C 171 -22.46 -39.62 -37.32
N GLY C 172 -22.20 -40.73 -37.97
CA GLY C 172 -21.68 -40.83 -39.28
C GLY C 172 -21.48 -42.25 -39.69
N VAL C 173 -21.14 -42.48 -40.93
CA VAL C 173 -20.81 -43.80 -41.34
C VAL C 173 -19.36 -44.08 -41.01
N THR C 174 -19.02 -45.30 -40.78
CA THR C 174 -17.63 -45.67 -40.57
C THR C 174 -17.08 -46.84 -41.38
N ARG C 175 -17.91 -47.55 -42.11
CA ARG C 175 -17.47 -48.66 -42.89
C ARG C 175 -16.34 -48.09 -43.68
N GLU C 176 -15.17 -48.71 -43.62
CA GLU C 176 -14.04 -48.23 -44.41
C GLU C 176 -14.30 -48.31 -45.91
N ASP C 177 -15.17 -49.19 -46.36
CA ASP C 177 -15.44 -49.19 -47.78
C ASP C 177 -16.51 -48.21 -48.29
N SER C 178 -16.95 -47.28 -47.49
CA SER C 178 -18.05 -46.41 -47.84
C SER C 178 -17.77 -45.24 -48.72
N PRO C 179 -18.71 -44.90 -49.55
CA PRO C 179 -18.62 -43.60 -50.19
C PRO C 179 -19.12 -42.51 -49.22
N TYR C 180 -19.91 -42.85 -48.25
CA TYR C 180 -20.35 -41.86 -47.32
C TYR C 180 -19.65 -41.87 -45.92
N GLU C 181 -18.41 -42.34 -45.87
CA GLU C 181 -17.71 -42.45 -44.64
C GLU C 181 -17.46 -41.12 -44.00
N ARG C 182 -17.91 -40.98 -42.77
CA ARG C 182 -17.74 -39.76 -42.02
C ARG C 182 -17.30 -40.00 -40.56
N ARG C 183 -16.04 -40.26 -40.32
CA ARG C 183 -15.55 -40.52 -38.97
C ARG C 183 -14.91 -39.34 -38.26
N GLY C 184 -14.55 -39.50 -37.04
CA GLY C 184 -13.93 -38.42 -36.36
C GLY C 184 -14.80 -37.44 -35.62
N ALA C 185 -14.14 -36.50 -34.99
CA ALA C 185 -14.81 -35.48 -34.23
C ALA C 185 -15.76 -34.55 -34.99
N TYR C 186 -15.49 -34.36 -36.27
CA TYR C 186 -16.21 -33.51 -37.12
C TYR C 186 -17.25 -34.14 -38.01
N ALA C 187 -17.81 -35.27 -37.64
CA ALA C 187 -18.68 -35.97 -38.51
C ALA C 187 -19.89 -35.23 -38.97
N THR C 188 -20.51 -34.47 -38.10
CA THR C 188 -21.69 -33.70 -38.48
C THR C 188 -21.43 -32.57 -39.43
N LEU C 189 -20.42 -31.80 -39.18
CA LEU C 189 -20.05 -30.73 -40.04
C LEU C 189 -19.51 -31.20 -41.38
N ASP C 190 -18.71 -32.22 -41.39
CA ASP C 190 -18.18 -32.74 -42.61
C ASP C 190 -19.33 -33.16 -43.46
N ALA C 191 -20.36 -33.75 -42.88
CA ALA C 191 -21.59 -34.10 -43.57
C ALA C 191 -22.37 -32.87 -44.06
N LEU C 192 -22.52 -31.86 -43.25
CA LEU C 192 -23.20 -30.68 -43.69
C LEU C 192 -22.46 -29.95 -44.81
N TYR C 193 -21.16 -29.77 -44.67
CA TYR C 193 -20.41 -29.17 -45.76
C TYR C 193 -20.41 -29.97 -47.01
N GLY C 194 -20.35 -31.27 -46.93
CA GLY C 194 -20.33 -32.12 -48.09
C GLY C 194 -21.54 -31.97 -49.00
N ALA C 195 -22.72 -31.77 -48.44
CA ALA C 195 -23.93 -31.52 -49.20
C ALA C 195 -23.94 -30.19 -49.98
N ARG C 196 -23.01 -29.33 -49.65
CA ARG C 196 -22.78 -28.13 -50.37
C ARG C 196 -21.53 -28.26 -51.29
N GLY C 197 -21.06 -29.46 -51.51
CA GLY C 197 -19.88 -29.65 -52.30
C GLY C 197 -18.64 -28.96 -51.83
N GLU C 198 -18.40 -28.96 -50.54
CA GLU C 198 -17.25 -28.33 -49.90
C GLU C 198 -16.56 -29.29 -48.99
N LYS C 199 -15.34 -29.05 -48.61
CA LYS C 199 -14.68 -29.88 -47.62
C LYS C 199 -13.76 -28.95 -46.85
N VAL C 200 -14.02 -28.74 -45.60
CA VAL C 200 -13.24 -27.83 -44.86
C VAL C 200 -11.94 -28.51 -44.64
N VAL C 201 -10.88 -27.79 -44.93
CA VAL C 201 -9.56 -28.27 -44.65
C VAL C 201 -8.92 -27.66 -43.46
N ASP C 202 -9.32 -26.51 -42.94
CA ASP C 202 -8.67 -25.97 -41.82
C ASP C 202 -9.74 -25.41 -40.89
N TRP C 203 -9.91 -25.94 -39.70
CA TRP C 203 -10.94 -25.48 -38.77
C TRP C 203 -10.79 -24.10 -38.08
N ALA C 204 -9.58 -23.64 -37.74
CA ALA C 204 -9.39 -22.32 -37.09
C ALA C 204 -9.90 -21.30 -38.05
N THR C 205 -9.33 -21.31 -39.23
CA THR C 205 -9.91 -20.62 -40.34
C THR C 205 -10.89 -21.62 -40.96
N MSE C 206 -11.49 -21.33 -42.10
CA MSE C 206 -12.33 -22.33 -42.72
C MSE C 206 -11.99 -22.49 -44.14
O MSE C 206 -12.76 -22.17 -45.01
CB MSE C 206 -13.77 -21.98 -42.60
CG MSE C 206 -14.26 -21.94 -41.17
SE MSE C 206 -14.51 -23.61 -40.33
CE MSE C 206 -14.65 -22.51 -38.82
H MSE C 206 -11.42 -20.58 -42.52
HA MSE C 206 -12.20 -23.19 -42.29
HB2 MSE C 206 -13.92 -21.10 -42.99
HB3 MSE C 206 -14.30 -22.64 -43.08
HG2 MSE C 206 -13.62 -21.44 -40.64
HG3 MSE C 206 -15.11 -21.48 -41.17
HE1 MSE C 206 -15.00 -23.03 -38.08
HE2 MSE C 206 -13.77 -22.16 -38.59
HE3 MSE C 206 -15.25 -21.77 -39.01
N GLU C 207 -10.80 -22.99 -44.41
CA GLU C 207 -10.38 -23.21 -45.76
C GLU C 207 -11.16 -24.38 -46.29
N LYS C 208 -11.61 -24.30 -47.51
CA LYS C 208 -12.36 -25.34 -48.03
C LYS C 208 -11.78 -25.80 -49.37
N VAL C 209 -12.23 -26.94 -49.82
CA VAL C 209 -11.90 -27.53 -51.08
C VAL C 209 -13.20 -28.09 -51.64
N ALA C 210 -13.63 -27.64 -52.80
CA ALA C 210 -14.88 -28.10 -53.32
C ALA C 210 -14.75 -29.56 -53.68
N VAL C 211 -15.77 -30.34 -53.41
CA VAL C 211 -15.78 -31.77 -53.63
C VAL C 211 -17.19 -32.24 -54.05
N GLU C 212 -17.39 -33.53 -54.29
CA GLU C 212 -18.68 -34.05 -54.72
C GLU C 212 -19.67 -33.71 -53.69
N PRO C 213 -20.86 -33.36 -54.10
CA PRO C 213 -21.83 -33.13 -53.08
C PRO C 213 -22.23 -34.45 -52.50
N LEU C 214 -22.31 -34.54 -51.21
CA LEU C 214 -22.74 -35.75 -50.66
C LEU C 214 -24.01 -35.40 -49.94
N TYR C 215 -25.05 -36.09 -50.27
CA TYR C 215 -26.32 -35.85 -49.68
C TYR C 215 -26.81 -36.86 -48.65
N TRP C 216 -26.02 -37.84 -48.28
CA TRP C 216 -26.44 -38.76 -47.28
C TRP C 216 -25.44 -38.89 -46.14
N THR C 217 -25.94 -39.07 -44.95
CA THR C 217 -25.17 -39.27 -43.77
C THR C 217 -25.86 -40.32 -42.91
N GLY C 218 -25.19 -40.71 -41.86
CA GLY C 218 -25.65 -41.79 -41.05
C GLY C 218 -25.05 -41.92 -39.69
N ALA C 219 -25.02 -43.12 -39.20
CA ALA C 219 -24.54 -43.44 -37.89
C ALA C 219 -24.01 -44.83 -37.93
N SER C 220 -22.95 -45.09 -37.17
CA SER C 220 -22.36 -46.39 -37.04
C SER C 220 -22.30 -46.87 -35.56
N PHE C 221 -22.82 -48.07 -35.33
CA PHE C 221 -22.78 -48.75 -34.05
C PHE C 221 -21.64 -49.76 -34.11
N HIS C 222 -20.65 -49.56 -33.28
CA HIS C 222 -19.53 -50.41 -33.31
C HIS C 222 -18.76 -50.75 -32.03
N TYR C 223 -17.96 -51.78 -32.16
CA TYR C 223 -17.10 -52.22 -31.14
C TYR C 223 -16.03 -51.13 -30.95
N VAL C 224 -15.19 -51.24 -29.93
CA VAL C 224 -14.23 -50.19 -29.65
C VAL C 224 -12.71 -50.54 -29.66
N ASP C 225 -11.87 -49.70 -30.29
CA ASP C 225 -10.39 -49.80 -30.48
C ASP C 225 -9.96 -50.93 -31.42
N GLY C 231 -11.65 -50.93 -36.33
CA GLY C 231 -12.83 -50.52 -35.60
C GLY C 231 -14.07 -51.03 -36.28
N GLU C 232 -14.29 -52.34 -36.16
CA GLU C 232 -15.38 -53.05 -36.84
C GLU C 232 -16.78 -52.43 -36.63
N VAL C 233 -17.59 -52.42 -37.66
CA VAL C 233 -18.92 -51.90 -37.63
C VAL C 233 -19.89 -53.00 -37.40
N PHE C 234 -20.47 -53.11 -36.23
CA PHE C 234 -21.43 -54.14 -36.07
C PHE C 234 -22.74 -53.95 -36.85
N HIS C 235 -23.31 -52.76 -36.76
CA HIS C 235 -24.49 -52.37 -37.48
C HIS C 235 -24.43 -50.89 -37.82
N ASP C 236 -24.94 -50.52 -38.96
CA ASP C 236 -24.97 -49.15 -39.36
C ASP C 236 -26.19 -48.83 -40.15
N VAL C 237 -26.49 -47.54 -40.23
CA VAL C 237 -27.67 -46.99 -40.91
C VAL C 237 -27.29 -45.74 -41.67
N LEU C 238 -27.80 -45.57 -42.85
CA LEU C 238 -27.57 -44.40 -43.67
C LEU C 238 -28.90 -43.81 -44.25
N LYS C 239 -29.79 -43.38 -43.37
CA LYS C 239 -31.09 -42.85 -43.77
C LYS C 239 -31.29 -41.35 -43.53
N THR C 240 -30.28 -40.55 -43.83
CA THR C 240 -30.34 -39.12 -43.57
C THR C 240 -30.01 -38.24 -44.81
N GLU C 241 -31.05 -37.73 -45.49
CA GLU C 241 -30.93 -36.87 -46.64
C GLU C 241 -30.30 -35.65 -46.12
N ILE C 242 -29.27 -35.17 -46.79
CA ILE C 242 -28.69 -33.95 -46.37
C ILE C 242 -28.96 -32.93 -47.44
N SER C 243 -29.27 -31.73 -47.06
CA SER C 243 -29.49 -30.72 -48.03
C SER C 243 -28.68 -29.51 -47.73
N PRO C 244 -28.27 -28.79 -48.76
CA PRO C 244 -27.47 -27.59 -48.65
C PRO C 244 -28.13 -26.57 -47.76
N ASP C 245 -29.40 -26.47 -47.84
CA ASP C 245 -30.07 -25.56 -47.00
C ASP C 245 -30.21 -25.99 -45.52
N ASP C 246 -29.69 -27.12 -45.12
CA ASP C 246 -29.79 -27.50 -43.74
C ASP C 246 -28.87 -26.75 -42.86
N THR C 247 -29.22 -26.65 -41.60
CA THR C 247 -28.42 -26.05 -40.56
C THR C 247 -27.83 -27.18 -39.66
N ILE C 248 -26.79 -26.93 -38.88
CA ILE C 248 -26.22 -27.96 -38.02
C ILE C 248 -27.29 -28.46 -37.02
N LEU C 249 -28.07 -27.58 -36.46
CA LEU C 249 -29.13 -28.01 -35.60
C LEU C 249 -30.10 -28.90 -36.30
N GLU C 250 -30.44 -28.61 -37.54
CA GLU C 250 -31.30 -29.45 -38.36
C GLU C 250 -30.75 -30.80 -38.81
N LEU C 251 -29.52 -30.83 -39.26
CA LEU C 251 -28.84 -32.05 -39.64
C LEU C 251 -28.64 -32.95 -38.44
N ARG C 252 -28.29 -32.36 -37.25
N ARG C 252 -28.30 -32.36 -37.31
CA ARG C 252 -28.09 -33.15 -36.06
CA ARG C 252 -28.13 -33.14 -36.12
C ARG C 252 -29.32 -33.84 -35.61
C ARG C 252 -29.35 -33.80 -35.61
N TRP C 253 -30.46 -33.12 -35.58
CA TRP C 253 -31.73 -33.69 -35.15
C TRP C 253 -32.26 -34.73 -36.10
N ASN C 254 -32.13 -34.50 -37.40
CA ASN C 254 -32.54 -35.46 -38.38
C ASN C 254 -31.77 -36.78 -38.24
N ASN C 255 -30.46 -36.75 -38.12
CA ASN C 255 -29.67 -37.96 -38.06
C ASN C 255 -30.00 -38.77 -36.86
N PHE C 256 -30.14 -38.13 -35.74
CA PHE C 256 -30.47 -38.84 -34.55
C PHE C 256 -31.80 -39.53 -34.70
N ASN C 257 -32.81 -38.81 -35.06
CA ASN C 257 -34.14 -39.30 -35.29
C ASN C 257 -34.35 -40.28 -36.48
N ASN C 258 -33.80 -39.98 -37.62
CA ASN C 258 -33.76 -40.85 -38.80
C ASN C 258 -32.84 -42.05 -38.81
N SER C 259 -31.64 -41.91 -38.26
CA SER C 259 -30.65 -42.98 -38.32
C SER C 259 -29.93 -43.50 -37.06
N LEU C 260 -29.56 -42.60 -36.19
CA LEU C 260 -28.89 -42.89 -34.94
C LEU C 260 -29.75 -43.56 -33.87
N PHE C 261 -30.94 -43.13 -33.64
CA PHE C 261 -31.74 -43.86 -32.71
C PHE C 261 -32.02 -45.27 -33.29
N PRO C 262 -32.45 -45.38 -34.55
CA PRO C 262 -32.60 -46.75 -35.07
C PRO C 262 -31.29 -47.50 -35.14
N ALA C 263 -30.19 -46.95 -35.47
CA ALA C 263 -28.97 -47.71 -35.52
C ALA C 263 -28.61 -48.36 -34.19
N LEU C 264 -28.70 -47.63 -33.10
CA LEU C 264 -28.38 -48.20 -31.83
C LEU C 264 -29.32 -49.32 -31.37
N HIS C 265 -30.63 -49.10 -31.38
CA HIS C 265 -31.58 -50.08 -30.98
C HIS C 265 -31.54 -51.34 -31.85
N GLU C 266 -31.50 -51.21 -33.15
CA GLU C 266 -31.39 -52.34 -33.99
C GLU C 266 -30.05 -53.07 -33.79
N GLY C 267 -28.97 -52.33 -33.71
CA GLY C 267 -27.71 -52.89 -33.44
C GLY C 267 -27.73 -53.55 -32.08
N LEU C 268 -28.30 -52.92 -31.07
CA LEU C 268 -28.49 -53.56 -29.80
C LEU C 268 -29.49 -54.74 -29.96
N ALA C 269 -30.43 -54.67 -30.85
CA ALA C 269 -31.31 -55.80 -31.08
C ALA C 269 -30.61 -57.06 -31.61
N LEU C 270 -29.81 -56.85 -32.62
CA LEU C 270 -29.00 -57.86 -33.21
C LEU C 270 -27.88 -58.40 -32.27
N LEU C 271 -27.31 -57.55 -31.46
CA LEU C 271 -26.20 -57.92 -30.61
C LEU C 271 -26.44 -58.79 -29.40
N ALA C 272 -27.64 -58.92 -28.95
CA ALA C 272 -27.93 -59.68 -27.78
C ALA C 272 -27.46 -61.06 -27.80
N GLU C 273 -27.49 -61.75 -28.92
CA GLU C 273 -26.94 -63.07 -29.02
C GLU C 273 -25.44 -63.10 -29.28
N LYS C 274 -24.69 -62.05 -29.00
CA LYS C 274 -23.32 -61.94 -29.36
C LYS C 274 -23.07 -62.38 -30.79
N THR D 2 -42.07 1.89 -49.42
CA THR D 2 -41.54 2.57 -48.25
C THR D 2 -39.97 2.54 -48.13
N LYS D 3 -39.45 2.94 -47.01
CA LYS D 3 -38.04 2.96 -46.88
C LYS D 3 -37.48 1.59 -46.87
N ARG D 4 -36.41 1.35 -47.63
CA ARG D 4 -35.77 0.05 -47.58
C ARG D 4 -35.29 -0.08 -46.16
N LYS D 5 -35.25 -1.27 -45.62
CA LYS D 5 -34.90 -1.41 -44.24
C LYS D 5 -33.48 -1.86 -44.02
N LEU D 6 -32.79 -1.20 -43.13
CA LEU D 6 -31.40 -1.39 -42.88
C LEU D 6 -31.04 -1.81 -41.46
N ALA D 7 -30.23 -2.84 -41.32
CA ALA D 7 -29.83 -3.29 -40.01
C ALA D 7 -28.38 -2.94 -39.81
N TYR D 8 -28.00 -2.53 -38.63
CA TYR D 8 -26.64 -2.20 -38.36
C TYR D 8 -25.99 -3.25 -37.42
N ILE D 9 -24.86 -3.80 -37.82
CA ILE D 9 -24.10 -4.75 -37.06
C ILE D 9 -22.60 -4.39 -36.77
N TRP D 10 -22.29 -4.20 -35.50
CA TRP D 10 -20.99 -3.91 -34.96
C TRP D 10 -20.59 -4.84 -33.79
N SER D 11 -19.35 -4.73 -33.41
CA SER D 11 -18.86 -5.48 -32.29
C SER D 11 -18.59 -4.37 -31.32
N LEU D 12 -19.25 -4.39 -30.21
CA LEU D 12 -19.10 -3.40 -29.19
C LEU D 12 -17.66 -3.26 -28.73
N ARG D 13 -16.92 -4.37 -28.69
CA ARG D 13 -15.55 -4.37 -28.29
C ARG D 13 -14.62 -3.62 -29.22
N ASN D 14 -14.81 -3.72 -30.53
CA ASN D 14 -14.08 -2.96 -31.52
C ASN D 14 -14.40 -1.46 -31.40
N ALA D 15 -15.65 -1.13 -31.11
CA ALA D 15 -16.09 0.23 -30.89
C ALA D 15 -15.41 0.86 -29.73
N ALA D 16 -15.30 0.14 -28.63
CA ALA D 16 -14.67 0.56 -27.34
C ALA D 16 -13.20 0.72 -27.42
N ALA D 17 -12.58 -0.21 -28.10
CA ALA D 17 -11.19 -0.15 -28.35
C ALA D 17 -10.87 1.11 -29.08
N ASP D 18 -11.73 1.55 -29.96
CA ASP D 18 -11.51 2.78 -30.63
C ASP D 18 -12.03 4.07 -29.89
N LYS D 19 -12.48 3.94 -28.69
CA LYS D 19 -12.98 5.02 -27.92
C LYS D 19 -14.19 5.82 -28.45
N ALA D 20 -15.13 5.09 -29.01
CA ALA D 20 -16.32 5.61 -29.55
C ALA D 20 -17.12 6.29 -28.46
N GLY D 21 -17.68 7.41 -28.80
CA GLY D 21 -18.39 8.23 -27.87
C GLY D 21 -17.57 8.87 -26.78
N GLN D 22 -16.27 8.99 -27.01
CA GLN D 22 -15.35 9.54 -26.04
C GLN D 22 -14.66 10.73 -26.62
N TYR D 23 -14.20 11.60 -25.77
CA TYR D 23 -13.42 12.69 -26.24
C TYR D 23 -11.95 12.28 -26.09
N VAL D 24 -11.19 12.38 -27.16
CA VAL D 24 -9.81 11.99 -27.22
C VAL D 24 -8.97 13.19 -27.49
N PRO D 25 -7.80 13.20 -27.01
CA PRO D 25 -7.04 14.37 -27.35
C PRO D 25 -6.78 14.47 -28.86
N TYR D 26 -6.79 15.66 -29.38
CA TYR D 26 -6.58 15.92 -30.79
C TYR D 26 -5.49 17.00 -30.94
N LYS D 27 -5.01 17.29 -32.12
CA LYS D 27 -3.85 18.17 -32.35
C LYS D 27 -3.92 19.46 -31.65
N GLY D 28 -5.08 19.99 -31.55
CA GLY D 28 -5.24 21.20 -30.83
C GLY D 28 -5.58 20.68 -29.45
N GLU D 29 -6.83 20.75 -29.05
CA GLU D 29 -7.12 20.27 -27.74
C GLU D 29 -7.88 18.91 -27.67
N GLN D 30 -9.15 18.90 -27.91
CA GLN D 30 -9.86 17.67 -27.87
C GLN D 30 -10.85 17.40 -29.02
N ARG D 31 -11.14 16.15 -29.26
CA ARG D 31 -12.14 15.79 -30.19
C ARG D 31 -13.08 14.66 -29.70
N TYR D 32 -14.36 14.83 -29.98
CA TYR D 32 -15.33 13.79 -29.74
C TYR D 32 -15.02 12.73 -30.79
N MSE D 33 -15.06 11.48 -30.39
CA MSE D 33 -14.83 10.43 -31.34
C MSE D 33 -16.12 9.81 -31.65
O MSE D 33 -16.37 8.77 -31.16
CB MSE D 33 -13.86 9.49 -30.73
CG MSE D 33 -13.67 8.35 -31.66
SE MSE D 33 -12.68 8.81 -33.19
CE MSE D 33 -10.98 8.82 -32.35
H MSE D 33 -15.22 11.22 -29.58
HA MSE D 33 -14.42 10.80 -32.15
HB2 MSE D 33 -13.01 9.93 -30.58
HB3 MSE D 33 -14.22 9.15 -29.90
HG2 MSE D 33 -13.15 7.67 -31.19
HG3 MSE D 33 -14.50 7.96 -31.95
HE1 MSE D 33 -10.30 9.08 -33.00
HE2 MSE D 33 -11.00 9.45 -31.61
HE3 MSE D 33 -10.79 7.92 -32.01
N LYS D 34 -16.87 10.43 -32.52
CA LYS D 34 -18.14 9.97 -32.90
C LYS D 34 -18.08 8.61 -33.53
N SER D 35 -18.95 7.75 -33.10
CA SER D 35 -19.05 6.45 -33.70
C SER D 35 -19.62 6.56 -35.13
N VAL D 36 -19.32 5.57 -35.94
CA VAL D 36 -19.83 5.42 -37.29
C VAL D 36 -21.36 5.38 -37.34
N LEU D 37 -21.99 4.69 -36.43
CA LEU D 37 -23.40 4.69 -36.33
C LEU D 37 -23.93 6.07 -35.92
N GLU D 38 -23.29 6.82 -35.06
CA GLU D 38 -23.82 8.13 -34.73
C GLU D 38 -23.83 9.04 -35.95
N SER D 39 -22.90 8.83 -36.90
CA SER D 39 -22.91 9.57 -38.09
C SER D 39 -24.05 9.20 -39.02
N LEU D 40 -24.19 7.93 -39.23
CA LEU D 40 -25.21 7.32 -40.03
C LEU D 40 -26.59 7.68 -39.46
N VAL D 41 -26.75 7.63 -38.16
CA VAL D 41 -27.99 8.07 -37.55
C VAL D 41 -28.27 9.52 -37.87
N GLU D 42 -27.25 10.32 -37.85
CA GLU D 42 -27.31 11.67 -38.21
C GLU D 42 -27.71 11.89 -39.67
N ALA D 43 -27.34 11.02 -40.57
CA ALA D 43 -27.81 11.08 -41.93
C ALA D 43 -29.28 10.80 -42.08
N LEU D 44 -29.81 9.83 -41.41
CA LEU D 44 -31.19 9.56 -41.48
C LEU D 44 -32.03 10.67 -40.93
N ASN D 45 -31.62 11.32 -39.86
CA ASN D 45 -32.36 12.43 -39.33
C ASN D 45 -32.33 13.73 -40.10
N GLN D 46 -31.16 14.09 -40.55
CA GLN D 46 -30.89 15.32 -41.21
C GLN D 46 -30.73 15.38 -42.77
N THR D 47 -31.03 14.33 -43.48
CA THR D 47 -30.84 14.30 -44.88
C THR D 47 -31.90 13.47 -45.56
N ALA D 48 -31.81 13.46 -46.85
CA ALA D 48 -32.65 12.63 -47.65
C ALA D 48 -32.36 11.11 -47.48
N LEU D 49 -31.31 10.72 -46.79
CA LEU D 49 -30.99 9.35 -46.53
C LEU D 49 -32.10 8.67 -45.72
N GLY D 50 -32.73 9.38 -44.81
CA GLY D 50 -33.83 8.88 -44.06
C GLY D 50 -34.98 8.43 -44.91
N ASP D 51 -35.24 9.12 -45.99
CA ASP D 51 -36.25 8.70 -46.90
C ASP D 51 -35.85 7.38 -47.56
N ALA D 52 -34.61 7.26 -47.87
CA ALA D 52 -34.10 6.09 -48.47
C ALA D 52 -34.17 4.85 -47.57
N TYR D 53 -33.90 5.02 -46.29
CA TYR D 53 -33.89 3.92 -45.39
C TYR D 53 -34.50 4.12 -44.01
N GLU D 54 -34.96 3.05 -43.43
CA GLU D 54 -35.40 3.05 -42.03
C GLU D 54 -34.45 2.20 -41.27
N LEU D 55 -34.09 2.58 -40.06
CA LEU D 55 -33.16 1.76 -39.30
C LEU D 55 -33.96 0.77 -38.47
N VAL D 56 -33.80 -0.51 -38.73
CA VAL D 56 -34.51 -1.53 -37.99
C VAL D 56 -33.85 -2.06 -36.68
N GLY D 57 -32.55 -2.28 -36.71
CA GLY D 57 -31.87 -2.71 -35.53
C GLY D 57 -30.40 -2.42 -35.46
N VAL D 58 -29.87 -2.43 -34.26
CA VAL D 58 -28.47 -2.25 -34.01
C VAL D 58 -28.04 -3.52 -33.28
N ILE D 59 -27.54 -4.47 -34.00
CA ILE D 59 -27.16 -5.78 -33.51
C ILE D 59 -25.71 -5.96 -33.10
N TYR D 60 -25.49 -6.38 -31.88
CA TYR D 60 -24.16 -6.59 -31.45
C TYR D 60 -23.96 -8.02 -31.02
N ASP D 61 -22.76 -8.52 -31.16
CA ASP D 61 -22.40 -9.85 -30.79
C ASP D 61 -21.54 -10.14 -29.54
N ASP D 62 -21.25 -9.15 -28.76
CA ASP D 62 -20.44 -9.29 -27.60
C ASP D 62 -21.10 -10.19 -26.57
N ASP D 63 -20.33 -11.03 -25.90
CA ASP D 63 -20.83 -11.99 -24.95
C ASP D 63 -20.65 -11.56 -23.56
N ALA D 64 -21.73 -11.35 -22.83
CA ALA D 64 -21.69 -10.97 -21.44
C ALA D 64 -21.06 -11.99 -20.48
N GLU D 65 -21.24 -13.24 -20.75
CA GLU D 65 -20.63 -14.28 -20.02
C GLU D 65 -19.12 -14.33 -20.24
N LEU D 66 -18.62 -13.99 -21.40
CA LEU D 66 -17.20 -14.06 -21.68
C LEU D 66 -16.42 -12.98 -20.99
N PRO D 67 -15.36 -13.30 -20.32
CA PRO D 67 -14.62 -12.28 -19.61
C PRO D 67 -13.92 -11.26 -20.50
N ARG D 68 -13.28 -11.67 -21.59
CA ARG D 68 -12.54 -10.81 -22.47
C ARG D 68 -13.40 -9.70 -23.06
N ASP D 69 -14.64 -9.98 -23.38
CA ASP D 69 -15.56 -8.96 -23.79
C ASP D 69 -15.85 -8.00 -22.67
N GLN D 70 -16.04 -8.49 -21.47
CA GLN D 70 -16.29 -7.67 -20.31
C GLN D 70 -15.10 -6.73 -19.99
N GLY D 71 -13.88 -7.22 -20.09
CA GLY D 71 -12.69 -6.44 -19.92
C GLY D 71 -12.50 -5.35 -20.94
N LYS D 72 -12.74 -5.61 -22.21
CA LYS D 72 -12.67 -4.63 -23.28
C LYS D 72 -13.75 -3.53 -23.21
N ILE D 73 -14.96 -3.91 -22.95
CA ILE D 73 -16.07 -3.07 -22.81
C ILE D 73 -16.23 -2.42 -21.43
N LYS D 74 -15.33 -2.66 -20.51
CA LYS D 74 -15.49 -2.24 -19.10
C LYS D 74 -15.76 -0.77 -18.85
N ASP D 75 -15.10 0.08 -19.60
CA ASP D 75 -15.32 1.51 -19.58
C ASP D 75 -16.78 1.88 -19.96
N TYR D 76 -17.43 1.06 -20.74
CA TYR D 76 -18.77 1.30 -21.21
C TYR D 76 -19.87 0.45 -20.60
N GLY D 77 -19.60 -0.85 -20.58
CA GLY D 77 -20.48 -1.82 -20.05
C GLY D 77 -21.37 -2.39 -21.10
N PHE D 78 -21.98 -3.50 -20.78
CA PHE D 78 -22.92 -4.15 -21.68
C PHE D 78 -24.18 -3.34 -21.83
N ALA D 79 -24.62 -2.70 -20.77
CA ALA D 79 -25.79 -1.86 -20.84
C ALA D 79 -25.47 -0.45 -20.29
N TYR D 80 -26.06 0.56 -20.85
CA TYR D 80 -25.70 1.86 -20.42
C TYR D 80 -25.97 2.13 -18.93
N ARG D 81 -25.06 2.83 -18.28
CA ARG D 81 -25.17 3.24 -16.92
C ARG D 81 -25.49 4.70 -17.03
N PRO D 82 -26.65 5.14 -16.49
CA PRO D 82 -27.14 6.51 -16.57
C PRO D 82 -26.14 7.54 -16.13
N GLY D 83 -25.89 8.49 -17.00
CA GLY D 83 -24.90 9.50 -16.78
C GLY D 83 -23.45 9.13 -17.00
N GLN D 84 -23.17 7.87 -17.19
CA GLN D 84 -21.83 7.34 -17.39
C GLN D 84 -21.44 7.26 -18.84
N GLN D 85 -20.32 6.66 -19.15
CA GLN D 85 -19.83 6.62 -20.50
C GLN D 85 -20.55 5.63 -21.44
N TRP D 86 -20.82 6.07 -22.64
CA TRP D 86 -21.52 5.28 -23.61
C TRP D 86 -20.87 5.47 -24.96
N PHE D 87 -21.32 4.65 -25.87
CA PHE D 87 -20.94 4.66 -27.25
C PHE D 87 -21.41 5.89 -28.08
N TYR D 88 -22.46 6.51 -27.60
CA TYR D 88 -23.13 7.64 -28.16
C TYR D 88 -24.04 8.18 -27.05
N PRO D 89 -24.62 9.34 -27.21
CA PRO D 89 -25.44 9.86 -26.16
C PRO D 89 -26.58 8.96 -25.84
N ALA D 90 -26.83 8.72 -24.60
CA ALA D 90 -27.88 7.79 -24.21
C ALA D 90 -29.24 8.12 -24.77
N ASP D 91 -29.57 9.37 -24.86
CA ASP D 91 -30.84 9.74 -25.38
C ASP D 91 -30.85 10.01 -26.86
N LEU D 92 -29.94 9.49 -27.64
CA LEU D 92 -29.90 9.78 -29.04
C LEU D 92 -31.12 9.25 -29.74
N GLN D 93 -31.72 10.02 -30.61
CA GLN D 93 -32.86 9.53 -31.33
C GLN D 93 -32.62 9.28 -32.83
N VAL D 94 -33.04 8.15 -33.34
CA VAL D 94 -32.94 7.84 -34.72
C VAL D 94 -34.36 7.66 -35.26
N GLN D 95 -34.73 8.49 -36.23
CA GLN D 95 -35.97 8.43 -36.95
C GLN D 95 -37.18 8.26 -36.06
N GLY D 96 -37.20 8.97 -34.96
CA GLY D 96 -38.24 8.86 -33.99
C GLY D 96 -38.07 7.84 -32.90
N LYS D 97 -37.07 7.00 -32.99
CA LYS D 97 -36.87 6.01 -31.98
C LYS D 97 -35.71 6.34 -31.13
N THR D 98 -35.70 5.84 -29.92
CA THR D 98 -34.55 6.03 -29.08
C THR D 98 -33.58 5.02 -29.63
N LEU D 99 -32.37 5.40 -29.96
CA LEU D 99 -31.36 4.54 -30.63
C LEU D 99 -31.05 3.27 -29.88
N ASN D 100 -30.83 3.39 -28.58
CA ASN D 100 -30.57 2.26 -27.69
C ASN D 100 -31.68 1.22 -27.69
N ASP D 101 -32.90 1.61 -27.99
CA ASP D 101 -33.96 0.68 -28.12
C ASP D 101 -33.85 -0.18 -29.38
N LEU D 102 -32.98 0.11 -30.29
CA LEU D 102 -32.82 -0.81 -31.36
C LEU D 102 -31.70 -1.85 -31.13
N LEU D 103 -31.06 -1.94 -29.98
CA LEU D 103 -30.03 -2.89 -29.78
C LEU D 103 -30.60 -4.26 -29.45
N LEU D 104 -29.98 -5.26 -30.01
CA LEU D 104 -30.27 -6.61 -29.77
C LEU D 104 -28.97 -7.30 -29.85
N SER D 105 -28.87 -8.28 -29.00
CA SER D 105 -27.75 -9.10 -28.91
C SER D 105 -27.87 -10.33 -29.74
N VAL D 106 -26.90 -10.63 -30.54
CA VAL D 106 -26.86 -11.86 -31.27
C VAL D 106 -25.42 -12.32 -31.03
N PRO D 107 -25.19 -12.95 -29.92
CA PRO D 107 -23.83 -13.27 -29.57
C PRO D 107 -23.14 -14.43 -30.24
N SER D 108 -21.85 -14.26 -30.49
CA SER D 108 -20.98 -15.25 -30.99
C SER D 108 -20.45 -16.03 -29.79
N THR D 109 -21.33 -16.83 -29.23
CA THR D 109 -21.04 -17.70 -28.10
C THR D 109 -19.97 -18.78 -28.39
N TYR D 110 -19.78 -19.11 -29.62
CA TYR D 110 -18.79 -20.04 -30.01
C TYR D 110 -17.38 -19.67 -29.66
N ARG D 111 -17.07 -18.43 -29.45
CA ARG D 111 -15.75 -18.03 -29.07
C ARG D 111 -15.33 -18.61 -27.70
N ARG D 112 -16.27 -18.95 -26.82
CA ARG D 112 -15.98 -19.61 -25.56
C ARG D 112 -15.22 -20.92 -25.80
N TYR D 113 -15.62 -21.68 -26.80
CA TYR D 113 -14.92 -22.84 -27.20
C TYR D 113 -13.64 -22.37 -27.94
N PRO D 114 -12.58 -23.15 -27.92
CA PRO D 114 -11.42 -22.75 -28.64
C PRO D 114 -11.69 -22.78 -30.09
N ARG D 115 -11.04 -21.93 -30.84
CA ARG D 115 -11.27 -21.90 -32.24
C ARG D 115 -10.82 -23.19 -32.95
N GLY D 116 -11.58 -23.63 -33.92
CA GLY D 116 -11.28 -24.85 -34.60
C GLY D 116 -11.86 -26.15 -34.09
N THR D 117 -12.27 -26.18 -32.85
CA THR D 117 -12.92 -27.33 -32.32
C THR D 117 -14.31 -27.45 -32.92
N PRO D 118 -14.83 -28.63 -33.00
CA PRO D 118 -16.16 -28.82 -33.55
C PRO D 118 -17.23 -27.98 -32.85
N GLU D 119 -17.20 -27.85 -31.54
CA GLU D 119 -18.14 -27.05 -30.79
C GLU D 119 -18.07 -25.59 -31.17
N HIS D 120 -16.88 -25.06 -31.33
CA HIS D 120 -16.71 -23.70 -31.83
C HIS D 120 -17.21 -23.57 -33.27
N VAL D 121 -16.74 -24.47 -34.10
CA VAL D 121 -17.06 -24.47 -35.48
C VAL D 121 -18.51 -24.66 -35.74
N ALA D 122 -19.17 -25.59 -35.06
CA ALA D 122 -20.60 -25.73 -35.18
C ALA D 122 -21.32 -24.51 -34.59
N GLY D 123 -20.85 -23.97 -33.51
CA GLY D 123 -21.41 -22.78 -32.95
C GLY D 123 -21.24 -21.54 -33.80
N LYS D 124 -20.28 -21.47 -34.69
CA LYS D 124 -20.14 -20.36 -35.63
C LYS D 124 -21.29 -20.44 -36.67
N SER D 125 -21.64 -21.62 -37.12
CA SER D 125 -22.78 -21.80 -37.99
C SER D 125 -24.03 -21.37 -37.30
N ASP D 126 -24.24 -21.78 -36.09
CA ASP D 126 -25.41 -21.36 -35.39
C ASP D 126 -25.45 -19.86 -35.17
N PHE D 127 -24.34 -19.24 -34.88
CA PHE D 127 -24.32 -17.81 -34.73
C PHE D 127 -24.71 -17.13 -36.00
N GLU D 128 -24.15 -17.54 -37.12
CA GLU D 128 -24.49 -16.97 -38.38
C GLU D 128 -25.94 -17.19 -38.68
N ARG D 129 -26.40 -18.39 -38.55
CA ARG D 129 -27.76 -18.67 -38.77
C ARG D 129 -28.61 -17.79 -37.90
N ARG D 130 -28.27 -17.60 -36.67
CA ARG D 130 -29.05 -16.73 -35.84
C ARG D 130 -29.02 -15.28 -36.39
N LEU D 131 -27.93 -14.82 -36.98
CA LEU D 131 -27.93 -13.48 -37.56
C LEU D 131 -28.99 -13.37 -38.65
N HIS D 132 -29.03 -14.35 -39.49
CA HIS D 132 -30.00 -14.39 -40.48
C HIS D 132 -31.39 -14.40 -39.88
N ASP D 133 -31.66 -15.23 -38.90
CA ASP D 133 -32.98 -15.29 -38.38
C ASP D 133 -33.54 -13.97 -37.80
N THR D 134 -32.69 -13.26 -37.11
CA THR D 134 -32.98 -11.97 -36.58
C THR D 134 -33.26 -11.01 -37.71
N LEU D 135 -32.44 -11.01 -38.73
CA LEU D 135 -32.63 -10.11 -39.81
C LEU D 135 -33.92 -10.27 -40.51
N VAL D 136 -34.30 -11.49 -40.77
CA VAL D 136 -35.57 -11.85 -41.35
C VAL D 136 -36.67 -11.43 -40.37
N GLU D 137 -36.51 -11.63 -39.07
CA GLU D 137 -37.47 -11.09 -38.14
C GLU D 137 -37.52 -9.51 -38.16
N LEU D 138 -36.43 -8.83 -38.48
CA LEU D 138 -36.37 -7.42 -38.70
C LEU D 138 -36.76 -6.98 -40.11
N GLY D 139 -37.07 -7.88 -41.04
CA GLY D 139 -37.39 -7.54 -42.38
C GLY D 139 -36.28 -6.78 -43.03
N ALA D 140 -35.07 -7.13 -42.75
CA ALA D 140 -34.02 -6.37 -43.26
C ALA D 140 -33.88 -6.53 -44.76
N ASP D 141 -33.82 -5.41 -45.44
CA ASP D 141 -33.56 -5.33 -46.84
C ASP D 141 -32.05 -5.12 -47.14
N VAL D 142 -31.32 -4.43 -46.29
CA VAL D 142 -29.87 -4.15 -46.44
C VAL D 142 -29.18 -4.11 -45.06
N VAL D 143 -27.99 -4.67 -44.95
CA VAL D 143 -27.27 -4.75 -43.66
C VAL D 143 -25.90 -4.11 -43.71
N VAL D 144 -25.53 -3.34 -42.72
CA VAL D 144 -24.27 -2.68 -42.72
C VAL D 144 -23.49 -3.23 -41.60
N LEU D 145 -22.26 -3.59 -41.85
CA LEU D 145 -21.38 -4.13 -40.85
C LEU D 145 -20.32 -3.08 -40.50
N ASP D 146 -20.17 -2.73 -39.23
CA ASP D 146 -19.19 -1.77 -38.82
C ASP D 146 -18.39 -2.42 -37.77
N GLY D 147 -17.16 -2.75 -38.06
CA GLY D 147 -16.33 -3.41 -37.10
C GLY D 147 -16.82 -4.74 -36.60
N LEU D 148 -17.42 -5.54 -37.42
CA LEU D 148 -17.85 -6.80 -36.96
C LEU D 148 -16.61 -7.68 -36.89
N LEU D 149 -16.28 -8.09 -35.70
CA LEU D 149 -15.17 -8.96 -35.57
C LEU D 149 -15.39 -10.43 -35.92
N VAL D 150 -16.50 -10.87 -36.47
CA VAL D 150 -16.67 -12.21 -36.86
C VAL D 150 -16.60 -12.23 -38.38
N ILE D 151 -15.58 -12.82 -39.00
CA ILE D 151 -15.51 -12.95 -40.48
C ILE D 151 -16.65 -13.82 -41.01
N LEU D 152 -17.66 -13.23 -41.65
CA LEU D 152 -18.85 -13.92 -42.10
C LEU D 152 -18.63 -14.97 -43.15
N ASP D 153 -19.45 -15.98 -43.16
CA ASP D 153 -19.27 -16.97 -44.16
C ASP D 153 -20.57 -17.54 -44.56
N GLU D 154 -21.13 -18.40 -43.78
CA GLU D 154 -22.36 -19.05 -44.11
C GLU D 154 -23.45 -18.06 -44.42
N LEU D 155 -23.52 -16.96 -43.71
CA LEU D 155 -24.50 -15.95 -44.01
C LEU D 155 -24.33 -15.30 -45.40
N VAL D 156 -23.13 -15.22 -45.86
CA VAL D 156 -22.86 -14.67 -47.16
C VAL D 156 -22.62 -15.71 -48.23
N ARG D 157 -23.13 -16.91 -48.04
CA ARG D 157 -22.95 -18.00 -48.97
C ARG D 157 -23.45 -17.57 -50.35
N PRO D 158 -22.71 -17.96 -51.40
CA PRO D 158 -23.09 -17.65 -52.74
C PRO D 158 -24.48 -18.14 -52.88
N GLY D 159 -25.35 -17.29 -53.28
CA GLY D 159 -26.70 -17.71 -53.30
C GLY D 159 -27.42 -17.61 -51.99
N ALA D 160 -26.82 -17.25 -50.90
CA ALA D 160 -27.58 -17.12 -49.69
C ALA D 160 -28.54 -15.95 -49.83
N PRO D 161 -29.61 -15.90 -49.01
CA PRO D 161 -30.48 -14.73 -49.11
C PRO D 161 -29.74 -13.44 -48.90
N PHE D 162 -28.71 -13.39 -48.13
CA PHE D 162 -27.98 -12.18 -47.95
C PHE D 162 -26.58 -12.24 -48.59
N ALA D 163 -26.35 -13.04 -49.61
CA ALA D 163 -25.05 -13.05 -50.19
C ALA D 163 -24.68 -11.65 -50.70
N ARG D 164 -25.59 -10.96 -51.35
CA ARG D 164 -25.31 -9.62 -51.79
C ARG D 164 -26.03 -8.51 -51.08
N ARG D 165 -26.50 -8.74 -49.89
CA ARG D 165 -27.11 -7.72 -49.13
C ARG D 165 -26.30 -7.16 -47.98
N ILE D 166 -25.09 -7.60 -47.74
CA ILE D 166 -24.41 -7.13 -46.57
C ILE D 166 -23.25 -6.30 -46.94
N MSE D 167 -23.16 -5.12 -46.40
CA MSE D 167 -22.12 -4.29 -46.76
C MSE D 167 -21.26 -3.99 -45.59
O MSE D 167 -21.78 -3.91 -44.52
CB MSE D 167 -22.65 -3.00 -47.33
CG MSE D 167 -23.86 -3.11 -48.23
SE MSE D 167 -23.59 -4.13 -49.83
CE MSE D 167 -22.44 -2.91 -50.67
H MSE D 167 -23.70 -4.81 -45.80
HA MSE D 167 -21.57 -4.70 -47.43
HB2 MSE D 167 -22.90 -2.42 -46.60
HB3 MSE D 167 -21.95 -2.58 -47.85
HG2 MSE D 167 -24.59 -3.53 -47.74
HG3 MSE D 167 -24.13 -2.22 -48.49
HE1 MSE D 167 -21.97 -3.36 -51.39
HE2 MSE D 167 -22.98 -2.18 -51.03
HE3 MSE D 167 -21.81 -2.57 -50.02
N ASN D 168 -19.98 -3.83 -45.79
CA ASN D 168 -19.09 -3.51 -44.72
C ASN D 168 -18.44 -2.15 -44.93
N ILE D 169 -18.34 -1.32 -43.94
CA ILE D 169 -17.65 -0.06 -44.04
C ILE D 169 -16.20 -0.23 -43.49
N HIS D 170 -15.20 0.12 -44.19
CA HIS D 170 -13.91 -0.19 -43.77
C HIS D 170 -13.03 1.03 -43.83
N PRO D 171 -12.11 1.24 -42.87
CA PRO D 171 -11.21 2.39 -42.84
C PRO D 171 -9.91 2.30 -43.62
N GLY D 172 -10.05 1.99 -44.88
CA GLY D 172 -9.01 1.93 -45.86
C GLY D 172 -9.61 1.72 -47.22
N VAL D 173 -8.84 1.92 -48.27
CA VAL D 173 -9.35 1.63 -49.59
C VAL D 173 -9.16 0.18 -49.82
N THR D 174 -10.15 -0.48 -50.33
CA THR D 174 -10.02 -1.89 -50.61
C THR D 174 -9.72 -2.30 -52.03
N ARG D 175 -9.85 -1.40 -52.99
CA ARG D 175 -9.59 -1.77 -54.33
C ARG D 175 -8.16 -2.26 -54.40
N GLU D 176 -7.95 -3.41 -55.00
CA GLU D 176 -6.63 -3.98 -55.17
C GLU D 176 -5.71 -3.16 -56.07
N ASP D 177 -6.24 -2.57 -57.09
CA ASP D 177 -5.44 -1.76 -57.96
C ASP D 177 -4.96 -0.40 -57.48
N SER D 178 -5.32 -0.02 -56.27
CA SER D 178 -4.93 1.24 -55.73
C SER D 178 -3.56 1.14 -55.18
N PRO D 179 -2.83 2.23 -55.22
CA PRO D 179 -1.57 2.29 -54.55
C PRO D 179 -1.76 2.55 -53.10
N TYR D 180 -2.86 3.19 -52.77
CA TYR D 180 -3.32 3.33 -51.44
C TYR D 180 -4.28 2.22 -51.09
N GLU D 181 -3.83 0.99 -51.10
CA GLU D 181 -4.66 -0.07 -50.72
C GLU D 181 -4.32 -0.39 -49.30
N ARG D 182 -5.27 -0.26 -48.42
CA ARG D 182 -5.12 -0.53 -47.02
C ARG D 182 -6.16 -1.48 -46.56
N ARG D 183 -5.97 -2.75 -46.82
CA ARG D 183 -6.92 -3.78 -46.42
C ARG D 183 -6.73 -4.34 -45.04
N GLY D 184 -7.64 -5.19 -44.66
CA GLY D 184 -7.56 -5.91 -43.45
C GLY D 184 -7.63 -5.23 -42.09
N ALA D 185 -7.16 -5.97 -41.13
CA ALA D 185 -7.09 -5.64 -39.71
C ALA D 185 -6.22 -4.52 -39.29
N TYR D 186 -5.14 -4.35 -40.00
CA TYR D 186 -4.20 -3.35 -39.72
C TYR D 186 -4.29 -2.11 -40.60
N ALA D 187 -5.39 -1.83 -41.23
CA ALA D 187 -5.42 -0.77 -42.22
C ALA D 187 -4.99 0.62 -41.75
N THR D 188 -5.50 1.01 -40.62
CA THR D 188 -5.16 2.25 -40.02
C THR D 188 -3.70 2.31 -39.66
N LEU D 189 -3.19 1.27 -39.05
CA LEU D 189 -1.80 1.21 -38.70
C LEU D 189 -0.90 1.22 -39.94
N ASP D 190 -1.23 0.52 -41.01
CA ASP D 190 -0.45 0.54 -42.24
C ASP D 190 -0.40 1.99 -42.74
N ALA D 191 -1.47 2.73 -42.69
CA ALA D 191 -1.51 4.10 -43.15
C ALA D 191 -0.65 5.07 -42.43
N LEU D 192 -0.68 5.04 -41.11
CA LEU D 192 0.09 5.91 -40.31
C LEU D 192 1.56 5.69 -40.55
N TYR D 193 1.98 4.46 -40.47
CA TYR D 193 3.36 4.15 -40.69
C TYR D 193 3.86 4.48 -42.08
N GLY D 194 3.06 4.19 -43.10
CA GLY D 194 3.34 4.40 -44.52
C GLY D 194 3.60 5.83 -44.96
N ALA D 195 2.84 6.73 -44.38
CA ALA D 195 3.03 8.15 -44.55
C ALA D 195 4.36 8.51 -43.95
N ARG D 196 4.88 7.68 -43.09
CA ARG D 196 6.18 7.88 -42.60
C ARG D 196 7.22 7.08 -43.49
N GLY D 197 6.86 6.62 -44.66
CA GLY D 197 7.78 5.83 -45.44
C GLY D 197 8.21 4.51 -44.84
N GLU D 198 7.48 3.94 -43.89
CA GLU D 198 7.88 2.67 -43.32
C GLU D 198 6.79 1.63 -43.30
N LYS D 199 7.13 0.37 -43.18
CA LYS D 199 6.18 -0.70 -43.11
C LYS D 199 6.54 -1.67 -42.02
N VAL D 200 5.56 -2.30 -41.42
CA VAL D 200 5.85 -3.24 -40.41
C VAL D 200 5.80 -4.63 -41.02
N VAL D 201 6.83 -5.39 -40.80
CA VAL D 201 6.82 -6.73 -41.20
C VAL D 201 6.58 -7.76 -40.10
N ASP D 202 6.54 -7.32 -38.87
CA ASP D 202 6.17 -8.16 -37.76
C ASP D 202 5.68 -7.22 -36.64
N TRP D 203 4.40 -7.23 -36.36
CA TRP D 203 3.77 -6.43 -35.32
C TRP D 203 4.21 -6.81 -33.90
N ALA D 204 4.44 -8.08 -33.63
CA ALA D 204 4.96 -8.44 -32.37
C ALA D 204 6.35 -7.84 -32.19
N THR D 205 7.25 -8.01 -33.12
CA THR D 205 8.55 -7.43 -32.96
C THR D 205 8.66 -6.06 -33.47
N MSE D 206 7.64 -5.54 -34.13
CA MSE D 206 7.68 -4.21 -34.72
C MSE D 206 8.81 -4.03 -35.71
O MSE D 206 9.41 -2.95 -35.71
CB MSE D 206 7.69 -3.08 -33.70
CG MSE D 206 6.39 -2.85 -32.93
SE MSE D 206 4.63 -2.92 -33.79
CE MSE D 206 4.77 -1.19 -34.54
H MSE D 206 6.89 -5.95 -34.25
HA MSE D 206 6.85 -4.12 -35.22
HB2 MSE D 206 8.39 -3.26 -33.06
HB3 MSE D 206 7.88 -2.25 -34.16
HG2 MSE D 206 6.37 -3.51 -32.22
HG3 MSE D 206 6.46 -1.97 -32.53
HE1 MSE D 206 3.96 -0.99 -35.04
HE2 MSE D 206 4.87 -0.54 -33.82
HE3 MSE D 206 5.53 -1.16 -35.13
N GLU D 207 9.12 -5.02 -36.52
CA GLU D 207 10.17 -4.87 -37.54
C GLU D 207 9.68 -3.95 -38.56
N LYS D 208 10.45 -2.99 -38.96
CA LYS D 208 9.98 -2.08 -39.98
C LYS D 208 10.87 -2.17 -41.20
N VAL D 209 10.36 -1.76 -42.35
CA VAL D 209 11.14 -1.69 -43.57
C VAL D 209 10.79 -0.36 -44.23
N ALA D 210 11.77 0.44 -44.61
CA ALA D 210 11.48 1.74 -45.20
C ALA D 210 10.84 1.64 -46.55
N VAL D 211 9.70 2.28 -46.74
CA VAL D 211 8.95 2.19 -47.97
C VAL D 211 8.59 3.59 -48.46
N GLU D 212 8.00 3.71 -49.63
CA GLU D 212 7.67 5.00 -50.16
C GLU D 212 6.54 5.52 -49.38
N PRO D 213 6.57 6.78 -49.04
CA PRO D 213 5.54 7.41 -48.24
C PRO D 213 4.19 7.61 -48.92
N LEU D 214 3.13 7.36 -48.20
CA LEU D 214 1.83 7.60 -48.71
C LEU D 214 1.17 8.54 -47.74
N TYR D 215 0.61 9.63 -48.20
CA TYR D 215 -0.12 10.50 -47.32
C TYR D 215 -1.66 10.45 -47.37
N TRP D 216 -2.24 9.48 -48.01
CA TRP D 216 -3.69 9.36 -48.02
C TRP D 216 -4.22 7.93 -47.75
N THR D 217 -5.42 7.89 -47.25
CA THR D 217 -6.14 6.71 -47.01
C THR D 217 -7.61 7.07 -47.03
N GLY D 218 -8.42 6.08 -47.20
CA GLY D 218 -9.82 6.25 -47.37
C GLY D 218 -10.67 5.23 -46.66
N ALA D 219 -11.90 5.10 -47.09
CA ALA D 219 -12.80 4.26 -46.61
C ALA D 219 -13.45 3.61 -47.69
N SER D 220 -13.88 2.48 -47.40
CA SER D 220 -14.47 1.67 -48.36
C SER D 220 -15.89 0.97 -48.11
N PHE D 221 -16.91 1.20 -48.91
CA PHE D 221 -18.21 0.54 -48.79
C PHE D 221 -18.36 -0.55 -49.82
N HIS D 222 -18.29 -1.78 -49.40
CA HIS D 222 -18.32 -2.91 -50.29
C HIS D 222 -19.25 -4.09 -49.97
N TYR D 223 -19.64 -4.75 -51.04
CA TYR D 223 -20.43 -5.99 -51.01
C TYR D 223 -19.40 -7.02 -50.62
N VAL D 224 -19.46 -7.48 -49.39
CA VAL D 224 -18.49 -8.44 -48.92
C VAL D 224 -18.49 -9.89 -49.29
N ASP D 225 -17.22 -10.29 -49.47
CA ASP D 225 -16.66 -11.59 -49.73
C ASP D 225 -15.19 -11.53 -50.08
N GLU D 232 -18.14 -5.61 -56.01
CA GLU D 232 -16.95 -5.84 -55.26
C GLU D 232 -16.90 -4.75 -54.23
N VAL D 233 -16.43 -3.58 -54.60
CA VAL D 233 -16.37 -2.44 -53.75
C VAL D 233 -17.38 -1.50 -54.33
N PHE D 234 -18.48 -1.22 -53.65
CA PHE D 234 -19.49 -0.33 -54.17
C PHE D 234 -19.16 1.18 -54.25
N HIS D 235 -18.75 1.81 -53.18
CA HIS D 235 -18.36 3.19 -53.17
C HIS D 235 -17.05 3.52 -52.36
N ASP D 236 -16.13 4.20 -52.96
CA ASP D 236 -14.91 4.61 -52.32
C ASP D 236 -14.77 6.11 -52.18
N VAL D 237 -14.02 6.50 -51.16
CA VAL D 237 -13.64 7.84 -50.81
C VAL D 237 -12.16 7.81 -50.44
N LEU D 238 -11.44 8.87 -50.69
CA LEU D 238 -10.04 8.97 -50.32
C LEU D 238 -9.74 10.38 -50.01
N LYS D 239 -10.15 10.83 -48.87
CA LYS D 239 -9.97 12.20 -48.42
C LYS D 239 -9.17 12.48 -47.16
N THR D 240 -8.37 11.55 -46.73
CA THR D 240 -7.73 11.77 -45.52
C THR D 240 -6.26 11.89 -45.69
N GLU D 241 -5.76 13.09 -45.50
CA GLU D 241 -4.36 13.31 -45.64
C GLU D 241 -3.69 12.81 -44.40
N ILE D 242 -2.48 12.31 -44.55
CA ILE D 242 -1.78 11.79 -43.41
C ILE D 242 -0.43 12.43 -43.20
N SER D 243 -0.15 12.97 -42.05
CA SER D 243 1.16 13.47 -41.76
C SER D 243 1.99 12.44 -40.96
N PRO D 244 3.29 12.34 -41.22
CA PRO D 244 4.17 11.49 -40.46
C PRO D 244 4.10 11.81 -38.97
N ASP D 245 3.91 13.06 -38.62
CA ASP D 245 3.66 13.49 -37.26
C ASP D 245 2.31 13.11 -36.71
N ASP D 246 1.33 12.72 -37.52
CA ASP D 246 0.00 12.44 -37.01
C ASP D 246 0.03 11.30 -36.00
N THR D 247 -0.76 11.37 -34.94
CA THR D 247 -0.91 10.29 -33.94
C THR D 247 -2.01 9.34 -34.36
N ILE D 248 -2.23 8.24 -33.66
CA ILE D 248 -3.31 7.31 -33.98
C ILE D 248 -4.75 7.80 -33.77
N LEU D 249 -5.01 8.47 -32.68
CA LEU D 249 -6.30 9.02 -32.43
C LEU D 249 -6.61 10.10 -33.44
N GLU D 250 -5.62 10.85 -33.85
CA GLU D 250 -5.80 11.89 -34.85
C GLU D 250 -6.16 11.33 -36.22
N LEU D 251 -5.44 10.33 -36.70
CA LEU D 251 -5.71 9.72 -37.97
C LEU D 251 -7.09 9.05 -37.99
N ARG D 252 -7.40 8.30 -36.96
CA ARG D 252 -8.68 7.66 -36.92
C ARG D 252 -9.78 8.71 -36.96
N TRP D 253 -9.58 9.84 -36.31
CA TRP D 253 -10.54 10.93 -36.37
C TRP D 253 -10.63 11.49 -37.77
N ASN D 254 -9.53 11.88 -38.36
CA ASN D 254 -9.55 12.42 -39.70
C ASN D 254 -10.13 11.51 -40.74
N ASN D 255 -9.83 10.24 -40.66
CA ASN D 255 -10.34 9.31 -41.59
C ASN D 255 -11.86 9.18 -41.54
N PHE D 256 -12.37 8.96 -40.36
CA PHE D 256 -13.75 8.87 -40.17
C PHE D 256 -14.35 10.17 -40.62
N ASN D 257 -13.84 11.30 -40.19
CA ASN D 257 -14.44 12.54 -40.58
C ASN D 257 -14.35 12.89 -42.08
N ASN D 258 -13.15 12.81 -42.60
CA ASN D 258 -12.85 13.05 -43.98
C ASN D 258 -13.29 12.07 -44.99
N SER D 259 -13.21 10.79 -44.73
CA SER D 259 -13.58 9.81 -45.75
C SER D 259 -14.66 8.75 -45.48
N LEU D 260 -14.57 8.07 -44.34
CA LEU D 260 -15.41 6.97 -44.00
C LEU D 260 -16.88 7.30 -43.83
N PHE D 261 -17.23 8.31 -43.07
CA PHE D 261 -18.59 8.70 -42.95
C PHE D 261 -19.06 9.14 -44.36
N PRO D 262 -18.25 9.84 -45.13
CA PRO D 262 -18.67 10.17 -46.49
C PRO D 262 -18.84 8.95 -47.39
N ALA D 263 -17.99 7.97 -47.35
CA ALA D 263 -18.20 6.79 -48.14
C ALA D 263 -19.49 6.05 -47.80
N LEU D 264 -19.71 5.78 -46.54
CA LEU D 264 -20.91 5.12 -46.17
C LEU D 264 -22.16 5.88 -46.52
N HIS D 265 -22.28 7.14 -46.11
CA HIS D 265 -23.47 7.92 -46.40
C HIS D 265 -23.72 7.99 -47.89
N GLU D 266 -22.74 8.41 -48.64
CA GLU D 266 -22.87 8.44 -50.05
C GLU D 266 -23.01 7.06 -50.71
N GLY D 267 -22.21 6.11 -50.30
CA GLY D 267 -22.30 4.77 -50.77
C GLY D 267 -23.68 4.24 -50.43
N LEU D 268 -24.24 4.58 -49.28
CA LEU D 268 -25.58 4.15 -49.03
C LEU D 268 -26.60 4.84 -49.91
N ALA D 269 -26.52 6.14 -50.09
CA ALA D 269 -27.47 6.80 -50.95
C ALA D 269 -27.45 6.24 -52.38
N LEU D 270 -26.27 6.03 -52.88
CA LEU D 270 -26.13 5.46 -54.15
C LEU D 270 -26.75 4.09 -54.23
N LEU D 271 -26.62 3.32 -53.18
CA LEU D 271 -27.17 1.97 -53.17
C LEU D 271 -28.62 1.81 -53.05
N ALA D 272 -29.42 2.82 -52.75
CA ALA D 272 -30.80 2.64 -52.40
C ALA D 272 -31.81 2.02 -53.40
N GLU D 273 -31.43 1.74 -54.63
CA GLU D 273 -32.24 0.99 -55.49
C GLU D 273 -31.45 -0.32 -55.70
N LYS D 274 -31.84 -1.33 -54.94
CA LYS D 274 -31.17 -2.61 -54.88
C LYS D 274 -31.36 -3.48 -56.06
N LYS E 3 -6.81 -29.34 23.35
CA LYS E 3 -6.26 -28.25 24.10
C LYS E 3 -7.21 -27.08 24.09
N ARG E 4 -6.89 -26.10 24.83
CA ARG E 4 -7.58 -24.87 24.78
C ARG E 4 -6.67 -24.00 23.88
N LYS E 5 -7.26 -23.13 23.07
CA LYS E 5 -6.50 -22.25 22.20
C LYS E 5 -6.18 -20.95 22.93
N LEU E 6 -4.92 -20.67 23.13
CA LEU E 6 -4.54 -19.52 23.91
C LEU E 6 -3.93 -18.45 23.08
N ALA E 7 -4.42 -17.23 23.23
CA ALA E 7 -3.87 -16.13 22.48
C ALA E 7 -3.20 -15.14 23.41
N TYR E 8 -2.04 -14.62 23.03
CA TYR E 8 -1.32 -13.63 23.80
C TYR E 8 -1.25 -12.25 23.08
N ILE E 9 -1.81 -11.24 23.70
CA ILE E 9 -1.73 -9.88 23.23
C ILE E 9 -0.78 -9.01 24.09
N TRP E 10 0.15 -8.35 23.51
CA TRP E 10 1.02 -7.51 24.25
C TRP E 10 1.29 -6.21 23.52
N SER E 11 2.08 -5.36 24.12
CA SER E 11 2.51 -4.15 23.49
C SER E 11 4.03 -4.16 23.45
N LEU E 12 4.59 -4.10 22.28
CA LEU E 12 6.01 -4.04 22.11
C LEU E 12 6.67 -2.78 22.69
N ARG E 13 5.96 -1.67 22.80
CA ARG E 13 6.45 -0.48 23.42
C ARG E 13 6.60 -0.59 24.93
N ASN E 14 5.71 -1.34 25.56
CA ASN E 14 5.80 -1.73 26.96
C ASN E 14 6.98 -2.74 27.13
N ALA E 15 7.09 -3.70 26.25
CA ALA E 15 8.17 -4.64 26.27
C ALA E 15 9.53 -4.02 26.07
N ALA E 16 9.65 -3.03 25.22
CA ALA E 16 10.92 -2.36 25.08
C ALA E 16 11.29 -1.55 26.35
N ALA E 17 10.31 -0.90 26.92
CA ALA E 17 10.48 -0.13 28.08
C ALA E 17 10.99 -0.97 29.25
N ASP E 18 10.59 -2.21 29.34
CA ASP E 18 11.07 -3.05 30.39
C ASP E 18 12.25 -3.99 30.04
N LYS E 19 12.92 -3.73 28.95
CA LYS E 19 14.05 -4.51 28.51
C LYS E 19 13.84 -5.98 28.35
N ALA E 20 12.79 -6.33 27.65
CA ALA E 20 12.49 -7.67 27.33
C ALA E 20 13.60 -8.12 26.39
N GLY E 21 14.16 -9.27 26.63
CA GLY E 21 15.24 -9.79 25.85
C GLY E 21 16.63 -9.22 26.06
N GLN E 22 16.80 -8.36 27.01
CA GLN E 22 18.08 -7.74 27.25
C GLN E 22 18.66 -8.11 28.58
N TYR E 23 19.96 -8.06 28.70
CA TYR E 23 20.62 -8.30 29.95
C TYR E 23 20.55 -6.99 30.74
N VAL E 24 20.47 -7.11 32.04
CA VAL E 24 20.31 -5.97 32.89
C VAL E 24 21.24 -5.99 34.06
N PRO E 25 21.57 -4.85 34.59
CA PRO E 25 22.45 -4.80 35.71
C PRO E 25 21.72 -5.18 37.03
N TYR E 26 22.20 -6.17 37.72
CA TYR E 26 21.50 -6.64 38.83
C TYR E 26 22.21 -6.54 40.18
N LYS E 27 23.05 -7.46 40.55
CA LYS E 27 23.64 -7.38 41.86
C LYS E 27 25.04 -7.80 41.82
N GLY E 28 25.87 -6.86 41.57
CA GLY E 28 27.23 -7.18 41.36
C GLY E 28 27.08 -6.91 39.93
N GLU E 29 26.80 -7.93 39.10
CA GLU E 29 26.64 -7.66 37.66
C GLU E 29 25.61 -8.07 36.59
N GLN E 30 25.45 -9.33 36.22
CA GLN E 30 24.65 -9.57 35.01
C GLN E 30 23.43 -10.54 34.91
N ARG E 31 22.20 -10.06 34.72
CA ARG E 31 21.04 -10.94 34.61
C ARG E 31 20.23 -10.69 33.34
N TYR E 32 19.50 -11.71 32.91
CA TYR E 32 18.69 -11.66 31.70
C TYR E 32 17.22 -11.40 31.99
N MSE E 33 16.69 -10.29 31.51
CA MSE E 33 15.33 -9.94 31.78
C MSE E 33 14.33 -10.62 30.88
O MSE E 33 13.97 -10.10 29.88
CB MSE E 33 15.25 -8.47 31.66
CG MSE E 33 13.87 -7.92 31.82
SE MSE E 33 13.05 -8.05 33.54
CE MSE E 33 13.81 -6.43 34.17
H MSE E 33 17.12 -9.73 31.01
HA MSE E 33 15.13 -10.18 32.70
HB2 MSE E 33 15.80 -8.06 32.35
HB3 MSE E 33 15.57 -8.20 30.79
HG2 MSE E 33 13.90 -6.97 31.61
HG3 MSE E 33 13.26 -8.34 31.19
HE1 MSE E 33 13.68 -6.37 35.13
HE2 MSE E 33 14.75 -6.41 33.95
HE3 MSE E 33 13.35 -5.68 33.73
N LYS E 34 13.90 -11.80 31.29
CA LYS E 34 12.97 -12.60 30.54
C LYS E 34 11.61 -11.95 30.33
N SER E 35 11.12 -11.95 29.13
CA SER E 35 9.84 -11.44 28.90
C SER E 35 8.84 -12.45 29.40
N VAL E 36 7.68 -12.02 29.83
CA VAL E 36 6.63 -12.91 30.27
C VAL E 36 6.20 -13.88 29.14
N LEU E 37 6.32 -13.47 27.89
CA LEU E 37 6.01 -14.34 26.83
C LEU E 37 6.97 -15.48 26.69
N GLU E 38 8.25 -15.26 26.74
CA GLU E 38 9.18 -16.36 26.62
C GLU E 38 9.06 -17.39 27.77
N SER E 39 8.80 -16.89 28.95
CA SER E 39 8.67 -17.68 30.10
C SER E 39 7.49 -18.68 30.00
N LEU E 40 6.31 -18.20 29.57
CA LEU E 40 5.14 -18.97 29.27
C LEU E 40 5.43 -19.93 28.09
N VAL E 41 6.22 -19.46 27.16
CA VAL E 41 6.72 -20.23 26.04
C VAL E 41 7.57 -21.36 26.60
N GLU E 42 8.30 -21.12 27.63
CA GLU E 42 9.02 -22.16 28.26
C GLU E 42 8.13 -23.18 28.94
N ALA E 43 7.17 -22.74 29.68
CA ALA E 43 6.30 -23.63 30.34
C ALA E 43 5.51 -24.53 29.39
N LEU E 44 5.02 -24.02 28.28
CA LEU E 44 4.34 -24.83 27.36
C LEU E 44 5.22 -25.84 26.76
N ASN E 45 6.39 -25.48 26.36
CA ASN E 45 7.27 -26.46 25.83
C ASN E 45 7.75 -27.49 26.80
N GLN E 46 8.08 -27.11 28.00
CA GLN E 46 8.60 -27.96 28.99
C GLN E 46 7.68 -28.50 30.08
N THR E 47 6.42 -28.16 30.15
CA THR E 47 5.61 -28.72 31.17
C THR E 47 4.31 -29.17 30.64
N ALA E 48 3.56 -29.82 31.50
CA ALA E 48 2.23 -30.32 31.23
C ALA E 48 1.17 -29.25 30.88
N LEU E 49 1.59 -28.01 30.96
CA LEU E 49 0.84 -26.87 30.48
C LEU E 49 0.77 -26.95 28.92
N GLY E 50 1.80 -27.51 28.33
CA GLY E 50 1.89 -27.81 26.93
C GLY E 50 0.85 -28.81 26.47
N ASP E 51 0.45 -29.68 27.36
CA ASP E 51 -0.63 -30.62 27.13
C ASP E 51 -2.02 -29.98 27.13
N ALA E 52 -2.20 -29.07 28.07
CA ALA E 52 -3.37 -28.28 28.28
C ALA E 52 -3.61 -27.17 27.32
N TYR E 53 -2.60 -26.39 27.06
CA TYR E 53 -2.74 -25.25 26.21
C TYR E 53 -2.00 -25.26 24.89
N GLU E 54 -2.59 -24.70 23.85
CA GLU E 54 -1.92 -24.52 22.58
C GLU E 54 -1.81 -23.04 22.28
N LEU E 55 -0.61 -22.51 22.09
CA LEU E 55 -0.53 -21.11 21.81
C LEU E 55 -0.77 -20.90 20.33
N VAL E 56 -1.76 -20.12 19.99
CA VAL E 56 -2.13 -19.91 18.63
C VAL E 56 -1.70 -18.57 17.95
N GLY E 57 -1.33 -17.56 18.69
CA GLY E 57 -0.86 -16.32 18.14
C GLY E 57 -0.48 -15.37 19.23
N VAL E 58 0.15 -14.27 18.85
CA VAL E 58 0.56 -13.18 19.73
C VAL E 58 0.26 -11.87 18.99
N ILE E 59 -0.73 -11.12 19.38
CA ILE E 59 -1.06 -9.86 18.75
C ILE E 59 -0.34 -8.67 19.43
N TYR E 60 0.08 -7.69 18.68
CA TYR E 60 0.68 -6.52 19.25
C TYR E 60 0.06 -5.31 18.60
N ASP E 61 -0.26 -4.31 19.37
CA ASP E 61 -0.89 -3.09 18.86
C ASP E 61 -0.05 -1.91 18.38
N ASP E 62 1.23 -2.05 18.38
CA ASP E 62 2.10 -0.98 18.03
C ASP E 62 1.78 -0.49 16.62
N ASP E 63 1.75 0.80 16.43
CA ASP E 63 1.45 1.34 15.17
C ASP E 63 2.77 1.71 14.57
N ALA E 64 3.22 0.96 13.59
CA ALA E 64 4.48 1.23 12.93
C ALA E 64 4.61 2.59 12.19
N GLU E 65 3.52 3.28 12.07
CA GLU E 65 3.54 4.61 11.53
C GLU E 65 3.59 5.70 12.62
N LEU E 66 3.30 5.41 13.86
CA LEU E 66 3.35 6.42 14.87
C LEU E 66 4.80 6.63 15.37
N PRO E 67 5.27 7.85 15.42
CA PRO E 67 6.66 8.05 15.75
C PRO E 67 7.04 7.73 17.19
N ARG E 68 6.21 8.12 18.13
CA ARG E 68 6.40 7.80 19.49
C ARG E 68 6.50 6.29 19.74
N ASP E 69 5.74 5.46 19.05
CA ASP E 69 5.86 4.04 19.04
C ASP E 69 7.17 3.65 18.46
N GLN E 70 7.57 4.21 17.34
CA GLN E 70 8.84 3.97 16.69
C GLN E 70 10.02 4.27 17.54
N GLY E 71 10.06 5.41 18.20
CA GLY E 71 11.12 5.73 19.12
C GLY E 71 11.23 4.85 20.37
N LYS E 72 10.12 4.55 20.97
CA LYS E 72 10.02 3.67 22.08
C LYS E 72 10.51 2.27 21.76
N ILE E 73 10.22 1.75 20.60
CA ILE E 73 10.63 0.47 20.16
C ILE E 73 11.98 0.38 19.39
N LYS E 74 12.63 1.50 19.18
CA LYS E 74 13.78 1.62 18.30
C LYS E 74 14.94 0.67 18.54
N ASP E 75 15.22 0.30 19.75
CA ASP E 75 16.25 -0.62 20.02
C ASP E 75 15.99 -1.97 19.36
N TYR E 76 14.77 -2.34 19.19
CA TYR E 76 14.45 -3.57 18.57
C TYR E 76 14.00 -3.51 17.09
N GLY E 77 13.10 -2.59 16.82
CA GLY E 77 12.50 -2.46 15.51
C GLY E 77 11.25 -3.31 15.47
N PHE E 78 10.37 -3.04 14.55
CA PHE E 78 9.14 -3.80 14.35
C PHE E 78 9.34 -5.24 13.81
N ALA E 79 10.33 -5.46 13.00
CA ALA E 79 10.55 -6.78 12.53
C ALA E 79 11.93 -7.18 12.99
N TYR E 80 12.11 -8.42 13.30
CA TYR E 80 13.35 -8.79 13.80
C TYR E 80 14.39 -8.51 12.75
N ARG E 81 15.29 -7.62 13.04
CA ARG E 81 16.37 -7.37 12.16
C ARG E 81 17.29 -8.47 12.56
N PRO E 82 17.66 -9.36 11.62
CA PRO E 82 18.49 -10.52 11.94
C PRO E 82 19.76 -10.17 12.72
N GLY E 83 20.23 -8.95 12.71
CA GLY E 83 21.42 -8.64 13.46
C GLY E 83 21.24 -8.06 14.83
N GLN E 84 20.31 -7.13 14.98
CA GLN E 84 20.07 -6.38 16.20
C GLN E 84 19.18 -7.04 17.29
N GLN E 85 19.01 -6.40 18.41
CA GLN E 85 18.27 -6.95 19.56
C GLN E 85 16.83 -7.33 19.24
N TRP E 86 16.31 -8.29 19.96
CA TRP E 86 14.96 -8.74 19.83
C TRP E 86 14.40 -8.90 21.21
N PHE E 87 13.10 -9.04 21.22
CA PHE E 87 12.40 -9.28 22.40
C PHE E 87 12.66 -10.62 23.05
N TYR E 88 13.21 -11.52 22.31
CA TYR E 88 13.51 -12.86 22.73
C TYR E 88 14.48 -13.47 21.75
N PRO E 89 14.96 -14.67 22.02
CA PRO E 89 15.82 -15.30 21.06
C PRO E 89 15.06 -15.45 19.73
N ALA E 90 15.66 -15.04 18.64
CA ALA E 90 15.00 -15.01 17.34
C ALA E 90 14.49 -16.31 16.80
N ASP E 91 15.22 -17.36 17.01
CA ASP E 91 14.74 -18.64 16.58
C ASP E 91 13.98 -19.47 17.63
N LEU E 92 13.59 -18.86 18.72
CA LEU E 92 12.94 -19.56 19.75
C LEU E 92 11.69 -20.27 19.19
N GLN E 93 11.45 -21.48 19.60
CA GLN E 93 10.31 -22.23 19.13
C GLN E 93 9.32 -22.46 20.23
N VAL E 94 8.05 -22.47 19.92
CA VAL E 94 7.03 -22.77 20.89
C VAL E 94 6.15 -23.93 20.37
N GLN E 95 6.30 -25.10 20.97
CA GLN E 95 5.54 -26.30 20.63
C GLN E 95 5.66 -26.69 19.18
N GLY E 96 6.84 -26.58 18.62
CA GLY E 96 7.11 -26.87 17.23
C GLY E 96 7.00 -25.74 16.22
N LYS E 97 6.35 -24.68 16.56
CA LYS E 97 6.22 -23.60 15.68
C LYS E 97 7.21 -22.52 16.06
N THR E 98 7.70 -21.79 15.10
CA THR E 98 8.61 -20.71 15.39
C THR E 98 7.74 -19.61 15.92
N LEU E 99 8.07 -19.11 17.08
CA LEU E 99 7.33 -18.09 17.78
C LEU E 99 7.18 -16.79 17.02
N ASN E 100 8.22 -16.36 16.33
CA ASN E 100 8.16 -15.17 15.48
C ASN E 100 7.10 -15.25 14.41
N ASP E 101 6.92 -16.43 13.89
CA ASP E 101 5.94 -16.70 12.92
C ASP E 101 4.55 -16.48 13.52
N LEU E 102 4.37 -16.57 14.81
CA LEU E 102 3.06 -16.27 15.37
C LEU E 102 2.77 -14.80 15.69
N LEU E 103 3.72 -13.92 15.51
CA LEU E 103 3.45 -12.55 15.73
C LEU E 103 2.40 -12.07 14.75
N LEU E 104 1.39 -11.39 15.23
CA LEU E 104 0.36 -10.87 14.42
C LEU E 104 0.22 -9.39 14.64
N SER E 105 0.31 -8.59 13.61
CA SER E 105 0.14 -7.18 13.77
C SER E 105 -1.34 -6.78 13.69
N VAL E 106 -1.93 -6.31 14.75
CA VAL E 106 -3.26 -5.80 14.71
C VAL E 106 -3.10 -4.44 15.33
N PRO E 107 -2.71 -3.46 14.55
CA PRO E 107 -2.36 -2.19 15.17
C PRO E 107 -3.45 -1.26 15.63
N SER E 108 -3.16 -0.59 16.71
CA SER E 108 -3.98 0.36 17.37
C SER E 108 -3.79 1.72 16.69
N THR E 109 -4.12 1.77 15.42
CA THR E 109 -3.94 2.93 14.59
C THR E 109 -4.68 4.19 14.99
N TYR E 110 -5.73 4.02 15.72
CA TYR E 110 -6.45 5.12 16.25
C TYR E 110 -5.62 6.08 17.10
N ARG E 111 -4.54 5.69 17.76
CA ARG E 111 -3.70 6.61 18.54
C ARG E 111 -3.13 7.93 17.90
N ARG E 112 -3.13 8.04 16.60
CA ARG E 112 -2.86 9.26 15.94
C ARG E 112 -4.06 10.29 15.85
N TYR E 113 -5.18 10.12 16.53
CA TYR E 113 -6.24 11.08 16.48
C TYR E 113 -6.38 11.53 17.94
N PRO E 114 -6.29 12.80 18.24
CA PRO E 114 -6.24 13.19 19.61
C PRO E 114 -7.28 12.58 20.39
N ARG E 115 -6.93 12.18 21.59
CA ARG E 115 -7.84 11.49 22.42
C ARG E 115 -9.05 12.34 22.75
N GLY E 116 -10.21 11.71 22.88
CA GLY E 116 -11.42 12.47 23.12
C GLY E 116 -12.18 12.95 21.85
N THR E 117 -11.45 13.13 20.76
CA THR E 117 -12.02 13.50 19.51
C THR E 117 -12.81 12.34 18.99
N PRO E 118 -13.86 12.62 18.26
CA PRO E 118 -14.69 11.52 17.80
C PRO E 118 -13.94 10.46 16.96
N GLU E 119 -12.95 10.84 16.20
CA GLU E 119 -12.21 9.90 15.38
C GLU E 119 -11.50 8.85 16.25
N HIS E 120 -10.82 9.29 17.27
CA HIS E 120 -10.14 8.39 18.15
C HIS E 120 -11.07 7.45 18.88
N VAL E 121 -12.14 8.01 19.39
CA VAL E 121 -13.10 7.27 20.14
C VAL E 121 -13.72 6.16 19.33
N ALA E 122 -14.05 6.45 18.08
CA ALA E 122 -14.49 5.52 17.08
C ALA E 122 -13.42 4.58 16.59
N GLY E 123 -12.23 5.06 16.40
CA GLY E 123 -11.09 4.24 16.04
C GLY E 123 -10.68 3.22 17.07
N LYS E 124 -10.85 3.53 18.33
CA LYS E 124 -10.60 2.59 19.39
C LYS E 124 -11.61 1.49 19.42
N SER E 125 -12.87 1.90 19.41
CA SER E 125 -14.01 1.06 19.38
C SER E 125 -13.91 0.17 18.12
N ASP E 126 -13.38 0.72 17.06
CA ASP E 126 -13.08 -0.04 15.90
C ASP E 126 -12.02 -1.04 16.20
N PHE E 127 -11.03 -0.63 16.93
CA PHE E 127 -9.96 -1.49 17.30
C PHE E 127 -10.44 -2.63 18.17
N GLU E 128 -11.18 -2.30 19.21
CA GLU E 128 -11.77 -3.30 20.06
C GLU E 128 -12.63 -4.17 19.19
N ARG E 129 -13.30 -3.68 18.18
CA ARG E 129 -13.97 -4.54 17.25
C ARG E 129 -12.97 -5.35 16.40
N ARG E 130 -11.91 -4.73 15.95
CA ARG E 130 -10.90 -5.43 15.20
C ARG E 130 -10.20 -6.50 16.06
N LEU E 131 -9.89 -6.25 17.33
CA LEU E 131 -9.29 -7.28 18.10
C LEU E 131 -10.23 -8.49 18.21
N HIS E 132 -11.52 -8.28 18.32
CA HIS E 132 -12.47 -9.37 18.42
C HIS E 132 -12.49 -10.30 17.19
N ASP E 133 -12.50 -9.75 16.02
CA ASP E 133 -12.47 -10.55 14.82
C ASP E 133 -11.21 -11.39 14.63
N THR E 134 -10.07 -10.92 15.08
CA THR E 134 -8.81 -11.71 15.04
C THR E 134 -8.83 -12.95 15.93
N LEU E 135 -9.35 -12.81 17.14
CA LEU E 135 -9.44 -13.90 18.07
C LEU E 135 -10.37 -15.04 17.60
N VAL E 136 -11.60 -14.70 17.23
CA VAL E 136 -12.55 -15.66 16.71
C VAL E 136 -11.91 -16.34 15.54
N GLU E 137 -11.25 -15.63 14.66
CA GLU E 137 -10.60 -16.26 13.57
C GLU E 137 -9.60 -17.24 14.03
N LEU E 138 -8.80 -16.82 14.98
CA LEU E 138 -7.80 -17.63 15.62
C LEU E 138 -8.44 -18.83 16.30
N GLY E 139 -9.57 -18.62 16.96
CA GLY E 139 -10.26 -19.67 17.63
C GLY E 139 -9.77 -19.71 19.02
N ALA E 140 -10.03 -18.69 19.78
CA ALA E 140 -9.43 -18.64 21.07
C ALA E 140 -10.39 -18.79 22.23
N ASP E 141 -10.06 -19.66 23.11
CA ASP E 141 -10.79 -19.87 24.30
C ASP E 141 -10.42 -18.90 25.40
N VAL E 142 -9.14 -18.66 25.53
CA VAL E 142 -8.63 -17.79 26.55
C VAL E 142 -7.55 -16.92 25.96
N VAL E 143 -7.47 -15.70 26.44
CA VAL E 143 -6.46 -14.77 25.99
C VAL E 143 -5.84 -14.13 27.22
N VAL E 144 -4.57 -13.83 27.18
CA VAL E 144 -3.83 -13.20 28.27
C VAL E 144 -3.22 -11.85 27.92
N LEU E 145 -3.25 -10.89 28.81
CA LEU E 145 -2.67 -9.61 28.48
C LEU E 145 -1.43 -9.38 29.28
N ASP E 146 -0.38 -8.92 28.63
CA ASP E 146 0.90 -8.72 29.24
C ASP E 146 1.47 -7.40 28.64
N GLY E 147 1.31 -6.35 29.41
CA GLY E 147 1.63 -5.00 29.08
C GLY E 147 0.82 -4.47 27.94
N LEU E 148 -0.47 -4.76 27.85
CA LEU E 148 -1.22 -4.20 26.76
C LEU E 148 -1.51 -2.75 27.15
N LEU E 149 -0.97 -1.78 26.44
CA LEU E 149 -1.24 -0.42 26.78
C LEU E 149 -2.68 0.00 26.61
N VAL E 150 -3.36 -0.49 25.62
CA VAL E 150 -4.73 -0.14 25.37
C VAL E 150 -5.59 -0.67 26.51
N ILE E 151 -6.60 0.06 26.91
CA ILE E 151 -7.48 -0.34 27.97
C ILE E 151 -8.78 -0.78 27.39
N LEU E 152 -9.17 -2.01 27.66
CA LEU E 152 -10.34 -2.54 27.05
C LEU E 152 -11.70 -2.02 27.56
N ASP E 153 -12.66 -2.07 26.70
CA ASP E 153 -14.01 -1.71 27.09
C ASP E 153 -14.96 -2.54 26.34
N GLU E 154 -15.00 -2.29 25.07
CA GLU E 154 -15.87 -3.01 24.19
C GLU E 154 -15.58 -4.48 24.04
N LEU E 155 -14.34 -4.85 23.97
CA LEU E 155 -14.01 -6.26 23.85
C LEU E 155 -14.48 -7.02 25.06
N VAL E 156 -14.34 -6.49 26.25
CA VAL E 156 -14.75 -7.15 27.50
C VAL E 156 -16.11 -6.79 28.11
N ARG E 157 -16.92 -6.11 27.35
CA ARG E 157 -18.20 -5.71 27.76
C ARG E 157 -19.06 -6.94 28.15
N PRO E 158 -19.91 -6.84 29.16
CA PRO E 158 -20.64 -7.99 29.58
C PRO E 158 -21.47 -8.60 28.50
N GLY E 159 -21.47 -9.90 28.46
CA GLY E 159 -22.19 -10.53 27.43
C GLY E 159 -21.47 -10.58 26.11
N ALA E 160 -20.28 -10.06 26.01
CA ALA E 160 -19.60 -10.16 24.76
C ALA E 160 -19.04 -11.51 24.63
N PRO E 161 -18.66 -11.88 23.43
CA PRO E 161 -18.07 -13.17 23.13
C PRO E 161 -16.83 -13.43 23.93
N PHE E 162 -16.04 -12.41 24.21
CA PHE E 162 -14.90 -12.55 25.11
C PHE E 162 -15.25 -11.83 26.38
N ALA E 163 -16.47 -11.97 26.77
CA ALA E 163 -16.99 -11.32 27.94
C ALA E 163 -16.15 -11.72 29.16
N ARG E 164 -15.79 -12.96 29.29
CA ARG E 164 -14.89 -13.37 30.34
C ARG E 164 -13.83 -14.35 29.84
N ARG E 165 -13.50 -14.33 28.62
CA ARG E 165 -12.51 -15.20 28.19
C ARG E 165 -11.09 -14.60 28.11
N ILE E 166 -10.81 -13.52 28.77
CA ILE E 166 -9.49 -12.96 28.68
C ILE E 166 -8.98 -12.43 30.04
N MSE E 167 -7.73 -12.71 30.31
CA MSE E 167 -7.16 -12.36 31.53
C MSE E 167 -5.91 -11.56 31.46
O MSE E 167 -5.17 -11.66 30.51
CB MSE E 167 -6.84 -13.71 32.11
CG MSE E 167 -7.84 -14.85 31.96
SE MSE E 167 -9.15 -14.82 33.36
CE MSE E 167 -8.07 -15.66 34.66
H MSE E 167 -7.19 -13.11 29.78
HA MSE E 167 -7.81 -11.91 32.11
HB2 MSE E 167 -6.02 -14.01 31.72
HB3 MSE E 167 -6.70 -13.59 33.07
HG2 MSE E 167 -8.31 -14.81 31.11
HG3 MSE E 167 -7.37 -15.69 32.03
HE1 MSE E 167 -8.58 -15.78 35.47
HE2 MSE E 167 -7.78 -16.53 34.32
HE3 MSE E 167 -7.29 -15.10 34.84
N ASN E 168 -5.62 -10.75 32.46
CA ASN E 168 -4.44 -9.96 32.43
C ASN E 168 -3.47 -10.37 33.50
N ILE E 169 -2.21 -10.58 33.17
CA ILE E 169 -1.26 -10.90 34.19
C ILE E 169 -0.46 -9.63 34.58
N HIS E 170 -0.84 -9.04 35.68
CA HIS E 170 -0.32 -7.82 36.14
C HIS E 170 0.72 -8.02 37.23
N PRO E 171 1.71 -7.12 37.36
CA PRO E 171 2.70 -7.20 38.44
C PRO E 171 2.43 -6.48 39.76
N GLY E 172 1.35 -6.83 40.39
CA GLY E 172 0.98 -6.39 41.69
C GLY E 172 -0.22 -7.17 42.13
N VAL E 173 -0.45 -7.25 43.42
CA VAL E 173 -1.59 -7.98 43.85
C VAL E 173 -2.73 -7.04 43.62
N THR E 174 -3.71 -7.42 42.86
CA THR E 174 -4.84 -6.57 42.66
C THR E 174 -5.96 -6.62 43.72
N ARG E 175 -5.84 -7.52 44.66
CA ARG E 175 -6.86 -7.70 45.59
C ARG E 175 -6.93 -6.45 46.40
N GLU E 176 -8.10 -5.90 46.37
CA GLU E 176 -8.49 -4.69 47.03
C GLU E 176 -8.25 -4.72 48.54
N ASP E 177 -8.51 -5.86 49.14
CA ASP E 177 -8.28 -6.04 50.54
C ASP E 177 -6.87 -6.47 50.93
N SER E 178 -5.89 -6.02 50.22
CA SER E 178 -4.58 -6.47 50.52
C SER E 178 -3.70 -5.43 51.12
N PRO E 179 -2.92 -5.85 52.08
CA PRO E 179 -1.91 -4.94 52.59
C PRO E 179 -0.94 -4.59 51.49
N TYR E 180 -0.69 -5.50 50.60
CA TYR E 180 0.23 -5.24 49.54
C TYR E 180 -0.44 -4.97 48.20
N GLU E 181 -1.60 -4.35 48.20
CA GLU E 181 -2.27 -4.10 47.01
C GLU E 181 -1.46 -3.15 46.21
N ARG E 182 -1.09 -3.54 45.04
CA ARG E 182 -0.33 -2.69 44.22
C ARG E 182 -0.99 -2.70 42.87
N ARG E 183 -1.99 -1.92 42.65
CA ARG E 183 -2.61 -1.93 41.37
C ARG E 183 -2.37 -0.68 40.55
N GLY E 184 -2.33 -0.85 39.24
CA GLY E 184 -2.14 0.20 38.31
C GLY E 184 -0.79 0.23 37.63
N ALA E 185 -0.66 1.13 36.70
CA ALA E 185 0.52 1.33 35.91
C ALA E 185 1.73 1.70 36.69
N TYR E 186 1.53 2.27 37.84
CA TYR E 186 2.61 2.54 38.66
C TYR E 186 2.83 1.52 39.77
N ALA E 187 2.26 0.34 39.67
CA ALA E 187 2.29 -0.63 40.71
C ALA E 187 3.65 -1.01 41.16
N THR E 188 4.51 -1.30 40.24
CA THR E 188 5.88 -1.67 40.51
C THR E 188 6.64 -0.57 41.20
N LEU E 189 6.47 0.66 40.76
CA LEU E 189 7.11 1.80 41.38
C LEU E 189 6.64 1.96 42.83
N ASP E 190 5.38 1.74 43.08
CA ASP E 190 4.88 1.81 44.42
C ASP E 190 5.58 0.75 45.23
N ALA E 191 5.90 -0.37 44.67
CA ALA E 191 6.62 -1.35 45.41
C ALA E 191 8.06 -0.92 45.75
N LEU E 192 8.77 -0.29 44.87
CA LEU E 192 10.09 0.08 45.17
C LEU E 192 10.27 1.09 46.29
N TYR E 193 9.61 2.23 46.17
CA TYR E 193 9.59 3.24 47.20
C TYR E 193 8.87 2.75 48.47
N GLY E 194 7.98 1.78 48.34
CA GLY E 194 7.23 1.17 49.42
C GLY E 194 8.05 0.46 50.46
N ALA E 195 9.11 -0.18 50.01
CA ALA E 195 10.13 -0.80 50.82
C ALA E 195 11.06 0.19 51.50
N ARG E 196 11.15 1.37 50.96
CA ARG E 196 11.93 2.43 51.55
C ARG E 196 11.08 3.34 52.42
N GLY E 197 9.94 2.87 52.88
CA GLY E 197 9.01 3.63 53.65
C GLY E 197 8.53 4.85 52.94
N GLU E 198 8.17 4.80 51.68
CA GLU E 198 7.71 5.99 50.99
C GLU E 198 6.51 5.80 50.04
N LYS E 199 5.68 6.82 49.83
CA LYS E 199 4.60 6.71 48.90
C LYS E 199 4.52 7.98 48.11
N VAL E 200 4.79 7.95 46.82
CA VAL E 200 4.83 9.15 46.05
C VAL E 200 3.45 9.68 45.73
N VAL E 201 3.18 10.92 46.06
CA VAL E 201 1.92 11.47 45.72
C VAL E 201 1.83 12.22 44.43
N ASP E 202 2.91 12.68 43.84
CA ASP E 202 2.80 13.27 42.57
C ASP E 202 4.01 12.78 41.79
N TRP E 203 3.81 12.05 40.71
CA TRP E 203 4.90 11.58 39.88
C TRP E 203 5.67 12.69 39.18
N ALA E 204 4.98 13.77 38.94
CA ALA E 204 5.42 14.99 38.30
C ALA E 204 6.48 15.71 39.10
N THR E 205 6.11 16.02 40.32
CA THR E 205 6.96 16.66 41.28
C THR E 205 7.63 15.60 42.10
N MSE E 206 8.55 16.03 42.90
CA MSE E 206 9.18 15.15 43.80
C MSE E 206 8.34 14.60 44.93
O MSE E 206 8.52 13.42 45.16
CB MSE E 206 10.45 15.81 44.39
CG MSE E 206 10.31 16.92 45.43
SE MSE E 206 11.32 16.44 47.05
CE MSE E 206 10.26 15.19 48.13
H MSE E 206 8.84 16.85 42.94
HA MSE E 206 9.48 14.38 43.29
HB2 MSE E 206 10.97 15.11 44.80
HB3 MSE E 206 10.94 16.18 43.65
HG2 MSE E 206 10.66 17.75 45.07
HG3 MSE E 206 9.38 17.03 45.67
HE1 MSE E 206 10.80 14.87 48.87
HE2 MSE E 206 9.47 15.64 48.47
HE3 MSE E 206 10.00 14.43 47.57
N GLU E 207 7.34 15.29 45.46
CA GLU E 207 6.81 14.92 46.75
C GLU E 207 6.46 13.47 47.09
N LYS E 208 7.05 13.00 48.20
CA LYS E 208 6.90 11.68 48.71
C LYS E 208 6.41 11.81 50.14
N VAL E 209 5.69 10.83 50.62
CA VAL E 209 5.18 10.88 51.96
C VAL E 209 5.55 9.61 52.61
N ALA E 210 5.92 9.67 53.86
CA ALA E 210 6.32 8.47 54.52
C ALA E 210 5.20 7.42 54.77
N VAL E 211 5.52 6.14 54.59
CA VAL E 211 4.61 5.02 54.83
C VAL E 211 5.36 3.89 55.54
N GLU E 212 4.70 2.78 55.86
CA GLU E 212 5.38 1.67 56.52
C GLU E 212 6.04 0.84 55.48
N PRO E 213 7.31 0.57 55.63
CA PRO E 213 7.93 -0.12 54.55
C PRO E 213 7.34 -1.46 54.34
N LEU E 214 6.72 -1.72 53.23
CA LEU E 214 6.13 -2.99 52.96
C LEU E 214 7.18 -3.72 52.17
N TYR E 215 7.51 -4.90 52.56
CA TYR E 215 8.55 -5.62 51.85
C TYR E 215 8.21 -6.73 50.85
N TRP E 216 6.97 -7.09 50.65
CA TRP E 216 6.67 -8.14 49.68
C TRP E 216 5.76 -7.59 48.60
N THR E 217 5.99 -7.92 47.38
CA THR E 217 5.08 -7.57 46.31
C THR E 217 4.76 -8.88 45.57
N GLY E 218 4.28 -8.77 44.37
CA GLY E 218 3.89 -9.93 43.64
C GLY E 218 3.12 -9.56 42.42
N ALA E 219 2.29 -10.46 41.97
CA ALA E 219 1.50 -10.36 40.78
C ALA E 219 0.10 -10.97 40.85
N SER E 220 -0.74 -10.53 39.95
CA SER E 220 -2.08 -10.96 39.89
C SER E 220 -2.56 -11.46 38.51
N PHE E 221 -3.19 -12.59 38.42
CA PHE E 221 -3.75 -13.09 37.20
C PHE E 221 -5.25 -12.92 37.38
N HIS E 222 -5.81 -11.84 36.94
CA HIS E 222 -7.21 -11.58 37.17
C HIS E 222 -8.06 -11.32 35.94
N TYR E 223 -9.35 -11.30 36.13
CA TYR E 223 -10.26 -11.05 35.07
C TYR E 223 -10.25 -9.55 34.76
N VAL E 224 -10.25 -9.22 33.49
CA VAL E 224 -10.24 -7.87 32.97
C VAL E 224 -11.57 -7.18 33.14
N GLY E 231 -10.88 -5.32 38.96
CA GLY E 231 -11.71 -6.48 38.77
C GLY E 231 -11.56 -7.58 39.83
N GLU E 232 -11.53 -8.83 39.44
CA GLU E 232 -11.35 -9.88 40.43
C GLU E 232 -10.18 -10.80 40.12
N VAL E 233 -9.33 -11.02 41.08
CA VAL E 233 -8.24 -11.87 40.88
C VAL E 233 -8.75 -13.29 40.59
N PHE E 234 -8.05 -14.04 39.78
CA PHE E 234 -8.37 -15.44 39.64
C PHE E 234 -7.32 -16.19 40.43
N HIS E 235 -6.09 -15.87 40.20
CA HIS E 235 -5.05 -16.47 40.92
C HIS E 235 -3.96 -15.48 41.11
N ASP E 236 -3.29 -15.54 42.23
CA ASP E 236 -2.21 -14.63 42.45
C ASP E 236 -1.07 -15.27 43.20
N VAL E 237 0.06 -14.63 43.19
CA VAL E 237 1.21 -15.10 43.86
C VAL E 237 1.97 -13.96 44.50
N LEU E 238 1.95 -13.87 45.83
CA LEU E 238 2.72 -12.89 46.58
C LEU E 238 4.03 -13.50 47.09
N LYS E 239 5.06 -13.51 46.29
CA LYS E 239 6.36 -14.05 46.67
C LYS E 239 7.63 -13.19 46.36
N THR E 240 7.49 -11.91 46.12
CA THR E 240 8.60 -11.11 45.78
C THR E 240 9.06 -10.23 46.94
N GLU E 241 10.27 -10.46 47.41
CA GLU E 241 10.87 -9.71 48.50
C GLU E 241 11.55 -8.45 47.96
N ILE E 242 11.40 -7.37 48.67
CA ILE E 242 11.92 -6.14 48.21
C ILE E 242 12.71 -5.58 49.31
N SER E 243 13.91 -5.18 49.09
CA SER E 243 14.55 -4.58 50.18
C SER E 243 14.81 -3.13 49.77
N PRO E 244 14.94 -2.23 50.72
CA PRO E 244 15.19 -0.85 50.36
C PRO E 244 16.42 -0.61 49.51
N ASP E 245 17.34 -1.52 49.53
CA ASP E 245 18.48 -1.51 48.69
C ASP E 245 18.11 -1.67 47.21
N ASP E 246 17.05 -2.37 46.93
CA ASP E 246 16.76 -2.71 45.59
C ASP E 246 16.60 -1.56 44.66
N THR E 247 17.06 -1.75 43.45
CA THR E 247 16.78 -0.82 42.39
C THR E 247 15.40 -1.19 41.83
N ILE E 248 14.90 -0.37 40.94
CA ILE E 248 13.70 -0.67 40.22
C ILE E 248 13.87 -1.85 39.27
N LEU E 249 14.96 -1.87 38.56
CA LEU E 249 15.27 -2.93 37.65
C LEU E 249 15.43 -4.27 38.33
N GLU E 250 16.10 -4.29 39.47
CA GLU E 250 16.26 -5.48 40.27
C GLU E 250 14.91 -6.00 40.72
N LEU E 251 14.04 -5.11 41.18
CA LEU E 251 12.70 -5.45 41.52
C LEU E 251 11.94 -5.91 40.29
N ARG E 252 12.16 -5.28 39.12
CA ARG E 252 11.44 -5.70 37.91
C ARG E 252 11.82 -7.16 37.68
N TRP E 253 13.11 -7.45 37.66
CA TRP E 253 13.62 -8.78 37.51
C TRP E 253 13.25 -9.65 38.73
N ASN E 254 13.26 -9.13 39.91
CA ASN E 254 12.82 -9.88 41.07
C ASN E 254 11.31 -10.26 41.00
N ASN E 255 10.45 -9.37 40.53
CA ASN E 255 9.04 -9.67 40.48
C ASN E 255 8.61 -10.65 39.44
N PHE E 256 9.21 -10.66 38.30
CA PHE E 256 8.90 -11.65 37.32
C PHE E 256 9.16 -13.04 37.80
N ASN E 257 10.35 -13.28 38.25
CA ASN E 257 10.77 -14.55 38.69
C ASN E 257 10.01 -15.22 39.87
N ASN E 258 9.92 -14.52 40.96
CA ASN E 258 9.32 -14.98 42.14
C ASN E 258 7.86 -15.08 42.08
N SER E 259 7.19 -14.14 41.50
CA SER E 259 5.79 -14.23 41.56
C SER E 259 5.00 -14.31 40.27
N LEU E 260 5.30 -13.43 39.35
CA LEU E 260 4.57 -13.31 38.14
C LEU E 260 4.61 -14.40 37.15
N PHE E 261 5.78 -14.93 36.84
CA PHE E 261 5.86 -15.99 35.90
C PHE E 261 5.07 -17.14 36.47
N PRO E 262 5.25 -17.52 37.72
CA PRO E 262 4.48 -18.60 38.34
C PRO E 262 3.00 -18.28 38.43
N ALA E 263 2.68 -17.06 38.75
CA ALA E 263 1.30 -16.67 38.73
C ALA E 263 0.69 -16.89 37.32
N LEU E 264 1.43 -16.67 36.25
CA LEU E 264 0.96 -16.95 34.95
C LEU E 264 0.89 -18.43 34.56
N HIS E 265 1.93 -19.15 34.80
CA HIS E 265 1.89 -20.55 34.58
C HIS E 265 0.91 -21.26 35.50
N GLU E 266 0.92 -20.88 36.75
CA GLU E 266 0.08 -21.50 37.70
C GLU E 266 -1.37 -21.24 37.55
N GLY E 267 -1.66 -19.97 37.47
CA GLY E 267 -2.98 -19.47 37.27
C GLY E 267 -3.56 -19.99 35.98
N LEU E 268 -2.78 -20.20 34.94
CA LEU E 268 -3.28 -20.74 33.69
C LEU E 268 -3.68 -22.24 33.82
N ALA E 269 -2.83 -23.01 34.47
CA ALA E 269 -3.11 -24.40 34.73
C ALA E 269 -4.38 -24.55 35.54
N LEU E 270 -4.56 -23.75 36.57
CA LEU E 270 -5.77 -23.73 37.35
C LEU E 270 -7.05 -23.30 36.58
N LEU E 271 -6.86 -22.61 35.48
CA LEU E 271 -7.96 -22.13 34.64
C LEU E 271 -8.58 -23.20 33.78
N ALA E 272 -7.76 -23.98 33.14
CA ALA E 272 -8.19 -25.02 32.36
C ALA E 272 -8.59 -26.12 33.30
N LYS F 3 -30.81 22.80 -13.80
CA LYS F 3 -30.48 24.21 -13.88
C LYS F 3 -30.57 24.88 -12.55
N ARG F 4 -30.51 24.12 -11.49
CA ARG F 4 -30.57 24.74 -10.20
C ARG F 4 -29.21 24.87 -9.53
N LYS F 5 -28.11 24.81 -10.27
CA LYS F 5 -26.72 24.94 -9.78
C LYS F 5 -26.31 24.61 -8.32
N LEU F 6 -25.90 23.39 -8.12
CA LEU F 6 -25.54 22.88 -6.85
C LEU F 6 -24.06 22.86 -6.61
N ALA F 7 -23.68 23.39 -5.46
CA ALA F 7 -22.30 23.37 -5.02
C ALA F 7 -22.12 22.47 -3.76
N TYR F 8 -21.16 21.58 -3.80
CA TYR F 8 -20.90 20.65 -2.75
C TYR F 8 -19.60 20.94 -2.03
N ILE F 9 -19.58 20.85 -0.73
CA ILE F 9 -18.36 21.05 0.01
C ILE F 9 -18.18 19.97 1.05
N TRP F 10 -16.99 19.40 1.16
CA TRP F 10 -16.64 18.35 2.10
C TRP F 10 -15.13 18.34 2.42
N SER F 11 -14.78 17.90 3.61
CA SER F 11 -13.41 17.81 4.03
C SER F 11 -12.95 16.41 3.69
N LEU F 12 -11.91 16.27 2.88
CA LEU F 12 -11.36 14.97 2.51
C LEU F 12 -10.87 14.16 3.70
N ARG F 13 -10.35 14.80 4.69
CA ARG F 13 -9.91 14.13 5.90
C ARG F 13 -11.04 13.51 6.65
N ASN F 14 -12.17 14.18 6.67
CA ASN F 14 -13.42 13.70 7.19
C ASN F 14 -13.92 12.53 6.33
N ALA F 15 -13.84 12.64 5.04
CA ALA F 15 -14.24 11.56 4.24
C ALA F 15 -13.40 10.34 4.56
N ALA F 16 -12.10 10.47 4.67
CA ALA F 16 -11.21 9.38 4.97
C ALA F 16 -11.49 8.77 6.33
N ALA F 17 -11.72 9.59 7.31
CA ALA F 17 -12.07 9.14 8.59
C ALA F 17 -13.35 8.27 8.51
N ASP F 18 -14.25 8.56 7.60
CA ASP F 18 -15.42 7.73 7.41
C ASP F 18 -15.25 6.51 6.49
N LYS F 19 -14.08 6.19 6.09
CA LYS F 19 -13.86 5.11 5.20
C LYS F 19 -14.58 5.21 3.85
N ALA F 20 -14.72 6.41 3.39
CA ALA F 20 -15.32 6.74 2.16
C ALA F 20 -14.60 6.05 0.98
N GLY F 21 -15.39 5.40 0.16
CA GLY F 21 -14.96 4.63 -0.96
C GLY F 21 -14.28 3.32 -0.64
N GLN F 22 -14.27 2.90 0.60
CA GLN F 22 -13.67 1.66 0.96
C GLN F 22 -14.72 0.62 1.27
N TYR F 23 -14.35 -0.64 1.34
CA TYR F 23 -15.28 -1.65 1.78
C TYR F 23 -15.09 -1.88 3.27
N VAL F 24 -16.16 -2.09 3.97
CA VAL F 24 -16.08 -2.29 5.37
C VAL F 24 -16.69 -3.61 5.76
N PRO F 25 -16.20 -4.26 6.77
CA PRO F 25 -16.83 -5.48 7.20
C PRO F 25 -18.13 -5.11 7.95
N TYR F 26 -19.22 -5.75 7.54
CA TYR F 26 -20.54 -5.46 8.02
C TYR F 26 -21.22 -6.74 8.47
N GLN F 30 -18.97 -7.63 4.76
CA GLN F 30 -18.43 -6.74 3.74
C GLN F 30 -19.42 -5.83 2.96
N ARG F 31 -19.16 -4.57 2.88
CA ARG F 31 -20.03 -3.67 2.18
C ARG F 31 -19.21 -2.46 1.79
N TYR F 32 -19.64 -1.86 0.71
CA TYR F 32 -18.98 -0.74 0.17
C TYR F 32 -19.53 0.42 0.86
N MSE F 33 -18.66 1.20 1.44
CA MSE F 33 -19.07 2.39 2.13
C MSE F 33 -19.11 3.51 1.13
O MSE F 33 -18.14 4.19 0.90
CB MSE F 33 -18.11 2.54 3.28
CG MSE F 33 -18.18 3.81 4.04
SE MSE F 33 -19.72 3.87 5.15
CE MSE F 33 -18.98 2.86 6.61
H MSE F 33 -17.80 1.07 1.44
HA MSE F 33 -19.95 2.27 2.50
HB2 MSE F 33 -18.27 1.82 3.90
HB3 MSE F 33 -17.20 2.48 2.92
HG2 MSE F 33 -17.39 3.89 4.60
HG3 MSE F 33 -18.23 4.56 3.42
HE1 MSE F 33 -19.67 2.74 7.29
HE2 MSE F 33 -18.70 2.00 6.28
HE3 MSE F 33 -18.23 3.34 6.98
N LYS F 34 -20.25 3.66 0.53
CA LYS F 34 -20.49 4.66 -0.45
C LYS F 34 -20.42 6.03 0.15
N SER F 35 -19.82 6.96 -0.54
CA SER F 35 -19.79 8.30 -0.06
C SER F 35 -21.11 8.98 -0.33
N VAL F 36 -21.37 10.00 0.45
CA VAL F 36 -22.53 10.82 0.25
C VAL F 36 -22.49 11.47 -1.14
N LEU F 37 -21.34 11.92 -1.57
CA LEU F 37 -21.12 12.53 -2.86
C LEU F 37 -21.39 11.61 -4.02
N GLU F 38 -20.91 10.40 -3.94
CA GLU F 38 -21.21 9.41 -4.95
C GLU F 38 -22.73 9.12 -4.98
N SER F 39 -23.34 9.01 -3.85
CA SER F 39 -24.73 8.73 -3.79
C SER F 39 -25.55 9.85 -4.47
N LEU F 40 -25.22 11.08 -4.21
CA LEU F 40 -25.86 12.18 -4.86
C LEU F 40 -25.57 12.14 -6.34
N VAL F 41 -24.38 11.72 -6.69
CA VAL F 41 -24.04 11.61 -8.07
C VAL F 41 -24.98 10.59 -8.69
N GLU F 42 -25.30 9.50 -8.02
CA GLU F 42 -26.25 8.53 -8.56
C GLU F 42 -27.67 9.06 -8.71
N ALA F 43 -28.17 9.77 -7.71
CA ALA F 43 -29.43 10.42 -7.77
C ALA F 43 -29.44 11.43 -8.91
N LEU F 44 -28.37 12.15 -9.12
CA LEU F 44 -28.36 13.04 -10.23
C LEU F 44 -28.36 12.28 -11.53
N ASN F 45 -27.65 11.19 -11.59
CA ASN F 45 -27.70 10.45 -12.78
C ASN F 45 -28.96 9.66 -13.03
N GLN F 46 -29.45 8.97 -12.06
CA GLN F 46 -30.59 8.13 -12.26
C GLN F 46 -31.99 8.56 -11.80
N THR F 47 -32.22 9.79 -11.51
CA THR F 47 -33.49 10.21 -11.05
C THR F 47 -33.79 11.57 -11.59
N ALA F 48 -35.00 12.01 -11.35
CA ALA F 48 -35.41 13.34 -11.72
C ALA F 48 -34.76 14.44 -10.91
N LEU F 49 -33.99 14.06 -9.93
CA LEU F 49 -33.18 15.01 -9.17
C LEU F 49 -32.17 15.70 -10.10
N GLY F 50 -31.65 14.93 -11.05
CA GLY F 50 -30.76 15.33 -12.12
C GLY F 50 -31.42 16.38 -13.01
N ASP F 51 -32.72 16.38 -13.10
CA ASP F 51 -33.43 17.42 -13.78
C ASP F 51 -33.48 18.75 -13.05
N ALA F 52 -33.58 18.75 -11.76
CA ALA F 52 -33.56 19.96 -10.95
C ALA F 52 -32.23 20.67 -10.74
N TYR F 53 -31.15 19.96 -10.56
CA TYR F 53 -29.94 20.61 -10.27
C TYR F 53 -28.83 20.17 -11.15
N GLU F 54 -27.79 20.99 -11.21
CA GLU F 54 -26.57 20.69 -11.91
C GLU F 54 -25.51 20.88 -10.85
N LEU F 55 -24.79 19.85 -10.51
CA LEU F 55 -23.76 19.98 -9.55
C LEU F 55 -22.62 20.66 -10.26
N VAL F 56 -22.25 21.84 -9.82
CA VAL F 56 -21.18 22.56 -10.50
C VAL F 56 -19.82 22.65 -9.81
N GLY F 57 -19.41 21.64 -9.09
CA GLY F 57 -18.14 21.68 -8.42
C GLY F 57 -18.16 21.13 -7.02
N VAL F 58 -17.12 20.41 -6.65
CA VAL F 58 -16.97 19.85 -5.35
C VAL F 58 -15.77 20.48 -4.65
N ILE F 59 -15.99 21.35 -3.70
CA ILE F 59 -14.93 22.00 -2.97
C ILE F 59 -14.38 21.21 -1.78
N TYR F 60 -13.08 21.17 -1.58
CA TYR F 60 -12.50 20.52 -0.43
C TYR F 60 -11.57 21.46 0.20
N ASP F 61 -11.56 21.55 1.49
CA ASP F 61 -10.67 22.44 2.22
C ASP F 61 -9.29 21.92 2.74
N ASP F 62 -9.00 20.66 2.61
CA ASP F 62 -7.81 20.12 3.15
C ASP F 62 -6.58 20.80 2.64
N ASP F 63 -5.61 21.03 3.49
CA ASP F 63 -4.44 21.68 2.99
C ASP F 63 -3.25 20.73 2.87
N ALA F 64 -2.70 20.62 1.70
CA ALA F 64 -1.61 19.75 1.48
C ALA F 64 -0.35 20.11 2.28
N GLU F 65 -0.08 21.36 2.59
CA GLU F 65 1.05 21.67 3.43
C GLU F 65 0.87 21.39 4.92
N LEU F 66 -0.25 20.87 5.36
CA LEU F 66 -0.40 20.57 6.74
C LEU F 66 -0.08 19.12 6.95
N PRO F 67 0.91 18.81 7.75
CA PRO F 67 1.26 17.44 8.00
C PRO F 67 0.08 16.68 8.56
N ARG F 68 -0.66 17.21 9.51
CA ARG F 68 -1.86 16.52 9.99
C ARG F 68 -2.90 16.34 8.85
N ASP F 69 -3.09 17.30 8.00
CA ASP F 69 -3.96 17.09 6.88
C ASP F 69 -3.40 16.02 5.96
N GLN F 70 -2.11 15.89 5.81
CA GLN F 70 -1.56 14.83 4.96
C GLN F 70 -1.76 13.37 5.45
N GLY F 71 -1.50 13.15 6.71
CA GLY F 71 -1.65 11.88 7.36
C GLY F 71 -3.06 11.31 7.41
N LYS F 72 -4.00 12.19 7.66
CA LYS F 72 -5.40 11.90 7.72
C LYS F 72 -5.87 11.33 6.40
N ILE F 73 -5.30 11.77 5.31
CA ILE F 73 -5.69 11.20 4.06
C ILE F 73 -4.65 10.35 3.38
N LYS F 74 -3.68 9.86 4.10
CA LYS F 74 -2.60 9.12 3.48
C LYS F 74 -3.06 7.98 2.67
N ASP F 75 -4.07 7.30 3.11
CA ASP F 75 -4.60 6.19 2.38
C ASP F 75 -5.13 6.58 1.01
N TYR F 76 -5.60 7.79 0.88
CA TYR F 76 -6.13 8.33 -0.35
C TYR F 76 -5.22 9.24 -1.12
N GLY F 77 -4.71 10.21 -0.44
CA GLY F 77 -3.87 11.17 -1.05
C GLY F 77 -4.64 12.38 -1.55
N PHE F 78 -3.96 13.48 -1.73
CA PHE F 78 -4.56 14.68 -2.27
C PHE F 78 -4.94 14.47 -3.75
N ALA F 79 -4.19 13.72 -4.52
CA ALA F 79 -4.61 13.45 -5.88
C ALA F 79 -4.70 11.93 -6.20
N TYR F 80 -5.63 11.54 -7.05
CA TYR F 80 -5.88 10.15 -7.36
C TYR F 80 -4.70 9.31 -7.71
N GLN F 85 -6.62 3.89 -4.36
CA GLN F 85 -7.71 4.06 -3.42
C GLN F 85 -8.20 5.46 -3.44
N TRP F 86 -9.48 5.63 -3.55
CA TRP F 86 -10.01 6.93 -3.68
C TRP F 86 -11.33 7.04 -2.97
N PHE F 87 -11.80 8.24 -2.84
CA PHE F 87 -13.08 8.50 -2.24
C PHE F 87 -14.35 7.92 -2.93
N TYR F 88 -14.20 7.64 -4.20
CA TYR F 88 -15.22 7.10 -5.06
C TYR F 88 -14.48 6.48 -6.25
N PRO F 89 -15.19 5.80 -7.14
CA PRO F 89 -14.50 5.27 -8.32
C PRO F 89 -13.96 6.41 -9.12
N ALA F 90 -12.72 6.45 -9.44
CA ALA F 90 -12.17 7.59 -10.13
C ALA F 90 -12.79 7.91 -11.47
N ASP F 91 -13.23 6.89 -12.14
CA ASP F 91 -13.93 6.97 -13.40
C ASP F 91 -15.40 7.50 -13.31
N LEU F 92 -15.92 7.72 -12.12
CA LEU F 92 -17.27 8.14 -12.00
C LEU F 92 -17.51 9.43 -12.74
N GLN F 93 -18.67 9.54 -13.35
CA GLN F 93 -19.14 10.67 -14.11
C GLN F 93 -20.44 11.21 -13.49
N VAL F 94 -20.66 12.51 -13.59
CA VAL F 94 -21.90 13.06 -13.15
C VAL F 94 -22.45 13.83 -14.31
N GLN F 95 -23.60 13.52 -14.82
CA GLN F 95 -24.23 14.30 -15.87
C GLN F 95 -23.29 14.58 -17.02
N GLY F 96 -22.70 13.53 -17.53
CA GLY F 96 -21.75 13.67 -18.57
C GLY F 96 -20.60 14.53 -18.25
N LYS F 97 -19.94 14.32 -17.14
CA LYS F 97 -18.73 15.03 -16.74
C LYS F 97 -17.89 14.10 -15.86
N THR F 98 -16.60 14.17 -15.92
CA THR F 98 -15.86 13.31 -15.05
C THR F 98 -15.92 14.03 -13.72
N LEU F 99 -16.44 13.36 -12.69
CA LEU F 99 -16.60 13.93 -11.35
C LEU F 99 -15.30 14.48 -10.74
N ASN F 100 -14.19 13.86 -11.13
CA ASN F 100 -12.81 14.27 -10.77
C ASN F 100 -12.47 15.63 -11.25
N ASP F 101 -13.04 15.99 -12.37
CA ASP F 101 -12.89 17.30 -12.93
C ASP F 101 -13.59 18.43 -12.16
N LEU F 102 -14.31 18.14 -11.13
CA LEU F 102 -14.92 19.16 -10.36
C LEU F 102 -14.39 19.39 -8.94
N LEU F 103 -13.23 18.87 -8.59
CA LEU F 103 -12.74 19.12 -7.28
C LEU F 103 -12.09 20.46 -7.26
N LEU F 104 -12.44 21.31 -6.33
CA LEU F 104 -11.82 22.60 -6.21
C LEU F 104 -11.19 22.63 -4.85
N SER F 105 -9.96 23.09 -4.76
CA SER F 105 -9.27 23.19 -3.51
C SER F 105 -9.38 24.60 -3.02
N VAL F 106 -10.04 24.83 -1.90
CA VAL F 106 -10.13 26.10 -1.27
C VAL F 106 -9.60 25.77 0.10
N PRO F 107 -8.31 25.88 0.27
CA PRO F 107 -7.87 25.37 1.54
C PRO F 107 -8.02 26.22 2.75
N SER F 108 -8.24 25.56 3.87
CA SER F 108 -8.29 26.14 5.17
C SER F 108 -6.87 26.21 5.73
N THR F 109 -6.02 26.82 4.94
CA THR F 109 -4.63 27.09 5.26
C THR F 109 -4.50 27.86 6.58
N TYR F 110 -5.52 28.58 6.97
CA TYR F 110 -5.53 29.29 8.20
C TYR F 110 -5.29 28.40 9.37
N ARG F 111 -5.57 27.14 9.25
CA ARG F 111 -5.32 26.20 10.30
C ARG F 111 -3.80 26.02 10.65
N ARG F 112 -2.92 26.47 9.80
CA ARG F 112 -1.51 26.45 10.09
C ARG F 112 -1.25 27.26 11.39
N TYR F 113 -1.94 28.37 11.52
CA TYR F 113 -1.83 29.20 12.69
C TYR F 113 -2.54 28.63 13.85
N PRO F 114 -2.03 28.84 15.05
CA PRO F 114 -2.67 28.27 16.22
C PRO F 114 -4.04 28.83 16.39
N ARG F 115 -4.92 28.09 17.02
CA ARG F 115 -6.29 28.51 17.17
C ARG F 115 -6.38 29.81 17.92
N GLY F 116 -7.23 30.70 17.52
CA GLY F 116 -7.35 31.95 18.27
C GLY F 116 -6.36 33.10 18.16
N THR F 117 -5.31 32.86 17.42
CA THR F 117 -4.32 33.85 17.16
C THR F 117 -4.92 34.86 16.19
N PRO F 118 -4.42 36.07 16.19
CA PRO F 118 -4.92 37.03 15.22
C PRO F 118 -4.79 36.54 13.74
N GLU F 119 -3.76 35.80 13.40
CA GLU F 119 -3.58 35.27 12.03
C GLU F 119 -4.60 34.16 11.65
N HIS F 120 -4.84 33.27 12.60
CA HIS F 120 -5.78 32.20 12.49
C HIS F 120 -7.17 32.81 12.30
N VAL F 121 -7.56 33.76 13.07
CA VAL F 121 -8.83 34.37 12.86
C VAL F 121 -8.94 35.14 11.57
N ALA F 122 -7.96 35.95 11.24
CA ALA F 122 -7.96 36.69 9.98
C ALA F 122 -7.98 35.71 8.85
N GLY F 123 -7.26 34.64 8.98
CA GLY F 123 -7.22 33.61 8.01
C GLY F 123 -8.52 32.89 7.79
N LYS F 124 -9.23 32.59 8.87
CA LYS F 124 -10.48 31.92 8.73
C LYS F 124 -11.38 32.82 7.90
N SER F 125 -11.41 34.08 8.21
CA SER F 125 -12.23 35.02 7.49
C SER F 125 -11.89 35.08 6.03
N ASP F 126 -10.64 35.16 5.74
CA ASP F 126 -10.25 35.10 4.38
C ASP F 126 -10.59 33.74 3.76
N PHE F 127 -10.73 32.71 4.56
CA PHE F 127 -11.23 31.46 4.04
C PHE F 127 -12.69 31.59 3.74
N GLU F 128 -13.46 32.09 4.66
CA GLU F 128 -14.88 32.23 4.41
C GLU F 128 -15.20 33.16 3.22
N ARG F 129 -14.49 34.27 3.13
CA ARG F 129 -14.51 35.19 2.04
C ARG F 129 -14.10 34.44 0.79
N ARG F 130 -13.05 33.67 0.84
CA ARG F 130 -12.67 32.85 -0.30
C ARG F 130 -13.75 31.80 -0.61
N LEU F 131 -14.46 31.27 0.36
CA LEU F 131 -15.51 30.36 0.01
C LEU F 131 -16.57 31.08 -0.78
N HIS F 132 -16.93 32.23 -0.36
CA HIS F 132 -17.89 32.98 -1.07
C HIS F 132 -17.52 33.38 -2.53
N ASP F 133 -16.31 33.82 -2.77
CA ASP F 133 -15.91 34.20 -4.09
C ASP F 133 -16.04 33.07 -5.09
N THR F 134 -15.55 31.90 -4.74
CA THR F 134 -15.61 30.75 -5.63
C THR F 134 -17.04 30.33 -5.96
N LEU F 135 -17.92 30.33 -4.99
CA LEU F 135 -19.31 29.96 -5.18
C LEU F 135 -20.00 30.91 -6.16
N VAL F 136 -19.77 32.20 -5.98
CA VAL F 136 -20.23 33.25 -6.84
C VAL F 136 -19.67 32.98 -8.22
N GLU F 137 -18.43 32.55 -8.28
CA GLU F 137 -17.83 32.16 -9.53
C GLU F 137 -18.49 30.95 -10.16
N LEU F 138 -18.92 30.01 -9.36
CA LEU F 138 -19.59 28.87 -9.92
C LEU F 138 -21.06 29.06 -10.40
N GLY F 139 -21.69 30.18 -10.07
CA GLY F 139 -23.08 30.35 -10.29
C GLY F 139 -23.88 29.43 -9.39
N ALA F 140 -23.42 29.07 -8.21
CA ALA F 140 -24.07 28.14 -7.43
C ALA F 140 -25.35 28.74 -6.98
N ASP F 141 -26.46 28.12 -7.26
CA ASP F 141 -27.70 28.57 -6.71
C ASP F 141 -27.85 27.96 -5.29
N VAL F 142 -27.25 26.82 -4.93
CA VAL F 142 -27.39 26.23 -3.63
C VAL F 142 -26.15 25.43 -3.28
N VAL F 143 -25.82 25.43 -2.02
CA VAL F 143 -24.68 24.71 -1.53
C VAL F 143 -24.99 23.68 -0.40
N VAL F 144 -24.36 22.52 -0.46
CA VAL F 144 -24.53 21.45 0.50
C VAL F 144 -23.22 21.03 1.08
N LEU F 145 -23.14 20.87 2.38
CA LEU F 145 -21.90 20.44 3.00
C LEU F 145 -22.03 19.02 3.49
N ASP F 146 -20.93 18.33 3.54
CA ASP F 146 -20.91 16.97 3.98
C ASP F 146 -19.61 16.80 4.72
N GLY F 147 -19.67 17.01 6.00
CA GLY F 147 -18.51 16.92 6.82
C GLY F 147 -17.47 17.98 6.65
N LEU F 148 -17.76 19.13 6.09
CA LEU F 148 -16.73 20.11 5.99
C LEU F 148 -16.31 20.42 7.41
N LEU F 149 -15.08 20.23 7.74
CA LEU F 149 -14.66 20.47 9.12
C LEU F 149 -14.64 21.91 9.63
N VAL F 150 -14.67 22.88 8.76
CA VAL F 150 -14.64 24.23 9.15
C VAL F 150 -16.11 24.57 9.36
N ILE F 151 -16.52 25.00 10.54
CA ILE F 151 -17.87 25.36 10.83
C ILE F 151 -17.97 26.84 10.57
N LEU F 152 -18.95 27.26 9.78
CA LEU F 152 -19.05 28.64 9.32
C LEU F 152 -19.77 29.65 10.20
N ASP F 153 -19.23 30.85 10.33
CA ASP F 153 -19.88 31.85 11.14
C ASP F 153 -20.19 33.05 10.35
N GLU F 154 -19.31 33.49 9.48
CA GLU F 154 -19.55 34.67 8.69
C GLU F 154 -20.09 34.47 7.32
N LEU F 155 -19.89 33.31 6.76
CA LEU F 155 -20.53 32.98 5.51
C LEU F 155 -22.05 32.78 5.71
N VAL F 156 -22.49 32.54 6.91
CA VAL F 156 -23.90 32.43 7.08
C VAL F 156 -24.46 33.66 7.77
N ARG F 157 -23.85 34.77 7.46
CA ARG F 157 -24.17 36.08 7.94
C ARG F 157 -25.43 36.59 7.31
N PRO F 158 -26.01 37.63 7.89
CA PRO F 158 -27.23 38.23 7.40
C PRO F 158 -26.92 38.87 6.11
N GLY F 159 -27.73 38.77 5.12
CA GLY F 159 -27.35 39.52 3.99
C GLY F 159 -26.21 39.02 3.16
N ALA F 160 -25.57 37.97 3.56
CA ALA F 160 -24.55 37.42 2.69
C ALA F 160 -25.30 36.72 1.59
N PRO F 161 -24.76 36.69 0.42
CA PRO F 161 -25.55 36.08 -0.64
C PRO F 161 -25.96 34.68 -0.39
N PHE F 162 -25.15 33.85 0.19
CA PHE F 162 -25.51 32.47 0.37
C PHE F 162 -26.16 32.08 1.69
N ALA F 163 -26.73 33.03 2.41
CA ALA F 163 -27.25 32.80 3.75
C ALA F 163 -28.37 31.79 3.89
N ARG F 164 -29.37 31.88 3.08
CA ARG F 164 -30.36 30.88 3.09
C ARG F 164 -30.04 29.80 2.09
N ARG F 165 -29.06 29.93 1.22
CA ARG F 165 -28.82 28.85 0.30
C ARG F 165 -27.75 27.80 0.69
N ILE F 166 -27.39 27.75 1.95
CA ILE F 166 -26.38 26.83 2.36
C ILE F 166 -26.91 25.74 3.27
N MSE F 167 -26.72 24.49 2.87
CA MSE F 167 -27.27 23.43 3.64
C MSE F 167 -26.28 22.41 4.08
O MSE F 167 -25.25 22.26 3.49
CB MSE F 167 -28.33 22.73 2.81
CG MSE F 167 -29.37 23.63 2.13
SE MSE F 167 -30.51 24.55 3.35
CE MSE F 167 -32.24 23.83 3.11
H MSE F 167 -26.29 24.25 2.18
HA MSE F 167 -27.70 23.78 4.43
HB2 MSE F 167 -27.90 22.21 2.12
HB3 MSE F 167 -28.83 22.13 3.40
HG2 MSE F 167 -28.90 24.29 1.60
HG3 MSE F 167 -29.92 23.08 1.56
HE1 MSE F 167 -32.80 24.14 3.84
HE2 MSE F 167 -32.59 24.14 2.26
HE3 MSE F 167 -32.19 22.87 3.12
N ASN F 168 -26.59 21.72 5.13
CA ASN F 168 -25.77 20.69 5.64
C ASN F 168 -26.57 19.38 5.80
N ILE F 169 -25.95 18.25 5.54
CA ILE F 169 -26.58 16.99 5.80
C ILE F 169 -25.93 16.32 7.08
N HIS F 170 -26.63 16.27 8.17
CA HIS F 170 -26.09 15.77 9.34
C HIS F 170 -26.50 14.36 9.67
N PRO F 171 -25.60 13.54 10.20
CA PRO F 171 -26.06 12.19 10.51
C PRO F 171 -26.70 12.01 11.81
N GLY F 172 -27.71 12.81 12.05
CA GLY F 172 -28.56 12.70 13.20
C GLY F 172 -29.73 13.63 13.12
N VAL F 173 -30.81 13.42 13.84
CA VAL F 173 -31.92 14.34 13.84
C VAL F 173 -31.46 15.60 14.52
N THR F 174 -31.80 16.75 14.03
CA THR F 174 -31.35 17.91 14.73
C THR F 174 -32.35 18.76 15.50
N ARG F 175 -33.61 18.36 15.57
CA ARG F 175 -34.69 19.07 16.23
C ARG F 175 -34.57 19.14 17.74
N GLU F 176 -34.86 20.29 18.34
CA GLU F 176 -34.67 20.49 19.79
C GLU F 176 -35.49 19.62 20.69
N ASP F 177 -36.73 19.39 20.38
CA ASP F 177 -37.53 18.57 21.21
C ASP F 177 -37.78 17.25 20.53
N SER F 178 -36.71 16.56 20.20
CA SER F 178 -36.83 15.26 19.60
C SER F 178 -36.23 14.23 20.49
N PRO F 179 -36.92 13.13 20.71
CA PRO F 179 -36.31 12.10 21.50
C PRO F 179 -35.12 11.51 20.78
N TYR F 180 -35.13 11.48 19.48
CA TYR F 180 -34.04 10.87 18.78
C TYR F 180 -32.95 11.82 18.34
N GLU F 181 -32.91 13.03 18.87
CA GLU F 181 -31.95 14.00 18.44
C GLU F 181 -30.53 13.51 18.69
N ARG F 182 -29.70 13.58 17.68
CA ARG F 182 -28.31 13.26 17.83
C ARG F 182 -27.53 14.45 17.31
N ARG F 183 -27.50 15.51 18.09
CA ARG F 183 -26.80 16.69 17.71
C ARG F 183 -25.28 16.61 17.87
N GLY F 184 -24.56 17.23 16.95
CA GLY F 184 -23.12 17.33 17.00
C GLY F 184 -22.19 16.34 16.34
N ALA F 185 -20.91 16.55 16.54
CA ALA F 185 -19.86 15.71 16.02
C ALA F 185 -19.80 14.26 16.54
N TYR F 186 -20.35 14.06 17.70
CA TYR F 186 -20.41 12.83 18.27
C TYR F 186 -21.73 12.11 17.95
N ALA F 187 -22.33 12.43 16.82
CA ALA F 187 -23.65 11.90 16.49
C ALA F 187 -23.79 10.46 16.29
N THR F 188 -22.89 9.88 15.55
CA THR F 188 -22.95 8.48 15.32
C THR F 188 -22.61 7.63 16.57
N LEU F 189 -21.60 8.01 17.29
CA LEU F 189 -21.24 7.38 18.49
C LEU F 189 -22.28 7.49 19.57
N ASP F 190 -22.85 8.66 19.75
CA ASP F 190 -23.84 8.87 20.76
C ASP F 190 -24.97 7.97 20.44
N ALA F 191 -25.20 7.73 19.16
CA ALA F 191 -26.25 6.81 18.70
C ALA F 191 -25.98 5.38 19.00
N LEU F 192 -24.80 4.92 18.68
CA LEU F 192 -24.38 3.59 18.95
C LEU F 192 -24.40 3.33 20.44
N TYR F 193 -23.79 4.17 21.24
CA TYR F 193 -23.84 4.05 22.68
C TYR F 193 -25.23 4.21 23.27
N GLY F 194 -26.07 4.99 22.63
CA GLY F 194 -27.43 5.22 23.04
C GLY F 194 -28.30 3.99 23.09
N ALA F 195 -28.04 3.10 22.16
CA ALA F 195 -28.72 1.86 22.05
C ALA F 195 -28.45 1.00 23.22
N ARG F 196 -27.21 0.92 23.69
CA ARG F 196 -26.88 0.06 24.79
C ARG F 196 -27.32 0.57 26.15
N GLY F 197 -28.12 1.64 26.20
CA GLY F 197 -28.46 2.28 27.43
C GLY F 197 -27.29 3.09 27.94
N GLU F 198 -26.40 3.51 27.09
CA GLU F 198 -25.24 4.24 27.56
C GLU F 198 -24.96 5.61 26.91
N LYS F 199 -24.81 6.68 27.70
CA LYS F 199 -24.44 8.02 27.19
C LYS F 199 -23.12 8.50 27.81
N VAL F 200 -22.18 8.95 27.03
CA VAL F 200 -20.88 9.33 27.54
C VAL F 200 -20.84 10.72 28.16
N VAL F 201 -20.39 10.81 29.39
CA VAL F 201 -20.29 12.09 29.98
C VAL F 201 -18.93 12.83 29.85
N ASP F 202 -17.87 12.10 29.66
CA ASP F 202 -16.61 12.68 29.44
C ASP F 202 -16.01 11.85 28.32
N TRP F 203 -15.78 12.45 27.18
CA TRP F 203 -15.19 11.75 26.10
C TRP F 203 -13.79 11.32 26.39
N ALA F 204 -13.05 12.06 27.17
CA ALA F 204 -11.70 11.65 27.44
C ALA F 204 -11.61 10.40 28.24
N THR F 205 -12.34 10.31 29.30
CA THR F 205 -12.14 9.15 30.07
C THR F 205 -13.16 8.12 29.77
N MSE F 206 -13.98 8.33 28.76
CA MSE F 206 -15.05 7.44 28.40
C MSE F 206 -15.82 7.19 29.63
O MSE F 206 -16.06 6.07 30.00
CB MSE F 206 -14.65 6.11 27.79
CG MSE F 206 -13.96 6.12 26.43
SE MSE F 206 -14.97 6.90 24.98
CE MSE F 206 -16.59 5.93 25.03
H MSE F 206 -13.92 9.02 28.24
HA MSE F 206 -15.62 7.89 27.76
HB2 MSE F 206 -14.05 5.67 28.40
HB3 MSE F 206 -15.45 5.57 27.69
HG2 MSE F 206 -13.13 6.62 26.51
HG3 MSE F 206 -13.76 5.20 26.18
HE1 MSE F 206 -17.18 6.25 24.33
HE2 MSE F 206 -16.40 4.98 24.89
HE3 MSE F 206 -17.01 6.06 25.89
N GLU F 207 -16.21 8.21 30.32
CA GLU F 207 -17.05 8.03 31.47
C GLU F 207 -18.47 7.97 30.98
N LYS F 208 -19.27 7.02 31.45
CA LYS F 208 -20.63 6.87 30.99
C LYS F 208 -21.68 6.80 32.08
N VAL F 209 -22.92 6.84 31.65
CA VAL F 209 -24.09 6.86 32.47
C VAL F 209 -25.10 5.89 31.85
N ALA F 210 -26.13 5.64 32.60
CA ALA F 210 -27.16 4.78 32.22
C ALA F 210 -28.24 5.66 31.74
N VAL F 211 -28.78 5.33 30.60
CA VAL F 211 -29.85 6.08 30.00
C VAL F 211 -30.76 5.11 29.27
N GLU F 212 -31.88 5.62 28.85
CA GLU F 212 -32.89 4.83 28.24
C GLU F 212 -32.50 4.46 26.89
N PRO F 213 -32.60 3.22 26.54
CA PRO F 213 -32.19 2.90 25.21
C PRO F 213 -33.08 3.52 24.16
N LEU F 214 -32.47 4.11 23.17
CA LEU F 214 -33.20 4.70 22.10
C LEU F 214 -32.70 3.91 20.95
N TYR F 215 -33.60 3.34 20.20
CA TYR F 215 -33.18 2.50 19.13
C TYR F 215 -33.24 3.06 17.71
N TRP F 216 -33.35 4.34 17.52
CA TRP F 216 -33.34 4.84 16.18
C TRP F 216 -32.40 6.07 16.01
N THR F 217 -31.79 6.16 14.85
CA THR F 217 -30.98 7.27 14.49
C THR F 217 -31.49 7.80 13.15
N GLY F 218 -30.92 8.88 12.70
CA GLY F 218 -31.36 9.51 11.49
C GLY F 218 -30.40 10.48 10.87
N ALA F 219 -30.92 11.33 10.02
CA ALA F 219 -30.20 12.32 9.32
C ALA F 219 -31.03 13.55 9.17
N SER F 220 -30.42 14.70 9.32
CA SER F 220 -31.12 15.92 9.11
C SER F 220 -30.52 16.82 7.97
N PHE F 221 -31.33 17.21 7.00
CA PHE F 221 -30.94 18.16 5.95
C PHE F 221 -31.41 19.49 6.51
N HIS F 222 -30.48 20.24 7.00
CA HIS F 222 -30.79 21.48 7.65
C HIS F 222 -30.10 22.71 7.16
N TYR F 223 -30.64 23.83 7.53
CA TYR F 223 -30.08 25.09 7.19
C TYR F 223 -28.87 25.30 8.09
N VAL F 224 -27.91 26.09 7.61
CA VAL F 224 -26.68 26.42 8.29
C VAL F 224 -26.75 27.79 8.96
N GLY F 231 -28.66 24.60 12.52
CA GLY F 231 -29.77 25.31 11.94
C GLY F 231 -31.07 24.57 11.92
N GLU F 232 -32.06 25.28 11.43
CA GLU F 232 -33.44 24.86 11.27
C GLU F 232 -33.62 23.78 10.25
N VAL F 233 -34.26 22.69 10.61
CA VAL F 233 -34.44 21.55 9.72
C VAL F 233 -35.27 21.85 8.48
N PHE F 234 -34.88 21.34 7.33
CA PHE F 234 -35.72 21.46 6.15
C PHE F 234 -36.47 20.13 5.79
N HIS F 235 -35.79 19.01 5.95
CA HIS F 235 -36.30 17.70 5.72
C HIS F 235 -35.58 16.75 6.65
N ASP F 236 -36.32 15.82 7.19
CA ASP F 236 -35.83 14.90 8.19
C ASP F 236 -36.16 13.46 7.81
N VAL F 237 -35.22 12.55 7.98
CA VAL F 237 -35.41 11.15 7.70
C VAL F 237 -34.88 10.36 8.86
N LEU F 238 -35.73 9.57 9.46
CA LEU F 238 -35.38 8.81 10.65
C LEU F 238 -35.69 7.34 10.51
N LYS F 239 -34.85 6.60 9.82
CA LYS F 239 -35.06 5.16 9.56
C LYS F 239 -33.97 4.14 9.88
N THR F 240 -33.00 4.53 10.67
CA THR F 240 -31.87 3.71 11.02
C THR F 240 -32.04 3.11 12.41
N GLU F 241 -32.40 1.86 12.43
CA GLU F 241 -32.62 1.14 13.64
C GLU F 241 -31.28 0.77 14.15
N ILE F 242 -31.13 0.78 15.43
CA ILE F 242 -29.87 0.53 16.03
C ILE F 242 -29.96 -0.66 16.90
N SER F 243 -28.96 -1.47 16.99
CA SER F 243 -29.00 -2.55 17.94
C SER F 243 -27.75 -2.65 18.78
N PRO F 244 -27.85 -3.15 20.02
CA PRO F 244 -26.69 -3.31 20.92
C PRO F 244 -25.45 -3.96 20.39
N ASP F 245 -25.55 -4.91 19.48
CA ASP F 245 -24.39 -5.51 18.85
C ASP F 245 -23.81 -4.78 17.63
N ASP F 246 -24.23 -3.55 17.35
CA ASP F 246 -23.80 -2.89 16.20
C ASP F 246 -22.51 -2.26 16.46
N THR F 247 -21.65 -2.29 15.46
CA THR F 247 -20.40 -1.59 15.50
C THR F 247 -20.60 -0.23 14.86
N ILE F 248 -19.65 0.64 15.04
CA ILE F 248 -19.74 1.92 14.45
C ILE F 248 -19.70 1.86 12.94
N LEU F 249 -18.93 1.00 12.31
CA LEU F 249 -18.97 0.91 10.86
C LEU F 249 -20.34 0.49 10.46
N GLU F 250 -21.01 -0.38 11.21
CA GLU F 250 -22.41 -0.79 10.91
C GLU F 250 -23.41 0.30 11.12
N LEU F 251 -23.22 1.05 12.15
CA LEU F 251 -24.04 2.20 12.37
C LEU F 251 -23.77 3.22 11.28
N ARG F 252 -22.53 3.42 10.87
CA ARG F 252 -22.26 4.39 9.82
C ARG F 252 -22.93 4.03 8.50
N TRP F 253 -22.70 2.84 8.03
CA TRP F 253 -23.26 2.39 6.82
C TRP F 253 -24.80 2.40 6.83
N ASN F 254 -25.41 1.92 7.87
CA ASN F 254 -26.84 1.86 7.97
C ASN F 254 -27.49 3.24 7.92
N ASN F 255 -26.98 4.22 8.65
CA ASN F 255 -27.55 5.57 8.59
C ASN F 255 -27.42 6.19 7.22
N PHE F 256 -26.31 6.01 6.56
CA PHE F 256 -26.19 6.57 5.26
C PHE F 256 -27.20 5.93 4.36
N ASN F 257 -27.23 4.64 4.25
CA ASN F 257 -28.18 4.03 3.39
C ASN F 257 -29.65 4.16 3.79
N ASN F 258 -29.96 3.90 5.03
CA ASN F 258 -31.27 3.97 5.56
C ASN F 258 -31.89 5.34 5.79
N SER F 259 -31.13 6.32 6.24
CA SER F 259 -31.65 7.60 6.47
C SER F 259 -31.02 8.77 5.77
N LEU F 260 -29.71 8.79 5.69
CA LEU F 260 -29.01 9.92 5.17
C LEU F 260 -29.05 10.16 3.65
N PHE F 261 -28.80 9.13 2.87
CA PHE F 261 -28.85 9.25 1.45
C PHE F 261 -30.27 9.73 1.08
N PRO F 262 -31.31 9.15 1.63
CA PRO F 262 -32.63 9.65 1.30
C PRO F 262 -32.97 11.07 1.79
N ALA F 263 -32.67 11.45 3.02
CA ALA F 263 -32.97 12.80 3.44
C ALA F 263 -32.25 13.82 2.55
N LEU F 264 -31.02 13.59 2.14
CA LEU F 264 -30.41 14.51 1.26
C LEU F 264 -31.13 14.60 -0.08
N HIS F 265 -31.46 13.51 -0.71
CA HIS F 265 -32.13 13.49 -1.99
C HIS F 265 -33.52 14.10 -1.95
N GLU F 266 -34.33 13.66 -1.02
CA GLU F 266 -35.62 14.27 -0.81
C GLU F 266 -35.48 15.71 -0.43
N GLY F 267 -34.60 15.96 0.50
CA GLY F 267 -34.36 17.26 0.98
C GLY F 267 -34.00 18.01 -0.22
N LEU F 268 -33.22 17.51 -1.13
CA LEU F 268 -32.93 18.25 -2.36
C LEU F 268 -34.11 18.49 -3.30
N ALA F 269 -34.95 17.48 -3.47
CA ALA F 269 -36.13 17.53 -4.28
C ALA F 269 -37.15 18.51 -3.78
N LEU F 270 -37.33 18.57 -2.50
CA LEU F 270 -38.25 19.49 -1.96
C LEU F 270 -37.75 20.94 -2.02
N LEU F 271 -36.50 21.17 -1.71
CA LEU F 271 -35.94 22.47 -1.71
C LEU F 271 -36.01 23.25 -2.97
N ALA F 272 -36.03 22.66 -4.13
CA ALA F 272 -35.97 23.44 -5.32
C ALA F 272 -37.12 24.45 -5.56
N LYS G 3 21.82 64.74 9.69
CA LYS G 3 20.40 64.49 9.46
C LYS G 3 19.65 63.97 10.73
N ARG G 4 18.58 63.23 10.59
CA ARG G 4 18.25 62.37 11.65
C ARG G 4 18.35 60.98 11.11
N LYS G 5 18.89 60.08 11.86
CA LYS G 5 19.09 58.75 11.38
C LYS G 5 18.02 57.86 11.95
N LEU G 6 17.23 57.25 11.12
CA LEU G 6 16.09 56.54 11.63
C LEU G 6 16.23 55.08 11.56
N ALA G 7 15.89 54.41 12.64
CA ALA G 7 16.00 52.99 12.58
C ALA G 7 14.65 52.37 12.55
N TYR G 8 14.48 51.37 11.69
CA TYR G 8 13.24 50.66 11.49
C TYR G 8 13.35 49.19 11.91
N ILE G 9 12.38 48.69 12.63
CA ILE G 9 12.35 47.32 13.06
C ILE G 9 11.02 46.60 12.85
N TRP G 10 11.01 45.62 11.98
CA TRP G 10 9.82 44.86 11.70
C TRP G 10 10.07 43.35 11.96
N SER G 11 9.02 42.56 11.90
CA SER G 11 9.10 41.11 12.00
C SER G 11 8.57 40.63 10.66
N LEU G 12 9.37 39.96 9.87
CA LEU G 12 8.99 39.43 8.58
C LEU G 12 7.80 38.43 8.65
N ARG G 13 7.76 37.62 9.67
CA ARG G 13 6.70 36.71 9.95
C ARG G 13 5.35 37.46 10.16
N ASN G 14 5.33 38.63 10.77
CA ASN G 14 4.13 39.45 10.88
C ASN G 14 3.71 40.02 9.51
N ALA G 15 4.66 40.49 8.77
CA ALA G 15 4.43 41.02 7.49
C ALA G 15 3.86 40.04 6.52
N ALA G 16 4.39 38.84 6.48
CA ALA G 16 3.91 37.78 5.63
C ALA G 16 2.50 37.42 6.02
N ALA G 17 2.18 37.42 7.28
CA ALA G 17 0.84 37.22 7.71
C ALA G 17 -0.13 38.27 7.08
N ASP G 18 0.35 39.48 6.84
CA ASP G 18 -0.41 40.52 6.17
C ASP G 18 -0.38 40.57 4.62
N LYS G 19 0.33 39.69 3.98
CA LYS G 19 0.50 39.70 2.55
C LYS G 19 1.14 40.95 1.96
N ALA G 20 2.16 41.43 2.64
CA ALA G 20 2.93 42.58 2.26
C ALA G 20 3.63 42.26 0.95
N GLY G 21 3.71 43.21 0.06
CA GLY G 21 4.26 42.96 -1.23
C GLY G 21 3.44 42.02 -2.13
N GLN G 22 2.17 41.83 -1.87
CA GLN G 22 1.38 40.97 -2.71
C GLN G 22 0.19 41.69 -3.23
N TYR G 23 -0.38 41.20 -4.30
CA TYR G 23 -1.59 41.73 -4.84
C TYR G 23 -2.71 41.00 -4.12
N VAL G 24 -3.51 41.70 -3.34
CA VAL G 24 -4.60 41.11 -2.60
C VAL G 24 -5.92 41.39 -3.30
N PRO G 25 -6.79 40.39 -3.40
CA PRO G 25 -8.07 40.67 -4.00
C PRO G 25 -8.74 41.74 -3.19
N TYR G 26 -9.38 42.69 -3.81
CA TYR G 26 -9.98 43.82 -3.14
C TYR G 26 -11.35 43.93 -3.73
N LYS G 27 -12.41 43.96 -2.95
CA LYS G 27 -13.77 43.96 -3.46
C LYS G 27 -13.95 45.18 -4.34
N GLY G 28 -14.21 44.77 -5.55
CA GLY G 28 -14.19 45.44 -6.83
C GLY G 28 -13.28 44.34 -7.42
N GLU G 29 -12.01 44.59 -7.75
CA GLU G 29 -11.13 43.45 -8.12
C GLU G 29 -9.72 43.20 -7.49
N GLN G 30 -8.62 43.79 -7.92
CA GLN G 30 -7.33 43.45 -7.29
C GLN G 30 -6.48 44.63 -6.79
N ARG G 31 -5.71 44.50 -5.73
CA ARG G 31 -4.84 45.61 -5.35
C ARG G 31 -3.48 45.18 -4.74
N TYR G 32 -2.41 45.94 -4.99
CA TYR G 32 -1.10 45.71 -4.41
C TYR G 32 -1.19 45.97 -2.94
N MSE G 33 -0.50 45.17 -2.14
CA MSE G 33 -0.52 45.49 -0.72
C MSE G 33 0.84 46.07 -0.34
O MSE G 33 1.71 45.32 0.02
CB MSE G 33 -0.93 44.26 0.08
CG MSE G 33 -0.83 44.38 1.59
SE MSE G 33 -2.17 45.49 2.37
CE MSE G 33 -1.95 45.44 4.24
H MSE G 33 -0.05 44.48 -2.37
HA MSE G 33 -1.19 46.16 -0.54
HB2 MSE G 33 -1.85 44.05 -0.13
HB3 MSE G 33 -0.36 43.51 -0.19
HG2 MSE G 33 -0.92 43.50 1.97
HG3 MSE G 33 0.04 44.75 1.82
HE1 MSE G 33 -2.63 46.00 4.66
HE2 MSE G 33 -2.05 44.53 4.55
HE3 MSE G 33 -1.06 45.77 4.46
N LYS G 34 0.99 47.40 -0.41
CA LYS G 34 2.19 48.09 -0.06
C LYS G 34 2.56 48.04 1.43
N SER G 35 3.78 47.70 1.74
CA SER G 35 4.16 47.63 3.08
C SER G 35 4.34 48.96 3.70
N VAL G 36 4.32 49.04 5.02
CA VAL G 36 4.65 50.28 5.68
C VAL G 36 6.10 50.68 5.30
N LEU G 37 6.99 49.73 5.20
CA LEU G 37 8.31 50.01 4.83
C LEU G 37 8.38 50.63 3.48
N GLU G 38 7.72 50.10 2.49
CA GLU G 38 7.74 50.70 1.17
C GLU G 38 7.14 52.10 1.17
N SER G 39 6.11 52.29 1.95
CA SER G 39 5.51 53.55 1.99
C SER G 39 6.41 54.61 2.52
N LEU G 40 6.97 54.39 3.67
CA LEU G 40 7.84 55.32 4.28
C LEU G 40 9.05 55.60 3.37
N VAL G 41 9.47 54.62 2.65
CA VAL G 41 10.55 54.78 1.72
C VAL G 41 10.16 55.82 0.66
N GLU G 42 8.97 55.73 0.16
CA GLU G 42 8.46 56.67 -0.77
C GLU G 42 8.41 58.07 -0.13
N ALA G 43 8.10 58.19 1.12
CA ALA G 43 8.14 59.48 1.74
C ALA G 43 9.56 60.03 1.83
N LEU G 44 10.49 59.21 2.17
CA LEU G 44 11.82 59.65 2.19
C LEU G 44 12.23 60.03 0.79
N ASN G 45 11.90 59.27 -0.20
CA ASN G 45 12.31 59.65 -1.49
C ASN G 45 11.63 60.83 -2.13
N GLN G 46 10.31 60.87 -2.14
CA GLN G 46 9.53 61.89 -2.79
C GLN G 46 9.14 63.18 -2.06
N THR G 47 9.15 63.19 -0.76
CA THR G 47 8.79 64.34 0.03
C THR G 47 9.98 64.93 0.69
N ALA G 48 9.71 65.98 1.42
CA ALA G 48 10.63 66.69 2.24
C ALA G 48 11.19 65.88 3.43
N LEU G 49 10.49 64.82 3.82
CA LEU G 49 10.86 63.94 4.89
C LEU G 49 12.22 63.31 4.62
N GLY G 50 12.59 63.11 3.39
CA GLY G 50 13.90 62.67 3.08
C GLY G 50 14.92 63.69 3.55
N ASP G 51 14.62 64.95 3.39
CA ASP G 51 15.48 66.01 3.87
C ASP G 51 15.69 65.96 5.40
N ALA G 52 14.68 65.57 6.13
CA ALA G 52 14.72 65.40 7.55
C ALA G 52 15.33 64.09 8.05
N TYR G 53 15.09 62.98 7.42
CA TYR G 53 15.59 61.75 7.95
C TYR G 53 16.42 60.93 7.01
N GLU G 54 17.30 60.13 7.54
CA GLU G 54 18.05 59.15 6.72
C GLU G 54 17.76 57.72 7.21
N LEU G 55 17.13 56.89 6.43
CA LEU G 55 16.93 55.57 6.88
C LEU G 55 18.31 54.90 7.00
N VAL G 56 18.65 54.33 8.14
CA VAL G 56 19.94 53.69 8.30
C VAL G 56 19.99 52.16 8.10
N GLY G 57 19.06 51.45 8.72
CA GLY G 57 19.01 50.01 8.56
C GLY G 57 17.66 49.40 8.80
N VAL G 58 17.37 48.29 8.17
CA VAL G 58 16.12 47.60 8.40
C VAL G 58 16.43 46.30 9.17
N ILE G 59 16.09 46.28 10.44
CA ILE G 59 16.33 45.20 11.34
C ILE G 59 15.10 44.32 11.58
N TYR G 60 15.28 43.04 11.52
CA TYR G 60 14.24 42.07 11.71
C TYR G 60 14.64 41.02 12.67
N ASP G 61 13.70 40.45 13.35
CA ASP G 61 13.97 39.41 14.32
C ASP G 61 13.74 37.95 13.94
N ASP G 62 13.35 37.63 12.73
CA ASP G 62 13.08 36.25 12.37
C ASP G 62 14.30 35.31 12.50
N ASP G 63 14.08 34.17 13.09
CA ASP G 63 15.14 33.24 13.27
C ASP G 63 15.04 32.21 12.21
N ALA G 64 16.01 32.11 11.33
CA ALA G 64 16.10 31.15 10.23
C ALA G 64 16.23 29.67 10.65
N GLU G 65 16.76 29.47 11.80
CA GLU G 65 16.84 28.18 12.34
C GLU G 65 15.56 27.73 13.06
N LEU G 66 14.53 28.56 13.26
CA LEU G 66 13.33 28.24 13.95
C LEU G 66 12.15 27.81 13.02
N PRO G 67 11.55 26.64 13.25
CA PRO G 67 10.51 26.22 12.35
C PRO G 67 9.29 27.10 12.14
N ARG G 68 8.66 27.61 13.16
CA ARG G 68 7.52 28.44 12.96
C ARG G 68 7.82 29.65 12.03
N ASP G 69 8.99 30.26 12.13
CA ASP G 69 9.39 31.33 11.27
C ASP G 69 9.62 30.89 9.83
N GLN G 70 10.33 29.82 9.60
CA GLN G 70 10.57 29.35 8.25
C GLN G 70 9.27 29.06 7.44
N GLY G 71 8.23 28.54 8.08
CA GLY G 71 6.93 28.29 7.50
C GLY G 71 6.05 29.51 7.16
N LYS G 72 5.99 30.40 8.13
CA LYS G 72 5.30 31.64 8.02
C LYS G 72 5.83 32.46 6.85
N ILE G 73 7.10 32.41 6.63
CA ILE G 73 7.76 33.11 5.63
C ILE G 73 7.86 32.31 4.36
N LYS G 74 7.11 31.26 4.25
CA LYS G 74 7.23 30.33 3.18
C LYS G 74 7.17 30.94 1.80
N ASP G 75 6.19 31.78 1.56
CA ASP G 75 6.05 32.46 0.31
C ASP G 75 7.17 33.41 -0.04
N TYR G 76 7.86 33.88 0.95
CA TYR G 76 8.92 34.79 0.73
C TYR G 76 10.23 34.19 1.20
N GLY G 77 11.31 34.82 0.93
CA GLY G 77 12.53 34.30 1.46
C GLY G 77 12.97 34.89 2.78
N PHE G 78 14.10 34.45 3.24
CA PHE G 78 14.73 35.02 4.40
C PHE G 78 15.70 36.08 3.89
N ALA G 79 16.28 35.89 2.74
CA ALA G 79 17.12 36.92 2.21
C ALA G 79 16.83 37.49 0.82
N TYR G 80 15.98 36.85 0.00
CA TYR G 80 15.58 37.18 -1.35
C TYR G 80 16.62 36.80 -2.36
N GLN G 84 10.61 36.23 -8.38
CA GLN G 84 10.34 35.57 -7.15
C GLN G 84 9.82 36.58 -6.11
N GLN G 85 8.93 36.14 -5.24
CA GLN G 85 8.21 36.95 -4.24
C GLN G 85 8.96 37.58 -3.11
N TRP G 86 8.76 38.87 -2.97
CA TRP G 86 9.36 39.62 -1.91
C TRP G 86 8.31 40.54 -1.35
N PHE G 87 8.67 41.11 -0.22
CA PHE G 87 7.86 42.08 0.47
C PHE G 87 7.63 43.41 -0.28
N TYR G 88 8.61 43.78 -1.07
CA TYR G 88 8.64 44.98 -1.88
C TYR G 88 9.51 44.70 -3.09
N PRO G 89 9.46 45.53 -4.13
CA PRO G 89 10.27 45.32 -5.32
C PRO G 89 11.69 45.21 -4.91
N ALA G 90 12.37 44.18 -5.31
CA ALA G 90 13.70 43.88 -4.81
C ALA G 90 14.73 44.95 -4.99
N ASP G 91 14.81 45.56 -6.13
CA ASP G 91 15.78 46.60 -6.30
C ASP G 91 15.27 48.00 -5.92
N LEU G 92 14.42 48.10 -4.93
CA LEU G 92 13.87 49.34 -4.53
C LEU G 92 14.96 50.21 -3.97
N GLN G 93 14.92 51.50 -4.19
CA GLN G 93 15.93 52.34 -3.64
C GLN G 93 15.28 53.29 -2.67
N VAL G 94 16.04 53.65 -1.68
CA VAL G 94 15.68 54.61 -0.70
C VAL G 94 16.87 55.57 -0.56
N GLN G 95 16.71 56.83 -0.95
CA GLN G 95 17.75 57.81 -0.90
C GLN G 95 19.03 57.34 -1.63
N GLY G 96 18.86 56.70 -2.77
CA GLY G 96 19.96 56.15 -3.54
C GLY G 96 20.54 54.78 -3.20
N LYS G 97 20.07 54.13 -2.18
CA LYS G 97 20.62 52.89 -1.78
C LYS G 97 19.65 51.80 -1.99
N THR G 98 20.06 50.62 -2.41
CA THR G 98 19.10 49.56 -2.59
C THR G 98 18.64 49.18 -1.18
N LEU G 99 17.35 49.28 -0.93
CA LEU G 99 16.74 49.04 0.38
C LEU G 99 17.09 47.67 0.92
N ASN G 100 17.16 46.66 0.09
CA ASN G 100 17.56 45.34 0.55
C ASN G 100 18.92 45.34 1.24
N ASP G 101 19.82 46.20 0.85
CA ASP G 101 21.10 46.35 1.47
C ASP G 101 21.02 46.79 2.89
N LEU G 102 20.01 47.51 3.27
CA LEU G 102 19.90 47.92 4.61
C LEU G 102 19.35 46.85 5.55
N LEU G 103 18.94 45.70 5.09
CA LEU G 103 18.38 44.72 5.98
C LEU G 103 19.40 44.23 7.06
N LEU G 104 18.96 44.06 8.28
CA LEU G 104 19.85 43.63 9.33
C LEU G 104 19.18 42.55 10.16
N SER G 105 19.87 41.44 10.28
CA SER G 105 19.39 40.29 10.97
C SER G 105 19.78 40.24 12.42
N VAL G 106 18.94 40.68 13.32
CA VAL G 106 19.20 40.52 14.71
C VAL G 106 18.10 39.59 15.12
N PRO G 107 18.34 38.31 15.08
CA PRO G 107 17.28 37.37 15.39
C PRO G 107 16.90 37.17 16.88
N SER G 108 15.64 36.94 17.12
CA SER G 108 15.09 36.66 18.41
C SER G 108 15.22 35.16 18.73
N THR G 109 16.43 34.75 19.03
CA THR G 109 16.84 33.36 19.29
C THR G 109 16.19 32.60 20.43
N TYR G 110 15.87 33.34 21.50
CA TYR G 110 15.24 32.91 22.71
C TYR G 110 13.89 32.26 22.55
N ARG G 111 13.24 32.53 21.45
CA ARG G 111 11.95 31.93 21.10
C ARG G 111 12.06 30.39 21.01
N ARG G 112 13.27 29.89 20.71
CA ARG G 112 13.65 28.49 20.72
C ARG G 112 13.38 27.93 22.14
N TYR G 113 13.76 28.65 23.16
CA TYR G 113 13.50 28.23 24.48
C TYR G 113 12.08 28.53 24.83
N PRO G 114 11.41 27.67 25.56
CA PRO G 114 10.03 27.93 25.87
C PRO G 114 9.86 29.17 26.71
N ARG G 115 8.74 29.84 26.52
CA ARG G 115 8.37 31.03 27.26
C ARG G 115 8.59 30.78 28.73
N GLY G 116 9.29 31.62 29.43
CA GLY G 116 9.46 31.42 30.83
C GLY G 116 10.61 30.57 31.39
N THR G 117 11.35 29.89 30.53
CA THR G 117 12.50 29.19 30.89
C THR G 117 13.56 30.28 30.94
N PRO G 118 14.37 30.33 32.02
CA PRO G 118 15.47 31.30 32.14
C PRO G 118 16.36 31.52 30.89
N GLU G 119 16.59 30.52 30.05
CA GLU G 119 17.30 30.65 28.83
C GLU G 119 16.53 31.55 27.89
N HIS G 120 15.28 31.31 27.66
CA HIS G 120 14.53 32.18 26.82
C HIS G 120 14.48 33.60 27.43
N VAL G 121 14.27 33.71 28.71
CA VAL G 121 14.23 34.98 29.36
C VAL G 121 15.56 35.74 29.28
N ALA G 122 16.65 35.09 29.64
CA ALA G 122 17.97 35.58 29.42
C ALA G 122 18.24 35.71 27.94
N GLY G 123 17.58 34.91 27.12
CA GLY G 123 17.62 35.00 25.70
C GLY G 123 17.06 36.29 25.13
N LYS G 124 16.01 36.80 25.71
CA LYS G 124 15.48 38.06 25.31
C LYS G 124 16.43 39.23 25.71
N SER G 125 16.98 39.21 26.92
CA SER G 125 17.82 40.26 27.41
C SER G 125 18.97 40.44 26.53
N ASP G 126 19.64 39.38 26.17
CA ASP G 126 20.74 39.53 25.24
C ASP G 126 20.18 40.07 23.94
N PHE G 127 19.05 39.63 23.48
CA PHE G 127 18.48 40.11 22.24
C PHE G 127 18.21 41.59 22.29
N GLU G 128 17.56 42.08 23.33
CA GLU G 128 17.29 43.48 23.54
C GLU G 128 18.60 44.25 23.58
N ARG G 129 19.60 43.75 24.26
CA ARG G 129 20.91 44.31 24.26
C ARG G 129 21.49 44.29 22.84
N ARG G 130 21.38 43.20 22.12
CA ARG G 130 21.88 43.12 20.76
C ARG G 130 21.21 44.15 19.82
N LEU G 131 19.94 44.43 19.99
CA LEU G 131 19.34 45.48 19.19
C LEU G 131 19.94 46.85 19.52
N HIS G 132 20.11 47.13 20.78
CA HIS G 132 20.70 48.34 21.22
C HIS G 132 22.12 48.49 20.75
N ASP G 133 22.90 47.46 20.86
CA ASP G 133 24.22 47.52 20.34
C ASP G 133 24.15 47.78 18.84
N THR G 134 23.25 47.11 18.15
CA THR G 134 23.07 47.30 16.74
C THR G 134 22.61 48.70 16.38
N LEU G 135 21.59 49.20 17.04
CA LEU G 135 21.13 50.55 16.82
C LEU G 135 22.24 51.59 17.09
N VAL G 136 23.00 51.41 18.15
CA VAL G 136 24.10 52.26 18.50
C VAL G 136 25.15 52.24 17.43
N GLU G 137 25.42 51.09 16.86
CA GLU G 137 26.31 51.03 15.73
C GLU G 137 25.79 51.83 14.54
N LEU G 138 24.50 52.05 14.44
CA LEU G 138 23.98 52.83 13.36
C LEU G 138 23.78 54.34 13.60
N GLY G 139 24.08 54.81 14.78
CA GLY G 139 23.82 56.14 15.18
C GLY G 139 22.36 56.43 15.07
N ALA G 140 21.52 55.51 15.47
CA ALA G 140 20.13 55.70 15.27
C ALA G 140 19.56 56.80 16.19
N ASP G 141 19.20 57.87 15.56
CA ASP G 141 18.53 58.92 16.25
C ASP G 141 17.15 58.58 16.67
N VAL G 142 16.41 57.91 15.79
CA VAL G 142 15.01 57.52 15.95
C VAL G 142 14.78 56.10 15.46
N VAL G 143 13.90 55.39 16.16
CA VAL G 143 13.57 54.01 15.88
C VAL G 143 12.08 53.82 15.57
N VAL G 144 11.75 53.09 14.52
CA VAL G 144 10.35 52.87 14.18
C VAL G 144 10.01 51.39 14.14
N LEU G 145 8.89 51.02 14.67
CA LEU G 145 8.53 49.65 14.67
C LEU G 145 7.28 49.34 13.82
N ASP G 146 7.44 48.56 12.77
CA ASP G 146 6.34 48.06 11.98
C ASP G 146 6.24 46.51 12.20
N GLY G 147 5.33 46.15 13.07
CA GLY G 147 5.05 44.79 13.44
C GLY G 147 6.09 43.97 14.13
N LEU G 148 6.78 44.53 15.07
CA LEU G 148 7.72 43.78 15.80
C LEU G 148 6.90 42.94 16.80
N LEU G 149 7.03 41.65 16.71
CA LEU G 149 6.37 40.79 17.61
C LEU G 149 7.04 40.67 18.94
N VAL G 150 8.29 41.03 19.05
CA VAL G 150 8.95 40.91 20.31
C VAL G 150 8.64 42.20 21.07
N ILE G 151 7.79 42.12 22.08
CA ILE G 151 7.41 43.25 22.89
C ILE G 151 8.62 43.71 23.70
N LEU G 152 9.05 44.95 23.54
CA LEU G 152 10.24 45.45 24.20
C LEU G 152 10.15 45.74 25.67
N ASP G 153 11.25 45.56 26.38
CA ASP G 153 11.32 45.79 27.79
C ASP G 153 12.55 46.61 28.15
N GLU G 154 13.65 46.01 28.48
CA GLU G 154 14.83 46.69 28.91
C GLU G 154 15.34 47.76 27.96
N LEU G 155 15.13 47.60 26.67
CA LEU G 155 15.45 48.61 25.70
C LEU G 155 14.62 49.86 25.89
N VAL G 156 13.40 49.67 26.24
CA VAL G 156 12.62 50.81 26.45
C VAL G 156 12.59 51.37 27.88
N ARG G 157 13.11 50.68 28.86
CA ARG G 157 12.96 51.06 30.23
C ARG G 157 13.45 52.47 30.57
N PRO G 158 12.81 53.14 31.53
CA PRO G 158 13.13 54.51 31.86
C PRO G 158 14.57 54.67 32.20
N GLY G 159 15.21 55.57 31.50
CA GLY G 159 16.63 55.75 31.62
C GLY G 159 17.44 55.05 30.59
N ALA G 160 16.91 54.07 29.94
CA ALA G 160 17.63 53.46 28.85
C ALA G 160 17.75 54.51 27.79
N PRO G 161 18.83 54.52 27.05
CA PRO G 161 19.04 55.56 26.04
C PRO G 161 17.96 55.67 25.00
N PHE G 162 17.43 54.57 24.55
CA PHE G 162 16.40 54.63 23.59
C PHE G 162 15.03 54.67 24.18
N ALA G 163 14.88 54.91 25.47
CA ALA G 163 13.58 54.83 26.07
C ALA G 163 12.55 55.74 25.46
N ARG G 164 12.76 57.03 25.36
CA ARG G 164 11.81 57.88 24.68
C ARG G 164 12.02 58.01 23.16
N ARG G 165 12.88 57.24 22.60
CA ARG G 165 13.11 57.21 21.20
C ARG G 165 12.49 56.11 20.43
N ILE G 166 11.66 55.26 20.99
CA ILE G 166 11.13 54.20 20.19
C ILE G 166 9.72 54.50 19.96
N MSE G 167 9.38 54.58 18.69
CA MSE G 167 8.06 54.84 18.19
C MSE G 167 7.45 53.63 17.58
O MSE G 167 8.11 52.98 16.87
CB MSE G 167 8.11 55.87 17.11
CG MSE G 167 8.92 57.07 17.49
SE MSE G 167 8.22 57.88 19.05
CE MSE G 167 9.76 57.95 20.04
H MSE G 167 9.94 54.49 18.05
HA MSE G 167 7.49 55.16 18.91
HB2 MSE G 167 8.51 55.48 16.33
HB3 MSE G 167 7.21 56.17 16.92
HG2 MSE G 167 9.84 56.81 17.65
HG3 MSE G 167 8.88 57.72 16.77
HE1 MSE G 167 9.84 58.83 20.42
HE2 MSE G 167 9.72 57.29 20.75
HE3 MSE G 167 10.52 57.77 19.45
N ASN G 168 6.24 53.32 17.83
CA ASN G 168 5.64 52.23 17.21
C ASN G 168 4.49 52.78 16.35
N ILE G 169 4.24 52.22 15.21
CA ILE G 169 3.13 52.62 14.44
C ILE G 169 2.11 51.47 14.51
N HIS G 170 0.99 51.70 15.10
CA HIS G 170 0.03 50.70 15.26
C HIS G 170 -1.06 50.82 14.26
N PRO G 171 -1.82 49.78 14.01
CA PRO G 171 -3.00 49.83 13.17
C PRO G 171 -4.36 50.05 13.83
N GLY G 172 -4.44 50.91 14.83
CA GLY G 172 -5.65 51.28 15.54
C GLY G 172 -5.50 52.54 16.39
N VAL G 173 -6.53 53.15 16.89
CA VAL G 173 -6.31 54.30 17.73
C VAL G 173 -6.03 53.78 19.09
N THR G 174 -5.02 54.26 19.76
CA THR G 174 -4.72 53.72 21.06
C THR G 174 -5.10 54.52 22.33
N ARG G 175 -5.57 55.72 22.19
CA ARG G 175 -5.92 56.49 23.31
C ARG G 175 -7.05 55.79 24.18
N GLU G 176 -6.85 55.72 25.50
CA GLU G 176 -7.82 55.15 26.46
C GLU G 176 -9.19 55.86 26.41
N ASP G 177 -9.18 57.15 26.18
CA ASP G 177 -10.40 57.83 26.10
C ASP G 177 -11.32 57.53 24.95
N SER G 178 -10.82 57.66 23.74
CA SER G 178 -11.61 57.57 22.55
C SER G 178 -12.47 56.40 22.37
N PRO G 179 -13.63 56.60 21.81
CA PRO G 179 -14.55 55.54 21.45
C PRO G 179 -14.01 54.64 20.36
N TYR G 180 -13.09 55.16 19.60
CA TYR G 180 -12.47 54.44 18.55
C TYR G 180 -11.16 53.71 18.94
N GLU G 181 -10.93 53.54 20.20
CA GLU G 181 -9.73 52.92 20.63
C GLU G 181 -9.65 51.51 20.10
N ARG G 182 -8.57 51.12 19.52
CA ARG G 182 -8.51 49.78 19.06
C ARG G 182 -7.19 49.21 19.45
N ARG G 183 -7.03 48.91 20.70
CA ARG G 183 -5.76 48.43 21.21
C ARG G 183 -5.33 46.99 20.87
N GLY G 184 -4.04 46.78 20.77
CA GLY G 184 -3.50 45.46 20.63
C GLY G 184 -3.52 44.61 19.38
N ALA G 185 -3.24 43.35 19.59
CA ALA G 185 -3.13 42.33 18.57
C ALA G 185 -4.34 42.10 17.68
N TYR G 186 -5.49 42.30 18.22
CA TYR G 186 -6.70 42.18 17.50
C TYR G 186 -7.28 43.51 16.95
N ALA G 187 -6.53 44.57 16.86
CA ALA G 187 -7.10 45.88 16.55
C ALA G 187 -7.88 46.02 15.29
N THR G 188 -7.28 45.67 14.20
CA THR G 188 -7.93 45.63 12.98
C THR G 188 -9.05 44.64 13.02
N LEU G 189 -8.89 43.46 13.56
CA LEU G 189 -9.98 42.52 13.58
C LEU G 189 -11.17 43.07 14.34
N ASP G 190 -10.92 43.69 15.48
CA ASP G 190 -11.97 44.29 16.23
C ASP G 190 -12.62 45.42 15.49
N ALA G 191 -11.91 46.17 14.72
CA ALA G 191 -12.51 47.21 13.95
C ALA G 191 -13.50 46.68 12.89
N LEU G 192 -13.15 45.66 12.15
CA LEU G 192 -13.98 45.07 11.20
C LEU G 192 -15.27 44.54 11.82
N TYR G 193 -15.19 43.85 12.92
CA TYR G 193 -16.36 43.30 13.56
C TYR G 193 -17.31 44.31 14.19
N GLY G 194 -16.74 45.33 14.84
CA GLY G 194 -17.42 46.39 15.56
C GLY G 194 -18.38 47.23 14.73
N ALA G 195 -18.03 47.45 13.48
CA ALA G 195 -18.87 48.08 12.49
C ALA G 195 -20.03 47.14 12.20
N ARG G 196 -19.84 45.86 12.32
CA ARG G 196 -20.91 44.94 12.11
C ARG G 196 -21.76 44.77 13.39
N GLY G 197 -21.57 45.66 14.33
CA GLY G 197 -22.23 45.59 15.59
C GLY G 197 -21.80 44.44 16.48
N GLU G 198 -20.68 43.78 16.21
CA GLU G 198 -20.26 42.68 17.02
C GLU G 198 -18.88 42.76 17.64
N LYS G 199 -18.74 42.19 18.83
CA LYS G 199 -17.50 42.16 19.55
C LYS G 199 -17.18 40.73 19.98
N VAL G 200 -16.01 40.22 19.70
CA VAL G 200 -15.69 38.89 20.04
C VAL G 200 -15.21 38.75 21.46
N VAL G 201 -15.90 37.98 22.25
CA VAL G 201 -15.47 37.73 23.59
C VAL G 201 -14.59 36.52 23.79
N ASP G 202 -14.60 35.60 22.89
CA ASP G 202 -13.70 34.48 22.94
C ASP G 202 -13.15 34.17 21.52
N TRP G 203 -11.87 34.44 21.28
CA TRP G 203 -11.20 34.22 19.97
C TRP G 203 -11.14 32.77 19.51
N ALA G 204 -10.94 31.84 20.39
CA ALA G 204 -11.05 30.45 20.02
C ALA G 204 -12.50 30.00 19.64
N THR G 205 -13.44 30.39 20.47
CA THR G 205 -14.82 30.07 20.31
C THR G 205 -15.56 30.92 19.33
N MSE G 206 -15.02 32.06 18.99
CA MSE G 206 -15.62 33.04 18.12
C MSE G 206 -16.89 33.51 18.74
O MSE G 206 -17.64 34.08 18.01
CB MSE G 206 -15.78 32.67 16.64
CG MSE G 206 -14.73 33.19 15.59
SE MSE G 206 -13.89 35.08 15.53
CE MSE G 206 -12.27 34.15 16.02
H MSE G 206 -14.24 32.31 19.26
HA MSE G 206 -15.01 33.79 18.12
HB2 MSE G 206 -15.75 31.70 16.58
HB3 MSE G 206 -16.65 32.97 16.33
HG2 MSE G 206 -13.99 32.57 15.63
HG3 MSE G 206 -15.16 33.09 14.73
HE1 MSE G 206 -11.62 34.80 16.32
HE2 MSE G 206 -12.46 33.54 16.74
HE3 MSE G 206 -11.94 33.66 15.24
N GLU G 207 -17.16 33.39 20.02
CA GLU G 207 -18.43 33.85 20.51
C GLU G 207 -18.42 35.35 20.51
N LYS G 208 -19.33 35.94 19.76
CA LYS G 208 -19.40 37.33 19.68
C LYS G 208 -20.62 37.83 20.37
N VAL G 209 -20.52 39.05 20.86
CA VAL G 209 -21.58 39.71 21.50
C VAL G 209 -21.85 41.07 20.87
N ALA G 210 -23.08 41.36 20.54
CA ALA G 210 -23.38 42.58 19.84
C ALA G 210 -22.97 43.79 20.63
N VAL G 211 -22.56 44.84 19.95
CA VAL G 211 -22.12 46.06 20.61
C VAL G 211 -22.49 47.27 19.78
N GLU G 212 -22.55 48.41 20.42
CA GLU G 212 -22.90 49.65 19.76
C GLU G 212 -21.86 49.82 18.65
N PRO G 213 -22.29 49.95 17.41
CA PRO G 213 -21.43 50.04 16.22
C PRO G 213 -20.70 51.32 15.92
N LEU G 214 -19.41 51.27 15.68
CA LEU G 214 -18.66 52.43 15.31
C LEU G 214 -18.10 52.11 13.97
N TYR G 215 -18.18 53.04 13.05
CA TYR G 215 -17.71 52.80 11.69
C TYR G 215 -16.38 53.32 11.27
N TRP G 216 -15.52 53.66 12.18
CA TRP G 216 -14.26 54.19 11.82
C TRP G 216 -13.14 53.54 12.62
N THR G 217 -11.98 53.52 12.03
CA THR G 217 -10.76 53.10 12.64
C THR G 217 -9.62 53.95 12.11
N GLY G 218 -8.47 53.74 12.71
CA GLY G 218 -7.29 54.50 12.44
C GLY G 218 -5.96 53.88 12.77
N ALA G 219 -5.01 54.72 13.15
CA ALA G 219 -3.67 54.40 13.49
C ALA G 219 -3.08 55.32 14.58
N SER G 220 -2.20 54.79 15.41
CA SER G 220 -1.58 55.53 16.44
C SER G 220 -0.04 55.39 16.45
N PHE G 221 0.66 56.52 16.35
CA PHE G 221 2.10 56.62 16.41
C PHE G 221 2.44 56.91 17.86
N HIS G 222 2.83 55.93 18.62
CA HIS G 222 3.04 56.10 20.01
C HIS G 222 4.38 55.67 20.53
N TYR G 223 4.76 56.21 21.67
CA TYR G 223 5.97 55.84 22.37
C TYR G 223 5.56 54.55 23.05
N VAL G 224 6.36 53.52 22.98
CA VAL G 224 5.98 52.24 23.49
C VAL G 224 5.93 51.89 24.94
N ASP G 225 6.73 52.46 25.83
CA ASP G 225 6.67 52.18 27.30
C ASP G 225 5.29 51.82 27.96
N SER G 230 -0.99 52.10 26.48
CA SER G 230 -0.02 51.41 25.67
C SER G 230 1.14 52.23 25.17
N GLY G 231 1.51 53.31 25.77
CA GLY G 231 2.61 54.07 25.33
C GLY G 231 2.05 55.39 24.97
N GLU G 232 2.69 56.47 25.35
CA GLU G 232 2.18 57.79 25.12
C GLU G 232 1.93 58.07 23.69
N VAL G 233 0.72 58.36 23.30
CA VAL G 233 0.44 58.61 21.92
C VAL G 233 1.03 59.94 21.42
N PHE G 234 1.66 59.95 20.26
CA PHE G 234 2.18 61.17 19.68
C PHE G 234 1.41 61.70 18.47
N HIS G 235 0.88 60.81 17.65
CA HIS G 235 0.13 61.21 16.51
C HIS G 235 -0.92 60.19 16.08
N ASP G 236 -2.16 60.37 16.49
CA ASP G 236 -3.24 59.52 16.09
C ASP G 236 -3.76 60.03 14.74
N VAL G 237 -4.24 59.17 13.88
CA VAL G 237 -4.92 59.56 12.64
C VAL G 237 -6.20 58.69 12.50
N LEU G 238 -7.34 59.28 12.27
CA LEU G 238 -8.56 58.52 12.21
C LEU G 238 -9.38 58.76 10.94
N LYS G 239 -8.99 58.10 9.87
CA LYS G 239 -9.62 58.22 8.59
C LYS G 239 -10.06 56.94 7.88
N THR G 240 -10.27 55.87 8.59
CA THR G 240 -10.64 54.65 7.98
C THR G 240 -12.13 54.39 8.20
N GLU G 241 -12.87 54.41 7.13
CA GLU G 241 -14.29 54.19 7.17
C GLU G 241 -14.50 52.69 6.96
N ILE G 242 -15.39 52.06 7.66
CA ILE G 242 -15.55 50.61 7.53
C ILE G 242 -16.97 50.10 7.27
N SER G 243 -17.15 49.23 6.33
CA SER G 243 -18.43 48.64 6.09
C SER G 243 -18.57 47.26 6.73
N PRO G 244 -19.75 46.85 7.01
CA PRO G 244 -20.02 45.51 7.43
C PRO G 244 -19.63 44.53 6.35
N ASP G 245 -19.72 44.91 5.10
CA ASP G 245 -19.40 44.05 3.99
C ASP G 245 -17.96 44.00 3.41
N ASP G 246 -17.03 44.74 3.96
CA ASP G 246 -15.68 44.70 3.49
C ASP G 246 -14.91 43.49 4.00
N THR G 247 -14.04 42.92 3.18
CA THR G 247 -13.24 41.78 3.57
C THR G 247 -12.12 42.18 4.47
N ILE G 248 -11.49 41.26 5.18
CA ILE G 248 -10.43 41.62 6.12
C ILE G 248 -9.25 42.32 5.49
N LEU G 249 -8.78 41.87 4.35
CA LEU G 249 -7.74 42.56 3.65
C LEU G 249 -8.14 43.92 3.15
N GLU G 250 -9.34 44.09 2.66
CA GLU G 250 -9.79 45.36 2.15
C GLU G 250 -9.69 46.45 3.20
N LEU G 251 -10.24 46.17 4.36
CA LEU G 251 -10.15 47.05 5.48
C LEU G 251 -8.68 47.29 5.85
N ARG G 252 -7.82 46.28 5.81
CA ARG G 252 -6.41 46.47 6.07
C ARG G 252 -5.75 47.35 5.00
N TRP G 253 -6.03 47.15 3.71
CA TRP G 253 -5.57 48.04 2.63
C TRP G 253 -6.15 49.43 2.84
N ASN G 254 -7.43 49.55 3.07
CA ASN G 254 -8.02 50.84 3.30
C ASN G 254 -7.39 51.56 4.44
N ASN G 255 -7.09 50.84 5.49
CA ASN G 255 -6.48 51.38 6.65
C ASN G 255 -5.10 51.95 6.42
N PHE G 256 -4.26 51.29 5.70
CA PHE G 256 -2.96 51.80 5.46
C PHE G 256 -3.00 53.12 4.73
N ASN G 257 -3.69 53.15 3.62
CA ASN G 257 -3.81 54.34 2.80
C ASN G 257 -4.50 55.48 3.42
N ASN G 258 -5.49 55.23 4.24
CA ASN G 258 -6.25 56.28 4.85
C ASN G 258 -5.74 56.86 6.20
N SER G 259 -5.14 56.08 7.05
CA SER G 259 -4.63 56.60 8.31
C SER G 259 -3.21 56.40 8.78
N LEU G 260 -2.71 55.21 8.56
CA LEU G 260 -1.44 54.76 8.98
C LEU G 260 -0.21 55.20 8.21
N PHE G 261 -0.25 55.13 6.89
CA PHE G 261 0.80 55.64 6.09
C PHE G 261 0.80 57.16 6.38
N PRO G 262 -0.40 57.82 6.53
CA PRO G 262 -0.43 59.23 6.90
C PRO G 262 0.01 59.53 8.32
N ALA G 263 -0.47 58.79 9.31
CA ALA G 263 -0.07 59.04 10.68
C ALA G 263 1.44 58.90 10.85
N LEU G 264 2.01 57.92 10.23
CA LEU G 264 3.41 57.74 10.27
C LEU G 264 4.21 58.85 9.63
N HIS G 265 3.91 59.19 8.39
CA HIS G 265 4.59 60.24 7.65
C HIS G 265 4.45 61.52 8.36
N GLU G 266 3.22 61.90 8.68
CA GLU G 266 3.01 63.08 9.43
C GLU G 266 3.67 63.03 10.79
N GLY G 267 3.38 62.00 11.55
CA GLY G 267 3.97 61.84 12.85
C GLY G 267 5.48 61.89 12.80
N LEU G 268 6.13 61.40 11.76
CA LEU G 268 7.58 61.47 11.70
C LEU G 268 8.14 62.93 11.56
N ALA G 269 7.48 63.72 10.78
CA ALA G 269 7.76 65.09 10.63
C ALA G 269 7.44 65.92 11.89
N LEU G 270 6.33 65.72 12.53
CA LEU G 270 6.00 66.47 13.73
C LEU G 270 6.96 66.30 14.92
N LEU G 271 7.39 65.06 15.13
CA LEU G 271 8.36 64.68 16.12
C LEU G 271 9.80 65.06 15.80
N ALA G 272 10.14 65.29 14.55
CA ALA G 272 11.48 65.59 14.10
C ALA G 272 12.21 66.64 14.84
N GLU G 273 11.71 67.88 15.02
CA GLU G 273 12.38 68.93 15.83
C GLU G 273 12.89 68.46 17.26
N LYS G 274 12.21 67.48 17.87
CA LYS G 274 12.44 66.63 19.00
C LYS G 274 11.64 66.99 20.14
N THR H 2 48.66 10.04 47.66
CA THR H 2 47.40 9.44 47.33
C THR H 2 46.36 10.51 47.16
N LYS H 3 45.23 10.17 46.58
CA LYS H 3 44.19 11.16 46.30
C LYS H 3 42.73 11.11 46.67
N ARG H 4 42.08 12.26 46.71
CA ARG H 4 40.66 12.34 46.86
C ARG H 4 40.20 12.47 45.40
N LYS H 5 39.59 11.45 44.84
CA LYS H 5 39.17 11.44 43.47
C LYS H 5 37.93 12.25 43.19
N LEU H 6 38.05 13.14 42.25
CA LEU H 6 37.01 14.07 42.04
C LEU H 6 36.26 13.77 40.77
N ALA H 7 34.98 13.59 40.90
CA ALA H 7 34.13 13.37 39.78
C ALA H 7 33.29 14.62 39.48
N TYR H 8 33.20 15.00 38.23
CA TYR H 8 32.45 16.16 37.79
C TYR H 8 31.26 15.72 36.94
N ILE H 9 30.22 16.50 36.93
CA ILE H 9 29.03 16.25 36.20
C ILE H 9 28.43 17.55 35.72
N TRP H 10 28.20 17.70 34.42
CA TRP H 10 27.59 18.88 33.81
C TRP H 10 26.66 18.53 32.64
N SER H 11 25.79 19.44 32.27
CA SER H 11 24.95 19.21 31.17
C SER H 11 25.53 20.10 30.12
N LEU H 12 26.02 19.52 29.04
CA LEU H 12 26.58 20.29 27.96
C LEU H 12 25.59 21.28 27.37
N ARG H 13 24.32 21.00 27.42
CA ARG H 13 23.33 21.92 26.99
C ARG H 13 23.34 23.18 27.86
N ASN H 14 23.55 23.05 29.14
CA ASN H 14 23.66 24.18 30.06
C ASN H 14 24.92 25.06 29.82
N ALA H 15 26.07 24.46 29.63
CA ALA H 15 27.26 25.17 29.32
C ALA H 15 27.15 25.95 28.02
N ALA H 16 26.47 25.43 27.03
CA ALA H 16 26.18 26.12 25.78
C ALA H 16 25.24 27.29 26.01
N ALA H 17 24.22 27.12 26.83
CA ALA H 17 23.31 28.17 27.18
C ALA H 17 24.11 29.32 27.81
N ASP H 18 25.18 29.06 28.53
CA ASP H 18 26.00 30.17 28.99
C ASP H 18 27.13 30.64 28.07
N LYS H 19 27.24 30.05 26.92
CA LYS H 19 28.28 30.35 26.02
C LYS H 19 29.69 30.13 26.61
N ALA H 20 29.84 29.10 27.44
CA ALA H 20 31.06 28.76 28.02
C ALA H 20 31.96 28.33 26.85
N GLY H 21 33.23 28.67 26.91
CA GLY H 21 34.15 28.45 25.82
C GLY H 21 34.16 29.47 24.68
N GLN H 22 33.37 30.51 24.76
CA GLN H 22 33.33 31.54 23.74
C GLN H 22 33.40 32.90 24.33
N TYR H 23 33.88 33.83 23.53
CA TYR H 23 33.91 35.21 23.95
C TYR H 23 32.54 35.84 23.89
N VAL H 24 32.25 36.68 24.82
CA VAL H 24 30.99 37.32 24.86
C VAL H 24 31.17 38.83 24.98
N PRO H 25 30.17 39.60 24.59
CA PRO H 25 30.29 41.03 24.78
C PRO H 25 30.16 41.42 26.29
N TYR H 26 30.96 42.36 26.75
CA TYR H 26 31.06 42.82 28.09
C TYR H 26 31.62 44.26 28.11
N LYS H 27 30.77 45.25 28.32
CA LYS H 27 31.13 46.66 28.35
C LYS H 27 32.10 47.11 27.26
N TYR H 32 36.01 36.35 27.24
CA TYR H 32 35.97 34.91 27.29
C TYR H 32 35.21 34.38 28.43
N MSE H 33 34.15 33.66 28.15
CA MSE H 33 33.35 33.05 29.15
C MSE H 33 34.04 31.76 29.48
O MSE H 33 33.85 30.75 28.83
CB MSE H 33 31.99 32.84 28.59
CG MSE H 33 30.97 32.34 29.57
SE MSE H 33 30.67 33.53 31.02
CE MSE H 33 29.65 34.82 30.13
H MSE H 33 33.88 33.51 27.34
HA MSE H 33 33.30 33.62 29.93
HB2 MSE H 33 31.67 33.68 28.23
HB3 MSE H 33 32.05 32.18 27.87
HG2 MSE H 33 30.12 32.22 29.11
HG3 MSE H 33 31.26 31.50 29.94
HE1 MSE H 33 29.58 35.62 30.69
HE2 MSE H 33 30.10 35.04 29.30
HE3 MSE H 33 28.78 34.47 29.95
N LYS H 34 34.93 31.81 30.43
CA LYS H 34 35.61 30.65 30.79
C LYS H 34 34.73 29.70 31.51
N SER H 35 34.70 28.46 31.13
CA SER H 35 33.92 27.52 31.89
C SER H 35 34.45 27.24 33.29
N VAL H 36 33.58 26.76 34.14
CA VAL H 36 33.96 26.35 35.47
C VAL H 36 34.93 25.18 35.47
N LEU H 37 34.66 24.18 34.68
CA LEU H 37 35.52 23.02 34.54
C LEU H 37 36.88 23.48 34.04
N GLU H 38 36.94 24.33 33.06
CA GLU H 38 38.22 24.88 32.63
C GLU H 38 38.85 25.68 33.79
N SER H 39 38.08 26.39 34.55
CA SER H 39 38.59 27.05 35.68
C SER H 39 39.16 26.02 36.67
N LEU H 40 38.45 24.95 36.98
CA LEU H 40 38.90 23.90 37.83
C LEU H 40 40.12 23.23 37.26
N VAL H 41 40.16 23.01 35.97
CA VAL H 41 41.35 22.45 35.36
C VAL H 41 42.58 23.36 35.54
N GLU H 42 42.44 24.64 35.42
CA GLU H 42 43.50 25.56 35.70
C GLU H 42 43.93 25.52 37.17
N ALA H 43 42.98 25.39 38.08
CA ALA H 43 43.30 25.27 39.51
C ALA H 43 44.02 23.97 39.85
N LEU H 44 43.64 22.88 39.27
CA LEU H 44 44.29 21.65 39.51
C LEU H 44 45.75 21.66 39.00
N ASN H 45 45.96 22.20 37.83
CA ASN H 45 47.28 22.34 37.30
C ASN H 45 48.19 23.39 37.90
N GLN H 46 47.66 24.36 38.60
CA GLN H 46 48.50 25.38 39.16
C GLN H 46 48.47 25.69 40.68
N THR H 47 47.72 24.98 41.42
CA THR H 47 47.55 25.27 42.79
C THR H 47 47.83 24.00 43.52
N ALA H 48 48.10 24.15 44.77
CA ALA H 48 48.26 23.07 45.64
C ALA H 48 47.00 22.16 45.66
N LEU H 49 45.90 22.65 45.13
CA LEU H 49 44.67 21.91 44.99
C LEU H 49 44.92 20.70 44.08
N GLY H 50 45.83 20.81 43.17
CA GLY H 50 46.30 19.72 42.37
C GLY H 50 46.95 18.64 43.23
N ASP H 51 47.58 19.00 44.31
CA ASP H 51 48.13 18.09 45.27
C ASP H 51 47.05 17.29 45.99
N ALA H 52 45.89 17.85 46.19
CA ALA H 52 44.81 17.22 46.92
C ALA H 52 43.68 16.47 46.19
N TYR H 53 43.46 16.74 44.93
CA TYR H 53 42.38 16.20 44.17
C TYR H 53 42.87 15.79 42.79
N GLU H 54 42.29 14.75 42.26
CA GLU H 54 42.60 14.29 40.92
C GLU H 54 41.31 14.09 40.14
N LEU H 55 41.08 14.89 39.14
CA LEU H 55 39.90 14.78 38.37
C LEU H 55 39.93 13.43 37.66
N VAL H 56 38.98 12.63 37.97
CA VAL H 56 38.86 11.33 37.37
C VAL H 56 37.76 11.21 36.35
N GLY H 57 37.28 12.27 35.79
CA GLY H 57 36.29 12.17 34.78
C GLY H 57 35.21 13.21 34.79
N VAL H 58 34.79 13.65 33.62
CA VAL H 58 33.70 14.58 33.52
C VAL H 58 32.53 13.85 32.91
N ILE H 59 31.44 13.77 33.63
CA ILE H 59 30.25 13.13 33.17
C ILE H 59 29.29 14.12 32.52
N TYR H 60 28.64 13.79 31.46
CA TYR H 60 27.62 14.67 30.96
C TYR H 60 26.37 13.88 30.75
N ASP H 61 25.21 14.40 31.04
CA ASP H 61 23.94 13.68 30.83
C ASP H 61 23.17 13.96 29.51
N ASP H 62 23.81 14.55 28.53
CA ASP H 62 23.21 14.89 27.28
C ASP H 62 22.82 13.67 26.44
N ASP H 63 21.67 13.74 25.83
CA ASP H 63 21.11 12.71 25.01
C ASP H 63 21.16 13.05 23.53
N ALA H 64 22.12 12.50 22.83
CA ALA H 64 22.34 12.70 21.42
C ALA H 64 21.16 12.36 20.50
N GLU H 65 20.30 11.51 20.99
CA GLU H 65 19.08 11.14 20.34
C GLU H 65 17.90 12.08 20.68
N LEU H 66 18.05 13.01 21.59
CA LEU H 66 16.96 13.90 21.93
C LEU H 66 17.07 15.18 21.13
N PRO H 67 16.11 15.45 20.27
CA PRO H 67 16.18 16.61 19.42
C PRO H 67 16.35 17.92 20.14
N ARG H 68 15.77 18.13 21.30
CA ARG H 68 16.02 19.32 22.07
C ARG H 68 17.47 19.41 22.52
N ASP H 69 18.07 18.33 22.98
CA ASP H 69 19.42 18.34 23.39
C ASP H 69 20.31 18.75 22.27
N GLN H 70 20.10 18.17 21.11
CA GLN H 70 20.89 18.44 19.98
C GLN H 70 20.88 19.88 19.54
N GLY H 71 19.73 20.52 19.55
CA GLY H 71 19.60 21.91 19.23
C GLY H 71 20.21 22.93 20.18
N LYS H 72 20.05 22.68 21.46
CA LYS H 72 20.55 23.44 22.54
C LYS H 72 22.06 23.53 22.46
N ILE H 73 22.75 22.49 22.04
CA ILE H 73 24.19 22.47 21.86
C ILE H 73 24.74 22.63 20.44
N LYS H 74 23.96 23.23 19.55
CA LYS H 74 24.29 23.36 18.15
C LYS H 74 25.59 24.02 17.84
N ASP H 75 25.96 25.04 18.62
CA ASP H 75 27.23 25.70 18.44
C ASP H 75 28.38 24.71 18.59
N TYR H 76 28.24 23.82 19.54
CA TYR H 76 29.17 22.80 19.82
C TYR H 76 28.55 21.48 19.49
N GLY H 77 29.34 20.48 19.34
CA GLY H 77 28.75 19.20 19.11
C GLY H 77 28.68 18.31 20.29
N PHE H 78 28.22 17.11 20.10
CA PHE H 78 28.33 16.09 21.09
C PHE H 78 29.82 15.65 21.18
N ALA H 79 30.55 15.82 20.11
CA ALA H 79 31.98 15.55 20.05
C ALA H 79 32.68 16.77 19.43
N TYR H 80 33.90 17.01 19.78
CA TYR H 80 34.59 18.11 19.25
C TYR H 80 34.93 17.90 17.74
N ARG H 81 34.89 18.96 17.01
CA ARG H 81 35.22 18.97 15.65
C ARG H 81 36.45 19.86 15.61
N PRO H 82 37.50 19.43 14.94
CA PRO H 82 38.77 20.14 14.89
C PRO H 82 38.61 21.54 14.48
N GLY H 83 39.31 22.47 15.09
CA GLY H 83 39.12 23.86 14.77
C GLY H 83 37.67 24.27 14.91
N GLN H 84 37.03 23.92 15.99
CA GLN H 84 35.65 24.21 16.08
C GLN H 84 35.28 24.73 17.46
N GLN H 85 34.14 25.35 17.65
CA GLN H 85 33.79 25.89 18.95
C GLN H 85 33.52 24.82 19.97
N TRP H 86 34.27 24.81 21.01
CA TRP H 86 34.10 23.82 22.01
C TRP H 86 33.93 24.50 23.35
N PHE H 87 33.54 23.74 24.32
CA PHE H 87 33.37 24.23 25.65
C PHE H 87 34.62 24.77 26.33
N TYR H 88 35.76 24.41 25.79
CA TYR H 88 37.08 24.77 26.22
C TYR H 88 38.04 24.40 25.10
N PRO H 89 39.26 24.77 25.21
CA PRO H 89 40.14 24.38 24.11
C PRO H 89 40.23 22.88 23.90
N ALA H 90 40.39 22.42 22.68
CA ALA H 90 40.46 20.98 22.42
C ALA H 90 41.60 20.24 23.04
N ASP H 91 42.77 20.80 22.91
CA ASP H 91 43.92 20.19 23.49
C ASP H 91 44.10 20.40 25.00
N LEU H 92 43.16 20.99 25.69
CA LEU H 92 43.30 21.27 27.07
C LEU H 92 43.63 20.02 27.88
N GLN H 93 44.68 20.09 28.67
CA GLN H 93 45.13 19.01 29.55
C GLN H 93 44.76 19.34 30.99
N VAL H 94 44.67 18.35 31.84
CA VAL H 94 44.49 18.55 33.25
C VAL H 94 45.36 17.53 33.91
N GLN H 95 46.28 17.91 34.76
CA GLN H 95 47.12 17.00 35.55
C GLN H 95 47.66 15.85 34.70
N GLY H 96 48.14 16.21 33.56
CA GLY H 96 48.67 15.27 32.64
C GLY H 96 47.77 14.62 31.64
N LYS H 97 46.48 14.55 31.85
CA LYS H 97 45.54 13.92 30.94
C LYS H 97 44.76 14.92 30.08
N THR H 98 44.50 14.60 28.84
CA THR H 98 43.74 15.51 28.03
C THR H 98 42.30 15.52 28.59
N LEU H 99 41.75 16.70 28.82
CA LEU H 99 40.41 16.87 29.46
C LEU H 99 39.30 16.16 28.70
N ASN H 100 39.29 16.29 27.39
CA ASN H 100 38.35 15.63 26.52
C ASN H 100 38.39 14.16 26.71
N ASP H 101 39.53 13.61 27.01
CA ASP H 101 39.61 12.21 27.27
C ASP H 101 38.99 11.80 28.57
N LEU H 102 38.55 12.71 29.41
CA LEU H 102 37.82 12.34 30.58
C LEU H 102 36.28 12.59 30.56
N LEU H 103 35.70 12.82 29.42
CA LEU H 103 34.30 13.05 29.31
C LEU H 103 33.54 11.77 29.35
N LEU H 104 32.46 11.67 30.06
CA LEU H 104 31.72 10.45 30.09
C LEU H 104 30.28 10.72 29.78
N SER H 105 29.72 10.00 28.84
CA SER H 105 28.35 10.18 28.56
C SER H 105 27.58 9.20 29.37
N VAL H 106 26.81 9.66 30.33
CA VAL H 106 25.94 8.86 31.11
C VAL H 106 24.62 9.60 30.93
N PRO H 107 23.93 9.32 29.84
CA PRO H 107 22.76 10.06 29.45
C PRO H 107 21.47 9.85 30.19
N SER H 108 20.79 10.95 30.40
CA SER H 108 19.51 10.92 31.04
C SER H 108 18.50 10.64 29.98
N THR H 109 18.59 9.44 29.43
CA THR H 109 17.72 8.96 28.35
C THR H 109 16.27 8.98 28.66
N TYR H 110 15.93 8.91 29.92
CA TYR H 110 14.56 8.93 30.36
C TYR H 110 13.78 10.11 29.97
N ARG H 111 14.43 11.15 29.54
CA ARG H 111 13.79 12.35 29.03
C ARG H 111 13.04 12.07 27.70
N ARG H 112 13.18 10.92 27.15
CA ARG H 112 12.37 10.57 26.00
C ARG H 112 10.85 10.52 26.35
N TYR H 113 10.52 10.16 27.58
CA TYR H 113 9.21 9.95 28.11
C TYR H 113 8.61 11.16 28.74
N PRO H 114 7.31 11.30 28.67
CA PRO H 114 6.60 12.44 29.21
C PRO H 114 6.75 12.55 30.67
N ARG H 115 6.81 13.72 31.20
CA ARG H 115 7.00 13.92 32.61
C ARG H 115 5.88 13.24 33.39
N GLY H 116 6.21 12.59 34.48
CA GLY H 116 5.27 11.87 35.32
C GLY H 116 4.78 10.45 35.03
N THR H 117 5.19 9.92 33.92
CA THR H 117 4.84 8.63 33.52
C THR H 117 5.66 7.61 34.27
N PRO H 118 5.21 6.40 34.32
CA PRO H 118 6.04 5.40 34.98
C PRO H 118 7.41 5.10 34.31
N GLU H 119 7.41 5.00 33.03
CA GLU H 119 8.59 4.74 32.24
C GLU H 119 9.56 5.90 32.41
N HIS H 120 9.08 7.13 32.43
CA HIS H 120 9.96 8.28 32.63
C HIS H 120 10.55 8.29 34.00
N VAL H 121 9.73 8.10 35.02
CA VAL H 121 10.15 8.04 36.40
C VAL H 121 11.04 6.87 36.64
N ALA H 122 10.72 5.73 36.11
CA ALA H 122 11.58 4.55 36.19
C ALA H 122 12.90 4.83 35.55
N GLY H 123 12.89 5.65 34.54
CA GLY H 123 14.08 6.08 33.88
C GLY H 123 14.93 6.98 34.70
N LYS H 124 14.30 7.89 35.36
CA LYS H 124 15.02 8.77 36.21
C LYS H 124 15.70 7.94 37.28
N SER H 125 15.02 6.99 37.84
CA SER H 125 15.61 6.19 38.81
C SER H 125 16.78 5.41 38.29
N ASP H 126 16.64 4.79 37.17
CA ASP H 126 17.73 4.06 36.55
C ASP H 126 18.94 4.93 36.18
N PHE H 127 18.73 6.14 35.71
CA PHE H 127 19.80 7.08 35.44
C PHE H 127 20.63 7.44 36.71
N GLU H 128 19.97 7.63 37.83
CA GLU H 128 20.63 7.87 39.12
C GLU H 128 21.47 6.68 39.50
N ARG H 129 20.96 5.50 39.26
CA ARG H 129 21.68 4.29 39.47
C ARG H 129 22.84 4.17 38.51
N ARG H 130 22.70 4.53 37.28
CA ARG H 130 23.80 4.56 36.34
C ARG H 130 24.86 5.56 36.80
N LEU H 131 24.45 6.67 37.39
CA LEU H 131 25.44 7.58 37.91
C LEU H 131 26.27 6.96 39.04
N HIS H 132 25.62 6.29 39.96
CA HIS H 132 26.24 5.72 41.11
C HIS H 132 27.30 4.69 40.86
N ASP H 133 27.00 3.69 40.08
CA ASP H 133 27.96 2.68 39.71
C ASP H 133 29.15 3.26 38.91
N THR H 134 28.85 4.25 38.10
CA THR H 134 29.81 4.98 37.32
C THR H 134 30.76 5.71 38.24
N LEU H 135 30.22 6.34 39.26
CA LEU H 135 30.96 6.97 40.32
C LEU H 135 31.71 5.95 41.18
N VAL H 136 31.22 4.74 41.29
CA VAL H 136 31.94 3.65 41.96
C VAL H 136 33.13 3.14 41.15
N GLU H 137 32.97 2.98 39.84
CA GLU H 137 34.07 2.54 38.98
C GLU H 137 35.17 3.56 39.04
N LEU H 138 34.85 4.82 39.15
CA LEU H 138 35.85 5.83 39.35
C LEU H 138 36.46 5.90 40.76
N GLY H 139 35.83 5.33 41.74
CA GLY H 139 36.26 5.47 43.10
C GLY H 139 36.27 6.90 43.52
N ALA H 140 35.23 7.58 43.14
CA ALA H 140 35.12 8.95 43.36
C ALA H 140 34.78 9.29 44.79
N ASP H 141 35.74 9.74 45.51
CA ASP H 141 35.55 10.23 46.84
C ASP H 141 34.66 11.49 46.88
N VAL H 142 34.57 12.25 45.80
CA VAL H 142 33.80 13.48 45.78
C VAL H 142 33.19 13.85 44.43
N VAL H 143 32.02 14.46 44.45
CA VAL H 143 31.33 14.85 43.24
C VAL H 143 30.91 16.36 43.19
N VAL H 144 31.22 17.04 42.10
CA VAL H 144 30.92 18.43 41.88
C VAL H 144 30.00 18.55 40.71
N LEU H 145 29.06 19.48 40.78
CA LEU H 145 28.12 19.68 39.73
C LEU H 145 28.26 21.10 39.18
N ASP H 146 28.24 21.24 37.89
CA ASP H 146 28.30 22.48 37.18
C ASP H 146 27.09 22.43 36.26
N GLY H 147 25.96 22.88 36.74
CA GLY H 147 24.77 22.84 35.94
C GLY H 147 24.27 21.52 35.38
N LEU H 148 24.19 20.52 36.23
CA LEU H 148 23.69 19.28 35.78
C LEU H 148 22.18 19.53 35.73
N LEU H 149 21.58 19.42 34.57
CA LEU H 149 20.20 19.74 34.50
C LEU H 149 19.20 18.83 35.18
N VAL H 150 19.63 17.78 35.84
CA VAL H 150 18.75 16.87 36.43
C VAL H 150 18.86 17.07 37.93
N ILE H 151 17.76 17.10 38.62
CA ILE H 151 17.71 17.21 40.05
C ILE H 151 17.90 15.85 40.56
N LEU H 152 18.78 15.63 41.50
CA LEU H 152 18.96 14.31 42.04
C LEU H 152 17.96 14.00 43.12
N ASP H 153 17.59 12.73 43.26
CA ASP H 153 16.65 12.26 44.25
C ASP H 153 17.18 11.06 44.97
N GLU H 154 17.18 9.95 44.32
CA GLU H 154 17.69 8.69 44.85
C GLU H 154 19.17 8.59 45.21
N LEU H 155 20.00 9.27 44.47
CA LEU H 155 21.42 9.31 44.67
C LEU H 155 21.93 9.92 45.95
N VAL H 156 21.34 11.00 46.33
CA VAL H 156 21.76 11.73 47.48
C VAL H 156 21.08 11.55 48.85
N ARG H 157 19.97 10.86 48.86
CA ARG H 157 19.10 10.65 49.99
C ARG H 157 19.74 9.89 51.14
N PRO H 158 19.26 10.08 52.34
CA PRO H 158 19.84 9.59 53.57
C PRO H 158 20.18 8.14 53.52
N GLY H 159 21.40 7.85 53.89
CA GLY H 159 21.90 6.51 53.78
C GLY H 159 22.55 6.18 52.46
N ALA H 160 22.30 6.92 51.42
CA ALA H 160 22.91 6.60 50.17
C ALA H 160 24.38 6.82 50.27
N PRO H 161 25.17 6.03 49.58
CA PRO H 161 26.59 6.24 49.71
C PRO H 161 27.06 7.62 49.34
N PHE H 162 26.50 8.26 48.37
CA PHE H 162 26.98 9.53 48.01
C PHE H 162 26.28 10.71 48.62
N ALA H 163 25.50 10.54 49.66
CA ALA H 163 24.71 11.65 50.17
C ALA H 163 25.44 12.88 50.64
N ARG H 164 26.26 12.75 51.63
CA ARG H 164 27.07 13.83 51.99
C ARG H 164 28.36 13.90 51.22
N ARG H 165 28.46 13.23 50.12
CA ARG H 165 29.57 13.31 49.26
C ARG H 165 29.27 14.03 47.93
N ILE H 166 28.14 14.68 47.76
CA ILE H 166 27.85 15.33 46.50
C ILE H 166 27.66 16.79 46.63
N MSE H 167 28.50 17.51 45.93
CA MSE H 167 28.44 18.94 45.98
C MSE H 167 28.03 19.68 44.75
O MSE H 167 28.34 19.32 43.63
CB MSE H 167 29.75 19.55 46.37
CG MSE H 167 30.63 18.72 47.24
SE MSE H 167 29.93 18.60 48.99
CE MSE H 167 30.55 20.17 49.86
H MSE H 167 29.10 17.20 45.40
HA MSE H 167 27.82 19.19 46.67
HB2 MSE H 167 30.25 19.75 45.57
HB3 MSE H 167 29.57 20.38 46.84
HG2 MSE H 167 30.72 17.82 46.88
HG3 MSE H 167 31.51 19.14 47.31
HE1 MSE H 167 30.21 20.17 50.77
HE2 MSE H 167 31.52 20.16 49.87
HE3 MSE H 167 30.22 20.94 49.38
N ASN H 168 27.33 20.74 44.96
CA ASN H 168 26.90 21.60 43.95
C ASN H 168 27.49 23.05 44.06
N ILE H 169 27.91 23.62 42.97
CA ILE H 169 28.32 24.99 43.00
C ILE H 169 27.19 25.85 42.38
N HIS H 170 26.40 26.48 43.19
CA HIS H 170 25.32 27.30 42.78
C HIS H 170 25.78 28.73 42.53
N PRO H 171 25.29 29.42 41.50
CA PRO H 171 25.70 30.81 41.35
C PRO H 171 24.80 31.85 41.98
N GLY H 172 24.68 31.71 43.27
CA GLY H 172 24.04 32.61 44.18
C GLY H 172 24.27 32.14 45.58
N VAL H 173 24.15 33.01 46.55
CA VAL H 173 24.25 32.59 47.91
C VAL H 173 23.01 31.82 48.24
N THR H 174 23.13 30.73 48.90
CA THR H 174 21.96 30.05 49.31
C THR H 174 21.64 30.13 50.79
N ARG H 175 22.44 30.76 51.62
CA ARG H 175 22.21 30.78 53.05
C ARG H 175 20.82 31.33 53.32
N GLU H 176 20.07 30.66 54.16
CA GLU H 176 18.74 31.05 54.53
C GLU H 176 18.63 32.43 55.19
N ASP H 177 19.64 32.81 55.91
CA ASP H 177 19.63 34.08 56.53
C ASP H 177 20.39 35.18 55.79
N SER H 178 20.57 35.04 54.52
CA SER H 178 21.29 36.07 53.91
C SER H 178 20.31 37.04 53.36
N PRO H 179 20.70 38.29 53.36
CA PRO H 179 19.90 39.23 52.63
C PRO H 179 20.22 39.17 51.13
N TYR H 180 21.05 38.27 50.68
CA TYR H 180 21.34 38.22 49.31
C TYR H 180 21.19 36.76 48.90
N GLU H 181 19.97 36.28 48.90
CA GLU H 181 19.73 34.94 48.56
C GLU H 181 19.39 34.86 47.11
N ARG H 182 20.03 34.04 46.37
CA ARG H 182 19.70 33.89 44.99
C ARG H 182 19.63 32.41 44.72
N ARG H 183 18.52 31.83 45.05
CA ARG H 183 18.34 30.46 44.89
C ARG H 183 17.57 30.06 43.64
N GLY H 184 17.91 28.90 43.12
CA GLY H 184 17.24 28.33 42.00
C GLY H 184 17.64 28.63 40.58
N ALA H 185 16.84 28.16 39.67
CA ALA H 185 17.09 28.31 38.28
C ALA H 185 17.12 29.74 37.73
N TYR H 186 16.55 30.65 38.47
CA TYR H 186 16.54 32.00 38.09
C TYR H 186 17.51 32.85 38.85
N ALA H 187 18.34 32.30 39.69
CA ALA H 187 19.04 33.10 40.64
C ALA H 187 19.75 34.30 40.12
N THR H 188 20.38 34.17 38.97
CA THR H 188 21.09 35.23 38.31
C THR H 188 20.22 36.38 37.78
N LEU H 189 19.12 36.06 37.12
CA LEU H 189 18.20 37.02 36.63
C LEU H 189 17.62 37.80 37.82
N ASP H 190 17.48 37.17 38.97
CA ASP H 190 17.06 37.86 40.16
C ASP H 190 18.12 38.78 40.61
N ALA H 191 19.37 38.37 40.59
CA ALA H 191 20.42 39.27 40.95
C ALA H 191 20.53 40.43 39.94
N LEU H 192 20.31 40.18 38.68
CA LEU H 192 20.33 41.21 37.72
C LEU H 192 19.21 42.17 37.89
N TYR H 193 17.99 41.70 37.94
CA TYR H 193 16.84 42.52 38.13
C TYR H 193 16.81 43.19 39.45
N GLY H 194 17.46 42.57 40.40
CA GLY H 194 17.69 43.07 41.73
C GLY H 194 18.49 44.32 41.75
N ALA H 195 19.40 44.46 40.82
CA ALA H 195 20.19 45.66 40.64
C ALA H 195 19.40 46.85 40.14
N ARG H 196 18.28 46.61 39.53
CA ARG H 196 17.45 47.66 39.03
C ARG H 196 16.22 47.94 39.92
N GLY H 197 16.24 47.51 41.15
CA GLY H 197 15.07 47.61 41.96
C GLY H 197 13.90 46.87 41.37
N GLU H 198 14.09 45.78 40.68
CA GLU H 198 13.00 45.03 40.13
C GLU H 198 12.99 43.64 40.71
N LYS H 199 11.88 42.93 40.64
CA LYS H 199 11.84 41.55 41.03
C LYS H 199 10.77 40.91 40.25
N VAL H 200 11.10 40.22 39.17
CA VAL H 200 10.12 39.57 38.35
C VAL H 200 9.29 38.57 39.08
N VAL H 201 8.03 38.51 38.75
CA VAL H 201 7.19 37.52 39.38
C VAL H 201 6.48 36.54 38.45
N ASP H 202 6.24 36.92 37.22
CA ASP H 202 5.68 36.03 36.31
C ASP H 202 6.65 36.03 35.14
N TRP H 203 7.53 35.06 35.08
CA TRP H 203 8.55 34.97 34.03
C TRP H 203 7.96 34.93 32.65
N ALA H 204 6.84 34.31 32.45
CA ALA H 204 6.23 34.38 31.18
C ALA H 204 5.71 35.76 30.80
N THR H 205 4.98 36.39 31.69
CA THR H 205 4.45 37.69 31.45
C THR H 205 5.31 38.77 31.99
N MSE H 206 6.42 38.39 32.59
CA MSE H 206 7.36 39.28 33.15
C MSE H 206 6.76 40.32 34.05
O MSE H 206 7.26 41.45 34.03
CB MSE H 206 8.23 39.91 32.14
CG MSE H 206 9.67 39.85 32.59
SE MSE H 206 10.46 38.06 32.48
CE MSE H 206 10.40 37.80 30.59
H MSE H 206 6.66 37.57 32.68
HA MSE H 206 7.94 38.75 33.71
HB2 MSE H 206 8.15 39.41 31.31
HB3 MSE H 206 7.97 40.83 32.00
HG2 MSE H 206 10.19 40.45 32.04
HG3 MSE H 206 9.72 40.15 33.52
HE1 MSE H 206 10.81 36.95 30.36
HE2 MSE H 206 9.47 37.80 30.30
HE3 MSE H 206 10.87 38.52 30.15
N GLU H 207 5.73 40.02 34.82
CA GLU H 207 5.22 40.99 35.76
C GLU H 207 6.31 41.14 36.76
N LYS H 208 6.67 42.37 37.05
CA LYS H 208 7.70 42.68 37.99
C LYS H 208 7.20 43.51 39.20
N VAL H 209 7.73 43.25 40.38
CA VAL H 209 7.49 43.95 41.60
C VAL H 209 8.67 44.81 41.90
N ALA H 210 8.49 46.07 42.23
CA ALA H 210 9.63 46.87 42.60
C ALA H 210 10.15 46.30 43.94
N VAL H 211 11.44 46.21 44.09
CA VAL H 211 12.00 45.64 45.28
C VAL H 211 13.19 46.50 45.66
N GLU H 212 13.55 46.53 46.92
CA GLU H 212 14.66 47.37 47.32
C GLU H 212 15.93 46.95 46.61
N PRO H 213 16.74 47.88 46.10
CA PRO H 213 17.87 47.41 45.32
C PRO H 213 18.95 46.63 45.98
N LEU H 214 19.34 45.48 45.45
CA LEU H 214 20.38 44.70 46.01
C LEU H 214 21.48 44.71 45.02
N TYR H 215 22.63 45.21 45.38
CA TYR H 215 23.71 45.28 44.41
C TYR H 215 24.87 44.31 44.55
N TRP H 216 24.71 43.20 45.21
CA TRP H 216 25.79 42.29 45.38
C TRP H 216 25.26 40.90 45.10
N THR H 217 26.03 40.05 44.46
CA THR H 217 25.66 38.67 44.22
C THR H 217 26.88 37.78 44.54
N GLY H 218 26.75 36.48 44.36
CA GLY H 218 27.78 35.56 44.70
C GLY H 218 27.58 34.13 44.23
N ALA H 219 28.17 33.20 44.93
CA ALA H 219 28.12 31.80 44.59
C ALA H 219 28.08 30.96 45.82
N SER H 220 27.37 29.84 45.79
CA SER H 220 27.27 28.98 46.93
C SER H 220 27.69 27.53 46.69
N PHE H 221 28.58 26.99 47.50
CA PHE H 221 29.07 25.62 47.38
C PHE H 221 28.39 24.82 48.49
N HIS H 222 27.51 23.91 48.11
CA HIS H 222 26.69 23.19 49.03
C HIS H 222 26.45 21.70 48.84
N TYR H 223 26.14 21.04 49.93
CA TYR H 223 25.83 19.64 49.91
C TYR H 223 24.46 19.51 49.20
N VAL H 224 24.25 18.44 48.48
CA VAL H 224 22.99 18.22 47.86
C VAL H 224 22.13 17.22 48.66
N ASP H 225 20.90 17.55 48.96
CA ASP H 225 20.02 16.65 49.68
C ASP H 225 18.81 16.29 48.81
N ASP H 229 17.80 24.42 46.26
CA ASP H 229 18.77 23.47 46.80
C ASP H 229 19.05 23.71 48.35
N SER H 230 18.35 22.92 49.20
CA SER H 230 18.30 23.02 50.67
C SER H 230 19.38 22.45 51.52
N GLY H 231 20.29 21.78 50.91
CA GLY H 231 21.35 21.21 51.64
C GLY H 231 22.16 22.29 52.28
N GLU H 232 22.81 22.00 53.37
CA GLU H 232 23.53 22.98 54.09
C GLU H 232 24.67 23.57 53.23
N VAL H 233 25.03 24.82 53.42
CA VAL H 233 26.10 25.45 52.66
C VAL H 233 27.44 25.11 53.25
N PHE H 234 28.39 24.58 52.50
CA PHE H 234 29.68 24.41 53.09
C PHE H 234 30.51 25.69 52.93
N HIS H 235 30.67 26.21 51.73
CA HIS H 235 31.38 27.44 51.50
C HIS H 235 30.65 28.35 50.50
N ASP H 236 30.76 29.63 50.69
CA ASP H 236 30.13 30.61 49.83
C ASP H 236 31.03 31.81 49.65
N VAL H 237 30.82 32.55 48.58
CA VAL H 237 31.53 33.75 48.27
C VAL H 237 30.52 34.75 47.76
N LEU H 238 30.69 35.97 48.18
CA LEU H 238 29.78 37.01 47.90
C LEU H 238 30.53 38.26 47.59
N LYS H 239 31.10 38.29 46.44
CA LYS H 239 31.92 39.37 45.99
C LYS H 239 31.56 39.89 44.61
N THR H 240 30.34 39.80 44.23
CA THR H 240 29.94 40.23 42.94
C THR H 240 29.07 41.47 43.07
N GLU H 241 29.66 42.63 42.93
CA GLU H 241 28.92 43.82 42.99
C GLU H 241 28.19 43.84 41.68
N ILE H 242 26.92 44.14 41.69
CA ILE H 242 26.21 44.18 40.46
C ILE H 242 25.72 45.62 40.27
N SER H 243 25.72 46.11 39.06
CA SER H 243 25.23 47.42 38.74
C SER H 243 23.95 47.40 37.94
N PRO H 244 23.30 48.52 37.89
CA PRO H 244 22.09 48.71 37.12
C PRO H 244 22.26 48.59 35.64
N ASP H 245 23.36 49.04 35.08
CA ASP H 245 23.60 48.93 33.64
C ASP H 245 24.24 47.62 33.12
N ASP H 246 24.38 46.66 33.95
CA ASP H 246 24.93 45.42 33.53
C ASP H 246 23.99 44.55 32.68
N THR H 247 24.55 43.95 31.63
CA THR H 247 23.86 42.99 30.80
C THR H 247 23.87 41.67 31.49
N ILE H 248 23.01 40.78 31.07
CA ILE H 248 22.96 39.45 31.66
C ILE H 248 24.30 38.76 31.44
N LEU H 249 24.82 38.84 30.25
CA LEU H 249 26.10 38.26 30.01
C LEU H 249 27.18 38.90 30.80
N GLU H 250 27.11 40.18 31.06
CA GLU H 250 28.13 40.85 31.87
C GLU H 250 28.18 40.34 33.30
N LEU H 251 27.00 40.20 33.86
CA LEU H 251 26.80 39.69 35.16
C LEU H 251 27.25 38.26 35.28
N ARG H 252 27.00 37.45 34.29
CA ARG H 252 27.43 36.10 34.41
C ARG H 252 28.94 35.95 34.49
N TRP H 253 29.64 36.62 33.60
CA TRP H 253 31.07 36.61 33.56
C TRP H 253 31.59 37.16 34.90
N ASN H 254 31.00 38.20 35.44
CA ASN H 254 31.42 38.75 36.71
C ASN H 254 31.24 37.80 37.88
N ASN H 255 30.17 37.06 37.92
CA ASN H 255 29.92 36.06 38.97
C ASN H 255 30.89 34.88 38.96
N PHE H 256 31.26 34.43 37.80
CA PHE H 256 32.23 33.41 37.66
C PHE H 256 33.55 33.90 38.16
N ASN H 257 33.94 35.12 37.97
CA ASN H 257 35.24 35.52 38.39
C ASN H 257 35.47 36.10 39.80
N ASN H 258 34.43 36.59 40.44
CA ASN H 258 34.48 37.16 41.77
C ASN H 258 34.10 36.25 42.95
N SER H 259 33.10 35.43 42.76
CA SER H 259 32.68 34.54 43.75
C SER H 259 32.72 33.05 43.45
N LEU H 260 32.21 32.60 42.31
CA LEU H 260 32.12 31.21 41.95
C LEU H 260 33.36 30.37 41.68
N PHE H 261 34.27 30.82 40.87
CA PHE H 261 35.46 30.11 40.65
C PHE H 261 36.17 30.04 41.98
N PRO H 262 36.23 31.13 42.76
CA PRO H 262 36.81 31.04 44.08
C PRO H 262 36.03 30.17 45.01
N ALA H 263 34.74 30.26 45.00
CA ALA H 263 33.92 29.44 45.85
C ALA H 263 34.12 27.96 45.56
N LEU H 264 34.34 27.56 44.35
CA LEU H 264 34.61 26.22 44.16
C LEU H 264 35.95 25.77 44.66
N HIS H 265 37.01 26.45 44.27
CA HIS H 265 38.36 26.12 44.69
C HIS H 265 38.60 26.27 46.19
N GLU H 266 38.16 27.38 46.76
CA GLU H 266 38.22 27.58 48.17
C GLU H 266 37.40 26.47 48.85
N GLY H 267 36.25 26.16 48.32
CA GLY H 267 35.40 25.10 48.83
C GLY H 267 36.01 23.70 48.76
N LEU H 268 36.66 23.40 47.66
CA LEU H 268 37.34 22.16 47.52
C LEU H 268 38.48 22.02 48.56
N ALA H 269 39.22 23.08 48.86
CA ALA H 269 40.27 23.04 49.84
C ALA H 269 39.84 22.78 51.24
N LEU H 270 38.92 23.58 51.71
CA LEU H 270 38.41 23.40 53.04
C LEU H 270 37.82 21.99 53.25
N LEU H 271 37.11 21.51 52.26
CA LEU H 271 36.52 20.22 52.25
C LEU H 271 37.42 19.02 52.25
N ALA H 272 38.59 19.13 51.65
CA ALA H 272 39.44 18.01 51.40
C ALA H 272 39.75 17.25 52.60
N GLU H 273 40.22 17.90 53.66
CA GLU H 273 40.44 17.29 54.98
C GLU H 273 39.36 16.32 55.42
N LYS H 274 38.14 16.71 55.19
CA LYS H 274 37.05 15.89 55.54
C LYS H 274 36.80 14.74 54.55
N LEU H 275 37.60 14.48 53.52
CA LEU H 275 37.31 13.39 52.63
C LEU H 275 38.55 12.56 52.50
C13 FGD I . 4.41 -13.28 -12.55
C15 FGD I . 2.25 -13.33 -11.51
C17 FGD I . 4.21 -12.96 -10.18
C20 FGD I . 6.66 -12.61 -7.27
C21 FGD I . 7.67 -13.37 -6.69
C22 FGD I . 8.04 -13.15 -5.33
C24 FGD I . 6.37 -11.39 -5.19
C02 FGD I . 0.27 -15.76 -15.66
C04 FGD I . 0.36 -14.25 -15.40
C05 FGD I . -1.02 -13.58 -15.44
C06 FGD I . -2.04 -14.28 -14.54
C07 FGD I . -1.92 -13.83 -13.09
C11 FGD I . 2.39 -13.66 -14.02
C12 FGD I . 3.04 -13.41 -12.65
C14 FGD I . 5.00 -13.05 -11.31
C16 FGD I . 2.83 -13.10 -10.28
C19 FGD I . 6.26 -12.85 -8.72
C23 FGD I . 7.39 -12.17 -4.60
C25 FGD I . 6.01 -11.61 -6.52
C27 FGD I . 8.84 -12.73 -2.55
C30 FGD I . 9.15 -13.99 -4.69
N10 FGD I . 0.98 -14.02 -14.10
N18 FGD I . 4.83 -12.73 -8.88
N26 FGD I . 7.79 -11.93 -3.18
N28 FGD I . 9.35 -12.40 -1.24
N29 FGD I . 9.51 -13.76 -3.33
O01 FGD I . 0.76 -16.25 -16.71
O03 FGD I . -0.28 -16.50 -14.81
O08 FGD I . -1.98 -12.61 -12.79
O09 FGD I . -1.76 -14.69 -12.17
O31 FGD I . 9.69 -14.83 -5.32
O32 FGD I . 3.03 -13.56 -15.00
H131 FGD I . 4.95 -13.33 -13.31
H151 FGD I . 1.32 -13.42 -11.58
H211 FGD I . 8.10 -14.03 -7.18
H241 FGD I . 5.94 -10.73 -4.70
H041 FGD I . 0.92 -13.85 -16.09
H052 FGD I . -1.34 -13.55 -16.36
H051 FGD I . -0.97 -12.69 -15.09
H061 FGD I . -1.97 -15.25 -14.59
H062 FGD I . -2.91 -14.03 -14.85
H141 FGD I . 5.92 -12.96 -11.25
H161 FGD I . 2.30 -13.04 -9.52
H192 FGD I . 6.57 -13.72 -9.02
H191 FGD I . 6.65 -12.15 -9.27
H251 FGD I . 5.34 -11.10 -6.90
H101 FGD I . 0.51 -14.09 -13.38
H181 FGD I . 4.34 -12.52 -8.21
H261 FGD I . 7.39 -11.33 -2.72
H281 FGD I . 9.11 -12.11 -0.45
H283 FGD I . 8.58 -12.05 -1.43
C1 CIT J . 7.57 -8.99 -21.62
O1 CIT J . 8.15 -8.48 -22.60
O2 CIT J . 8.23 -9.52 -20.71
C2 CIT J . 6.06 -8.95 -21.55
C3 CIT J . 5.51 -8.20 -20.33
O7 CIT J . 5.70 -9.12 -19.22
C4 CIT J . 6.23 -6.89 -19.98
C5 CIT J . 5.73 -6.30 -18.67
O3 CIT J . 5.47 -5.09 -18.60
O4 CIT J . 5.58 -6.98 -17.62
C6 CIT J . 4.04 -7.88 -20.61
O5 CIT J . 3.63 -7.81 -21.79
O6 CIT J . 3.21 -7.68 -19.69
H21 CIT J . 5.69 -8.48 -22.46
H22 CIT J . 5.68 -9.98 -21.54
HO7 CIT J . 4.83 -9.36 -18.85
H41 CIT J . 6.06 -6.17 -20.79
H42 CIT J . 7.30 -7.07 -19.90
C1 CIT K . 6.10 -28.31 -13.69
O1 CIT K . 6.68 -28.44 -14.81
O2 CIT K . 4.89 -27.98 -13.62
C2 CIT K . 6.93 -28.60 -12.47
C3 CIT K . 6.69 -27.63 -11.28
O7 CIT K . 5.81 -28.30 -10.35
C4 CIT K . 7.93 -27.46 -10.41
C5 CIT K . 9.32 -27.42 -11.07
O3 CIT K . 10.08 -26.44 -10.96
O4 CIT K . 9.76 -28.39 -11.73
C6 CIT K . 5.92 -26.38 -11.67
O5 CIT K . 6.42 -25.54 -12.46
O6 CIT K . 4.75 -26.15 -11.23
H21 CIT K . 7.95 -28.59 -12.80
H22 CIT K . 6.71 -29.62 -12.14
HO7 CIT K . 4.99 -27.77 -10.23
H41 CIT K . 7.95 -28.35 -9.76
H42 CIT K . 7.79 -26.65 -9.72
C13 FGD L . -16.53 -23.51 -23.24
C15 FGD L . -16.68 -22.22 -21.32
C17 FGD L . -18.72 -22.73 -22.62
C20 FGD L . -22.30 -22.67 -24.02
C21 FGD L . -23.65 -22.37 -23.84
C22 FGD L . -24.43 -21.72 -24.83
C24 FGD L . -22.51 -21.61 -26.18
C02 FGD L . -11.10 -23.69 -22.17
C04 FGD L . -12.18 -23.66 -23.28
C05 FGD L . -12.35 -24.96 -24.05
C06 FGD L . -11.98 -26.22 -23.34
C07 FGD L . -10.95 -26.86 -24.23
C11 FGD L . -14.32 -23.05 -21.97
C12 FGD L . -15.86 -22.95 -22.16
C14 FGD L . -17.93 -23.40 -23.45
C16 FGD L . -18.06 -22.12 -21.58
C19 FGD L . -21.33 -23.35 -23.01
C23 FGD L . -23.85 -21.36 -25.96
C25 FGD L . -21.74 -22.27 -25.23
C27 FGD L . -25.96 -20.30 -26.94
C30 FGD L . -25.91 -21.35 -24.70
N10 FGD L . -13.60 -23.48 -23.09
N18 FGD L . -20.16 -22.48 -22.76
N26 FGD L . -24.56 -20.69 -27.03
N28 FGD L . -26.68 -19.78 -28.09
N29 FGD L . -26.61 -20.68 -25.71
O01 FGD L . -10.05 -24.35 -22.36
O03 FGD L . -11.15 -23.04 -21.09
O08 FGD L . -11.34 -27.57 -25.19
O09 FGD L . -9.75 -26.64 -24.01
O31 FGD L . -26.54 -21.56 -23.80
O32 FGD L . -13.67 -22.74 -21.09
H131 FGD L . -16.04 -24.01 -23.85
H151 FGD L . -16.32 -21.78 -20.58
H211 FGD L . -24.05 -22.60 -23.04
H241 FGD L . -22.12 -21.37 -26.99
H041 FGD L . -11.90 -22.99 -23.92
H052 FGD L . -11.68 -24.93 -24.75
H051 FGD L . -13.23 -25.06 -24.45
H061 FGD L . -11.50 -25.99 -22.54
H062 FGD L . -12.67 -26.74 -23.04
H141 FGD L . -18.31 -23.82 -24.20
H161 FGD L . -18.58 -21.63 -20.98
H192 FGD L . -21.80 -23.52 -22.17
H191 FGD L . -21.04 -24.19 -23.38
H251 FGD L . -20.84 -22.44 -25.40
H101 FGD L . -14.10 -23.67 -23.76
H181 FGD L . -20.37 -21.66 -22.66
H261 FGD L . -24.12 -20.47 -27.74
H281 FGD L . -25.95 -19.55 -28.48
H283 FGD L . -27.36 -19.27 -28.32
C1 CIT M . -10.08 -31.61 -22.34
O1 CIT M . -9.25 -31.19 -21.51
O2 CIT M . -9.76 -32.62 -22.98
C2 CIT M . -11.43 -30.94 -22.54
C3 CIT M . -12.25 -31.56 -23.68
O7 CIT M . -11.60 -31.30 -24.97
C4 CIT M . -13.72 -31.13 -23.61
C5 CIT M . -14.41 -30.68 -24.88
O3 CIT M . -13.81 -30.35 -25.94
O4 CIT M . -15.65 -30.61 -24.90
C6 CIT M . -12.29 -33.05 -23.44
O5 CIT M . -12.01 -33.84 -24.36
O6 CIT M . -12.59 -33.53 -22.34
H21 CIT M . -12.01 -30.98 -21.62
H22 CIT M . -11.26 -29.88 -22.76
HO7 CIT M . -11.35 -32.15 -25.38
H41 CIT M . -14.28 -31.98 -23.22
H42 CIT M . -13.81 -30.34 -22.87
C13 FGD N . -9.07 -6.84 -21.66
C15 FGD N . -8.26 -6.80 -23.90
C17 FGD N . -8.77 -4.75 -22.79
C20 FGD N . -9.45 -1.22 -21.75
C21 FGD N . -8.28 -0.70 -22.19
C22 FGD N . -7.92 0.61 -21.94
C24 FGD N . -9.92 0.89 -20.76
C02 FGD N . -7.86 -11.98 -22.25
C04 FGD N . -7.22 -11.18 -23.36
C05 FGD N . -7.51 -11.77 -24.72
C06 FGD N . -8.01 -10.76 -25.70
C07 FGD N . -8.14 -11.17 -27.14
C11 FGD N . -8.55 -9.04 -22.81
C12 FGD N . -8.65 -7.52 -22.80
C14 FGD N . -9.12 -5.47 -21.69
C16 FGD N . -8.34 -5.43 -23.90
C19 FGD N . -9.79 -2.66 -22.05
C23 FGD N . -8.74 1.43 -21.23
C25 FGD N . -10.27 -0.39 -21.03
C27 FGD N . -7.07 3.31 -21.45
C30 FGD N . -6.60 1.13 -22.46
N10 FGD N . -7.44 -9.76 -23.34
N18 FGD N . -8.79 -3.34 -22.78
N26 FGD N . -8.35 2.82 -20.96
N28 FGD N . -6.53 4.61 -21.08
N29 FGD N . -6.24 2.43 -22.20
O01 FGD N . -7.39 -12.01 -21.13
O03 FGD N . -8.80 -12.69 -22.50
O08 FGD N . -8.21 -10.27 -27.93
O09 FGD N . -8.20 -12.32 -27.56
O31 FGD N . -5.87 0.50 -23.06
O32 FGD N . -9.34 -9.64 -22.36
H131 FGD N . -9.33 -7.31 -20.91
H151 FGD N . -7.97 -7.24 -24.66
H211 FGD N . -7.70 -1.23 -22.68
H241 FGD N . -10.50 1.43 -20.27
H041 FGD N . -6.27 -11.28 -23.23
H052 FGD N . -6.69 -12.14 -25.06
H051 FGD N . -8.16 -12.48 -24.64
H061 FGD N . -7.42 -9.99 -25.69
H062 FGD N . -8.88 -10.48 -25.39
H141 FGD N . -9.41 -5.03 -20.93
H161 FGD N . -8.06 -4.96 -24.63
H192 FGD N . -10.61 -2.67 -22.56
H191 FGD N . -9.96 -3.10 -21.20
H251 FGD N . -11.09 -0.73 -20.70
H101 FGD N . -6.81 -9.27 -23.67
H181 FGD N . -8.20 -2.92 -23.23
H261 FGD N . -8.86 3.33 -20.50
H281 FGD N . -6.02 5.28 -21.37
H283 FGD N . -6.11 4.23 -21.74
C1 CIT O . -11.59 -14.11 -29.89
O1 CIT O . -11.03 -15.01 -30.57
O2 CIT O . -12.62 -14.39 -29.26
C2 CIT O . -11.02 -12.69 -29.80
C3 CIT O . -11.30 -11.82 -31.03
O7 CIT O . -10.53 -10.61 -30.82
C4 CIT O . -10.91 -12.45 -32.37
C5 CIT O . -9.52 -12.11 -32.85
O3 CIT O . -9.40 -11.19 -33.68
O4 CIT O . -8.46 -12.71 -32.48
C6 CIT O . -12.76 -11.40 -31.08
O5 CIT O . -13.17 -10.44 -30.39
O6 CIT O . -13.58 -11.98 -31.83
H21 CIT O . -9.94 -12.76 -29.66
H22 CIT O . -11.43 -12.20 -28.91
HO7 CIT O . -11.14 -9.84 -30.77
H41 CIT O . -11.62 -12.10 -33.13
H42 CIT O . -11.01 -13.54 -32.34
C13 FGD P . 9.68 7.27 24.64
C15 FGD P . 10.55 8.20 22.69
C17 FGD P . 11.77 6.44 23.88
C20 FGD P . 14.36 4.97 26.09
C21 FGD P . 15.09 4.30 25.17
C22 FGD P . 16.33 3.86 25.53
C24 FGD P . 16.07 4.78 27.79
C02 FGD P . 5.56 11.46 22.31
C04 FGD P . 6.28 10.45 23.21
C05 FGD P . 5.34 9.46 23.94
C06 FGD P . 5.32 9.53 25.48
C07 FGD P . 4.81 8.33 26.32
C11 FGD P . 8.26 8.98 23.68
C12 FGD P . 9.53 8.15 23.60
C14 FGD P . 10.74 6.45 24.80
C16 FGD P . 11.65 7.33 22.82
C19 FGD P . 13.03 5.41 25.56
C23 FGD P . 16.82 4.09 26.79
C25 FGD P . 14.84 5.25 27.41
C27 FGD P . 18.88 2.85 26.01
C30 FGD P . 17.07 3.15 24.44
N10 FGD P . 7.46 9.71 22.68
N18 FGD P . 12.85 5.56 24.16
N26 FGD P . 18.15 3.56 27.06
N28 FGD P . 20.26 2.51 26.19
N29 FGD P . 18.34 2.65 24.70
O01 FGD P . 4.49 11.96 22.79
O03 FGD P . 5.97 11.78 21.15
O08 FGD P . 3.62 8.25 26.58
O09 FGD P . 5.50 7.43 26.83
O31 FGD P . 16.59 3.03 23.42
O32 FGD P . 7.88 9.12 24.77
H131 FGD P . 9.01 7.24 25.27
H151 FGD P . 10.51 8.78 21.97
H211 FGD P . 14.76 4.16 24.31
H241 FGD P . 16.40 4.93 28.64
H041 FGD P . 6.65 11.00 23.92
H052 FGD P . 5.66 8.63 23.63
H051 FGD P . 4.43 9.59 23.63
H061 FGD P . 6.21 9.72 25.68
H062 FGD P . 4.76 10.29 25.66
H141 FGD P . 10.76 5.88 25.52
H161 FGD P . 12.34 7.38 22.20
H192 FGD P . 12.38 4.77 25.89
H191 FGD P . 12.88 6.27 25.99
H251 FGD P . 14.29 5.69 28.02
H101 FGD P . 7.64 9.69 21.85
H181 FGD P . 13.32 5.17 23.56
H261 FGD P . 18.51 3.67 27.84
H281 FGD P . 20.20 2.52 27.05
H283 FGD P . 20.86 1.90 25.99
C1 CIT Q . -0.48 5.89 26.79
O1 CIT Q . -0.92 6.72 27.61
O2 CIT Q . -1.05 4.78 26.71
C2 CIT Q . 0.72 6.27 25.94
C3 CIT Q . 0.74 5.72 24.52
O7 CIT Q . -0.09 6.55 23.66
C4 CIT Q . 2.22 5.78 24.11
C5 CIT Q . 2.44 5.68 22.60
O3 CIT Q . 3.57 5.36 22.11
O4 CIT Q . 1.49 5.91 21.84
C6 CIT Q . 0.32 4.25 24.39
O5 CIT Q . 1.23 3.41 24.19
O6 CIT Q . -0.86 3.85 24.45
H21 CIT Q . 0.77 7.35 25.90
H22 CIT Q . 1.61 5.94 26.46
HO7 CIT Q . -0.74 5.99 23.19
H41 CIT Q . 2.80 5.02 24.61
H42 CIT Q . 2.59 6.75 24.43
C13 FGD R . -4.88 9.81 11.51
C15 FGD R . -2.84 10.08 10.28
C17 FGD R . -4.50 8.45 9.66
C20 FGD R . -6.29 5.40 9.41
C21 FGD R . -6.11 4.37 8.51
C22 FGD R . -6.37 3.06 8.90
C24 FGD R . -7.03 3.78 11.04
C02 FGD R . -0.85 12.34 14.68
C04 FGD R . -1.93 12.99 13.68
C05 FGD R . -2.08 14.50 13.49
C06 FGD R . -1.87 15.26 14.71
C07 FGD R . -1.12 16.61 14.58
C11 FGD R . -3.31 11.57 12.30
C12 FGD R . -3.69 10.50 11.27
C14 FGD R . -5.30 8.79 10.71
C16 FGD R . -3.26 9.05 9.46
C19 FGD R . -6.09 6.81 8.87
C23 FGD R . -6.83 2.73 10.14
C25 FGD R . -6.79 5.10 10.69
C27 FGD R . -6.84 0.19 9.52
C30 FGD R . -6.13 1.99 7.87
N10 FGD R . -2.05 12.13 12.51
N18 FGD R . -4.82 7.39 8.79
N26 FGD R . -7.10 1.25 10.51
N28 FGD R . -6.87 -1.17 9.90
N29 FGD R . -6.36 0.58 8.18
O01 FGD R . -0.40 12.87 15.65
O03 FGD R . -0.35 11.27 14.60
O08 FGD R . -1.58 17.63 15.20
O09 FGD R . -0.07 16.70 13.89
O31 FGD R . -5.71 2.37 6.85
O32 FGD R . -4.17 11.87 13.01
H131 FGD R . -5.43 10.09 12.21
H151 FGD R . -2.04 10.51 10.13
H211 FGD R . -5.81 4.55 7.65
H241 FGD R . -7.34 3.60 11.90
H041 FGD R . -2.73 12.83 14.19
H052 FGD R . -2.97 14.67 13.16
H051 FGD R . -1.43 14.79 12.83
H061 FGD R . -2.74 15.45 15.08
H062 FGD R . -1.39 14.74 15.36
H141 FGD R . -6.11 8.39 10.85
H161 FGD R . -2.73 8.78 8.75
H192 FGD R . -6.40 6.78 7.96
H191 FGD R . -6.71 7.39 9.33
H251 FGD R . -6.95 5.78 11.31
H101 FGD R . -1.36 11.89 12.06
H181 FGD R . -4.25 7.09 8.21
H261 FGD R . -7.37 1.06 11.30
H281 FGD R . -7.29 -0.65 10.46
H283 FGD R . -7.33 -1.76 10.38
C1 CIT S . -9.66 17.42 12.19
O1 CIT S . -10.15 17.23 13.32
O2 CIT S . -9.42 16.40 11.51
C2 CIT S . -9.33 18.80 11.63
C3 CIT S . -9.90 20.09 12.29
O7 CIT S . -10.27 20.88 11.10
C4 CIT S . -11.16 19.98 13.20
C5 CIT S . -10.98 20.05 14.73
O3 CIT S . -11.78 20.69 15.47
O4 CIT S . -10.03 19.47 15.32
C6 CIT S . -8.81 20.87 13.08
O5 CIT S . -9.06 21.99 13.60
O6 CIT S . -7.65 20.42 13.21
H21 CIT S . -9.66 18.81 10.60
H22 CIT S . -8.25 18.89 11.59
HO7 CIT S . -9.75 21.71 11.07
H41 CIT S . -11.66 19.05 12.97
H42 CIT S . -11.84 20.78 12.92
C13 FGD T . 3.87 27.37 9.67
C15 FGD T . 2.37 28.63 10.92
C17 FGD T . 2.57 28.96 8.66
C20 FGD T . 1.20 30.80 5.90
C21 FGD T . -0.06 30.98 5.46
C22 FGD T . -0.32 31.14 4.12
C24 FGD T . 2.02 30.96 3.66
C02 FGD T . 3.75 25.31 14.64
C04 FGD T . 3.19 26.66 14.52
C05 FGD T . 3.94 27.66 15.21
C06 FGD T . 3.04 28.28 16.23
C07 FGD T . 3.34 27.60 17.53
C11 FGD T . 3.74 26.96 12.11
C12 FGD T . 3.33 27.69 10.87
C14 FGD T . 3.49 28.00 8.56
C16 FGD T . 1.97 29.28 9.81
C19 FGD T . 1.30 30.61 7.36
C23 FGD T . 0.71 31.11 3.22
C25 FGD T . 2.26 30.78 5.00
C27 FGD T . -0.96 31.49 1.47
C30 FGD T . -1.73 31.35 3.76
N10 FGD T . 3.04 27.26 13.27
N18 FGD T . 2.17 29.53 7.46
N26 FGD T . 0.39 31.29 1.83
N28 FGD T . -1.28 31.85 0.15
N29 FGD T . -2.00 31.50 2.42
O01 FGD T . 4.89 25.05 14.89
O03 FGD T . 2.98 24.40 14.55
O08 FGD T . 3.76 28.21 18.53
O09 FGD T . 3.16 26.43 17.47
O31 FGD T . -2.52 31.36 4.57
O32 FGD T . 4.53 26.20 12.15
H131 FGD T . 4.53 26.71 9.62
H151 FGD T . 1.99 28.85 11.74
H211 FGD T . -0.76 31.00 6.08
H241 FGD T . 2.72 30.93 3.05
H041 FGD T . 2.31 26.64 14.93
H052 FGD T . 4.23 28.34 14.58
H051 FGD T . 4.70 27.26 15.64
H061 FGD T . 3.22 29.23 16.30
H062 FGD T . 2.11 28.14 15.98
H141 FGD T . 3.86 27.79 7.74
H161 FGD T . 1.31 29.94 9.86
H192 FGD T . 1.68 31.40 7.79
H191 FGD T . 0.44 30.39 7.75
H251 FGD T . 3.13 30.65 5.30
H101 FGD T . 2.40 27.85 13.22
H181 FGD T . 2.47 29.15 6.76
H261 FGD T . 1.02 31.30 1.24
H281 FGD T . -2.12 31.66 0.17
H283 FGD T . -1.07 31.71 -0.71
C1 CIT U . 3.59 34.66 15.61
O1 CIT U . 4.37 34.31 14.86
O2 CIT U . 2.53 34.74 15.14
C2 CIT U . 3.93 35.02 17.05
C3 CIT U . 5.29 34.67 17.71
O7 CIT U . 5.06 35.03 19.03
C4 CIT U . 5.63 33.21 17.73
C5 CIT U . 6.46 32.81 18.90
O3 CIT U . 6.12 33.43 19.89
O4 CIT U . 7.32 31.96 18.89
C6 CIT U . 6.50 35.40 17.17
O5 CIT U . 7.19 36.09 17.94
O6 CIT U . 6.82 35.27 15.96
H21 CIT U . 3.80 36.10 17.15
H22 CIT U . 3.16 34.58 17.68
HO7 CIT U . 5.74 35.68 19.31
H41 CIT U . 6.18 32.97 16.81
H42 CIT U . 4.71 32.64 17.73
C13 FGD V . 15.34 24.31 22.53
C15 FGD V . 15.37 23.55 20.29
C17 FGD V . 16.94 25.14 21.04
C20 FGD V . 19.78 27.67 21.13
C21 FGD V . 19.86 29.04 21.15
C22 FGD V . 20.98 29.69 20.63
C24 FGD V . 21.93 27.56 20.12
C02 FGD V . 10.76 21.50 21.28
C04 FGD V . 12.13 20.80 21.40
C05 FGD V . 12.29 19.51 20.59
C06 FGD V . 11.64 18.24 21.16
C07 FGD V . 12.57 17.26 21.86
C11 FGD V . 13.65 22.64 21.86
C12 FGD V . 14.83 23.54 21.54
C14 FGD V . 16.39 25.11 22.28
C16 FGD V . 16.42 24.37 20.05
C19 FGD V . 18.53 26.99 21.67
C23 FGD V . 22.01 28.94 20.14
C25 FGD V . 20.83 26.94 20.61
C27 FGD V . 23.30 31.03 19.64
C30 FGD V . 21.11 31.21 20.62
N10 FGD V . 13.21 21.63 20.98
N18 FGD V . 18.05 25.99 20.76
N26 FGD V . 23.18 29.62 19.61
N28 FGD V . 24.38 31.57 18.94
N29 FGD V . 22.25 31.84 20.11
O01 FGD V . 10.50 22.61 21.76
O03 FGD V . 9.81 20.96 20.74
O08 FGD V . 12.52 17.18 23.09
O09 FGD V . 13.37 16.53 21.29
O31 FGD V . 20.28 31.88 21.06
O32 FGD V . 13.10 22.76 22.87
H131 FGD V . 14.96 24.28 23.38
H151 FGD V . 15.02 23.01 19.62
H211 FGD V . 19.14 29.54 21.49
H241 FGD V . 22.63 27.05 19.77
H041 FGD V . 12.27 20.58 22.33
H052 FGD V . 11.91 19.66 19.71
H051 FGD V . 13.23 19.34 20.50
H061 FGD V . 10.96 18.51 21.79
H062 FGD V . 11.21 17.78 20.43
H141 FGD V . 16.74 25.65 22.95
H161 FGD V . 16.81 24.39 19.21
H192 FGD V . 17.84 27.65 21.80
H191 FGD V . 18.74 26.56 22.51
H251 FGD V . 20.78 26.01 20.60
H101 FGD V . 13.62 21.50 20.22
H181 FGD V . 18.45 25.91 19.99
H261 FGD V . 23.83 29.14 19.30
H281 FGD V . 24.82 30.83 18.99
H283 FGD V . 23.93 32.14 19.43
C1 CIT W . 14.10 21.72 32.03
O1 CIT W . 14.07 22.67 31.19
O2 CIT W . 13.13 21.55 32.82
C2 CIT W . 15.32 20.82 32.09
C3 CIT W . 15.29 19.61 31.13
O7 CIT W . 15.63 18.44 31.93
C4 CIT W . 13.99 19.41 30.37
C5 CIT W . 14.00 18.09 29.62
O3 CIT W . 14.76 17.97 28.63
O4 CIT W . 13.25 17.12 29.93
C6 CIT W . 16.38 19.73 30.08
O5 CIT W . 16.48 20.75 29.37
O6 CIT W . 17.18 18.79 29.92
H21 CIT W . 15.43 20.44 33.11
H22 CIT W . 16.21 21.41 31.86
HO7 CIT W . 16.45 18.04 31.58
H41 CIT W . 13.83 20.22 29.67
H42 CIT W . 13.15 19.41 31.08
#